data_9GXT
#
_entry.id   9GXT
#
_cell.length_a   1.00
_cell.length_b   1.00
_cell.length_c   1.00
_cell.angle_alpha   90.00
_cell.angle_beta   90.00
_cell.angle_gamma   90.00
#
_symmetry.space_group_name_H-M   'P 1'
#
loop_
_entity.id
_entity.type
_entity.pdbx_description
1 polymer 'UvrABC system protein A'
2 polymer 'DNA (50-MER) with a fluorescein modification - (random sequence built in model)'
3 non-polymer 'ZINC ION'
4 non-polymer 'PHOSPHOAMINOPHOSPHONIC ACID-ADENYLATE ESTER'
#
loop_
_entity_poly.entity_id
_entity_poly.type
_entity_poly.pdbx_seq_one_letter_code
_entity_poly.pdbx_strand_id
1 'polypeptide(L)'
;MGSSHHHHHHSSGLVPRGSHMKKDYIVVKGAREHNLKNIDVKIPRDKFVVITGLSGSGKSSLAFDTIYAEGQRRYVESLS
SYARQFLGQMEKPDVDYIDGLSPAIAIDQKTTSRNPRSTVGTVTEIYDYLRLLFARIGTPHCYLCGREISQQTVDQMVDR
IMEFEEGTRIQLLAPVVRGRKGEYHKLIEDIKKEGYVRIRVDGEVVDVNDPVNLDKNKKHNIEIVVDRLIVRPGIQKRLT
DSIETVLRLSNGILVVDVIGGKEMLLSQNFACTECNVSMEEITPRMFSFNNPYGACPECTGLGSLMRIDPDLVIPDKKLS
LAQGAVRASGWNIANDESYARMYIDALAKHYNFSVDTPVEELPPHILDIILYGTNGEKIKIEYERENEKGTFMASFPGII
NSMERRYKETTSEVMKQYYENFMSNIPCPVCKGARLKKESLAVTIGGKNIYEVCCLSIGEAKEFFANLNLTERQQLIARQ
ILKEINARLGFLVDVGLDYLTLARAAGTLSGGEAQRIRLATQIGSGLMGVIYILDEPSIGLHQRDNDRLLRSLKKLRDLG
NTLLVVEHDEDTMYASDYIIDLGPGAGSHGGQIVAEGTVEEIKQNPNSVTGEYLSGRKKIEVPKERRKPNGKWLEIIGAR
ENNLKNINVRIPLGVFTCITGVSGSGKSSLINEILYKRLAAELNRASVKPGEHDLIKGIEYLDKVIDIDQSPIGRTPRSN
PATYTGVFDFIREIFANTTEAKTRGYKAGRFSFNVKGGRCEACAGDGINKIEMHFLPDIYVPCEVCKGKRYNRETLEVRY
KGKNIAEVLDMTVEEALEFFKNIPRIHKKIETLYDVGLGYIKLGQSSTTLSGGEAQRVKLATELSRKSTGKTMYILDEPT
TGLHMADVHRLVGILHRLVEAGNSVVVIEHNLDVIKTADYIIDLGPEGGSGGGLVVAEGTPEEVAKVENSYTGQFLKKVL
ST
;
A,B
2 'polydeoxyribonucleotide'
;(DG)(DC)(DA)(DT)(DC)(DG)(DT)(DA)(DC)(DT)(DG)(DT)(DT)(DA)(DC)(DG)(DG)(DC)(DT)(DC)
(DC)(DA)(DT)(DC)(DA)(DG)(DA)(DT)(DG)(DG)(DA)(DG)(DC)(DC)(DG)(DT)(DA)(DA)(DC)(DA)
(DG)(DT)(DA)(DC)(DG)(DA)(DT)(DG)(DC)(DA)
;
C,D
#
loop_
_chem_comp.id
_chem_comp.type
_chem_comp.name
_chem_comp.formula
ANP non-polymer 'PHOSPHOAMINOPHOSPHONIC ACID-ADENYLATE ESTER' 'C10 H17 N6 O12 P3'
DA DNA linking 2'-DEOXYADENOSINE-5'-MONOPHOSPHATE 'C10 H14 N5 O6 P'
DC DNA linking 2'-DEOXYCYTIDINE-5'-MONOPHOSPHATE 'C9 H14 N3 O7 P'
DG DNA linking 2'-DEOXYGUANOSINE-5'-MONOPHOSPHATE 'C10 H14 N5 O7 P'
DT DNA linking THYMIDINE-5'-MONOPHOSPHATE 'C10 H15 N2 O8 P'
ZN non-polymer 'ZINC ION' 'Zn 2'
#
# COMPACT_ATOMS: atom_id res chain seq x y z
N ASP A 24 -15.24 -15.92 1.62
CA ASP A 24 -15.59 -17.20 1.01
C ASP A 24 -15.61 -17.09 -0.51
N TYR A 25 -16.01 -15.94 -1.03
CA TYR A 25 -16.10 -15.73 -2.46
C TYR A 25 -15.55 -14.36 -2.81
N ILE A 26 -15.18 -14.20 -4.08
CA ILE A 26 -14.65 -12.96 -4.62
C ILE A 26 -15.63 -12.46 -5.69
N VAL A 27 -16.93 -12.67 -5.43
CA VAL A 27 -17.98 -12.43 -6.40
C VAL A 27 -17.78 -11.11 -7.12
N VAL A 28 -17.79 -11.16 -8.45
CA VAL A 28 -17.64 -10.00 -9.32
C VAL A 28 -18.86 -9.90 -10.21
N LYS A 29 -19.48 -8.72 -10.24
CA LYS A 29 -20.67 -8.51 -11.07
C LYS A 29 -20.48 -7.23 -11.88
N GLY A 30 -21.08 -7.22 -13.07
CA GLY A 30 -21.00 -6.06 -13.93
C GLY A 30 -19.61 -5.74 -14.46
N ALA A 31 -18.88 -6.75 -14.93
CA ALA A 31 -17.56 -6.55 -15.49
C ALA A 31 -17.66 -6.34 -16.99
N ARG A 32 -17.17 -5.20 -17.46
CA ARG A 32 -17.20 -4.87 -18.89
C ARG A 32 -15.87 -4.31 -19.38
N GLU A 33 -14.77 -4.62 -18.70
CA GLU A 33 -13.46 -4.16 -19.14
C GLU A 33 -13.09 -4.84 -20.45
N HIS A 34 -12.45 -4.08 -21.35
CA HIS A 34 -12.01 -4.56 -22.65
C HIS A 34 -13.16 -5.15 -23.45
N ASN A 35 -13.24 -6.48 -23.52
CA ASN A 35 -14.28 -7.15 -24.30
C ASN A 35 -15.17 -8.06 -23.46
N LEU A 36 -15.16 -7.93 -22.14
CA LEU A 36 -16.07 -8.69 -21.31
C LEU A 36 -17.50 -8.19 -21.50
N LYS A 37 -18.42 -9.11 -21.77
CA LYS A 37 -19.80 -8.75 -22.09
C LYS A 37 -20.70 -8.85 -20.87
N ASN A 38 -20.38 -8.04 -19.86
CA ASN A 38 -21.22 -7.88 -18.67
C ASN A 38 -21.55 -9.23 -18.02
N ILE A 39 -20.51 -9.90 -17.55
CA ILE A 39 -20.64 -11.23 -16.97
C ILE A 39 -20.42 -11.16 -15.47
N ASP A 40 -21.05 -12.08 -14.74
CA ASP A 40 -20.92 -12.19 -13.30
C ASP A 40 -20.26 -13.53 -12.98
N VAL A 41 -19.16 -13.49 -12.24
CA VAL A 41 -18.36 -14.68 -11.93
C VAL A 41 -18.14 -14.73 -10.43
N LYS A 42 -18.36 -15.90 -9.83
CA LYS A 42 -18.10 -16.14 -8.41
C LYS A 42 -16.88 -17.05 -8.31
N ILE A 43 -15.84 -16.57 -7.64
CA ILE A 43 -14.57 -17.28 -7.50
C ILE A 43 -14.45 -17.74 -6.05
N PRO A 44 -14.35 -19.04 -5.79
CA PRO A 44 -14.18 -19.51 -4.41
C PRO A 44 -12.84 -19.06 -3.84
N ARG A 45 -12.80 -18.91 -2.52
CA ARG A 45 -11.60 -18.49 -1.82
C ARG A 45 -10.91 -19.70 -1.19
N ASP A 46 -9.59 -19.60 -1.06
CA ASP A 46 -8.75 -20.68 -0.52
C ASP A 46 -8.93 -21.98 -1.32
N LYS A 47 -8.59 -21.90 -2.59
CA LYS A 47 -8.73 -23.03 -3.50
C LYS A 47 -7.80 -22.81 -4.69
N PHE A 48 -7.81 -23.78 -5.61
CA PHE A 48 -7.04 -23.72 -6.85
C PHE A 48 -8.01 -23.50 -8.00
N VAL A 49 -8.02 -22.30 -8.55
CA VAL A 49 -8.95 -21.91 -9.60
C VAL A 49 -8.16 -21.62 -10.86
N VAL A 50 -8.61 -22.17 -11.99
CA VAL A 50 -7.95 -22.03 -13.28
C VAL A 50 -8.91 -21.35 -14.25
N ILE A 51 -8.41 -20.33 -14.94
CA ILE A 51 -9.18 -19.62 -15.97
C ILE A 51 -8.70 -20.11 -17.32
N THR A 52 -9.58 -20.78 -18.06
CA THR A 52 -9.24 -21.36 -19.35
C THR A 52 -10.06 -20.68 -20.45
N GLY A 53 -9.62 -20.89 -21.68
CA GLY A 53 -10.29 -20.32 -22.83
C GLY A 53 -9.32 -20.13 -23.98
N LEU A 54 -9.86 -19.70 -25.10
CA LEU A 54 -9.06 -19.49 -26.29
C LEU A 54 -8.19 -18.24 -26.14
N SER A 55 -7.23 -18.08 -27.04
CA SER A 55 -6.38 -16.91 -27.06
C SER A 55 -7.19 -15.70 -27.51
N GLY A 56 -7.33 -14.72 -26.62
CA GLY A 56 -8.18 -13.58 -26.86
C GLY A 56 -9.55 -13.66 -26.24
N SER A 57 -9.81 -14.68 -25.42
CA SER A 57 -11.12 -14.80 -24.78
C SER A 57 -11.38 -13.67 -23.81
N GLY A 58 -10.37 -13.27 -23.04
CA GLY A 58 -10.51 -12.24 -22.04
C GLY A 58 -10.13 -12.69 -20.65
N LYS A 59 -9.29 -13.72 -20.55
CA LYS A 59 -8.88 -14.22 -19.25
C LYS A 59 -7.98 -13.24 -18.51
N SER A 60 -6.96 -12.72 -19.21
CA SER A 60 -6.06 -11.76 -18.59
C SER A 60 -6.80 -10.48 -18.23
N SER A 61 -7.66 -10.00 -19.12
CA SER A 61 -8.46 -8.82 -18.81
C SER A 61 -9.44 -9.08 -17.68
N LEU A 62 -9.87 -10.34 -17.50
CA LEU A 62 -10.77 -10.66 -16.40
C LEU A 62 -10.03 -10.68 -15.07
N ALA A 63 -8.83 -11.25 -15.03
CA ALA A 63 -8.13 -11.37 -13.76
C ALA A 63 -7.21 -10.18 -13.49
N PHE A 64 -6.17 -10.01 -14.30
CA PHE A 64 -5.15 -9.02 -14.01
C PHE A 64 -5.65 -7.59 -14.19
N ASP A 65 -6.51 -7.35 -15.18
CA ASP A 65 -6.98 -6.01 -15.47
C ASP A 65 -8.20 -5.61 -14.67
N THR A 66 -8.89 -6.55 -14.04
CA THR A 66 -10.07 -6.23 -13.23
C THR A 66 -9.86 -6.51 -11.75
N ILE A 67 -9.58 -7.76 -11.36
CA ILE A 67 -9.55 -8.08 -9.94
C ILE A 67 -8.29 -7.51 -9.29
N TYR A 68 -7.14 -7.72 -9.93
CA TYR A 68 -5.91 -7.16 -9.40
C TYR A 68 -5.94 -5.64 -9.43
N ALA A 69 -6.49 -5.05 -10.48
CA ALA A 69 -6.58 -3.60 -10.56
C ALA A 69 -7.46 -3.05 -9.44
N GLU A 70 -8.62 -3.67 -9.19
CA GLU A 70 -9.49 -3.22 -8.11
C GLU A 70 -8.81 -3.36 -6.75
N GLY A 71 -8.14 -4.49 -6.52
CA GLY A 71 -7.45 -4.68 -5.25
C GLY A 71 -6.35 -3.66 -5.02
N GLN A 72 -5.52 -3.44 -6.04
CA GLN A 72 -4.44 -2.47 -5.92
C GLN A 72 -4.99 -1.07 -5.72
N ARG A 73 -6.02 -0.69 -6.46
CA ARG A 73 -6.60 0.64 -6.31
C ARG A 73 -7.20 0.84 -4.92
N ARG A 74 -7.90 -0.18 -4.41
CA ARG A 74 -8.50 -0.06 -3.09
C ARG A 74 -7.43 0.02 -1.99
N TYR A 75 -6.35 -0.75 -2.13
CA TYR A 75 -5.28 -0.67 -1.15
C TYR A 75 -4.44 0.60 -1.28
N VAL A 76 -4.46 1.23 -2.44
CA VAL A 76 -3.67 2.44 -2.66
C VAL A 76 -4.43 3.71 -2.25
N GLU A 77 -5.76 3.74 -2.45
CA GLU A 77 -6.54 4.90 -2.10
C GLU A 77 -6.46 5.25 -0.62
N SER A 78 -6.18 4.26 0.24
CA SER A 78 -6.09 4.50 1.67
C SER A 78 -4.77 5.13 2.09
N LEU A 79 -3.81 5.24 1.19
CA LEU A 79 -2.51 5.83 1.51
C LEU A 79 -2.52 7.33 1.21
N SER A 80 -1.45 8.00 1.65
CA SER A 80 -1.34 9.43 1.47
C SER A 80 -1.07 9.77 0.00
N SER A 81 -1.13 11.07 -0.30
CA SER A 81 -0.87 11.53 -1.67
C SER A 81 0.58 11.26 -2.06
N TYR A 82 1.52 11.47 -1.12
CA TYR A 82 2.93 11.21 -1.42
C TYR A 82 3.16 9.74 -1.73
N ALA A 83 2.57 8.84 -0.93
CA ALA A 83 2.73 7.41 -1.19
C ALA A 83 2.10 7.01 -2.51
N ARG A 84 0.92 7.57 -2.83
CA ARG A 84 0.29 7.26 -4.10
C ARG A 84 1.14 7.74 -5.27
N GLN A 85 1.73 8.93 -5.15
CA GLN A 85 2.61 9.43 -6.21
C GLN A 85 3.85 8.56 -6.36
N PHE A 86 4.42 8.10 -5.24
CA PHE A 86 5.62 7.28 -5.28
C PHE A 86 5.36 5.85 -5.70
N LEU A 87 4.12 5.37 -5.62
CA LEU A 87 3.76 4.01 -6.01
C LEU A 87 3.21 3.93 -7.43
N GLY A 88 2.15 4.68 -7.72
CA GLY A 88 1.54 4.65 -9.03
C GLY A 88 0.26 3.84 -9.09
N GLN A 89 -0.88 4.53 -9.08
CA GLN A 89 -2.17 3.85 -9.17
C GLN A 89 -2.46 3.45 -10.61
N MET A 90 -3.04 2.27 -10.77
CA MET A 90 -3.40 1.77 -12.08
C MET A 90 -4.79 2.26 -12.48
N GLU A 91 -5.22 1.92 -13.69
CA GLU A 91 -6.50 2.38 -14.20
C GLU A 91 -7.65 1.75 -13.43
N LYS A 92 -8.72 2.50 -13.28
CA LYS A 92 -9.91 2.01 -12.59
C LYS A 92 -10.64 1.02 -13.47
N PRO A 93 -10.84 -0.22 -13.02
CA PRO A 93 -11.56 -1.19 -13.86
C PRO A 93 -13.02 -0.79 -14.05
N ASP A 94 -13.56 -1.17 -15.20
CA ASP A 94 -14.96 -0.88 -15.54
C ASP A 94 -15.87 -1.98 -14.98
N VAL A 95 -15.84 -2.13 -13.67
CA VAL A 95 -16.60 -3.15 -12.97
C VAL A 95 -17.39 -2.48 -11.84
N ASP A 96 -18.61 -2.95 -11.62
CA ASP A 96 -19.50 -2.34 -10.63
C ASP A 96 -19.35 -2.97 -9.25
N TYR A 97 -19.56 -4.28 -9.14
CA TYR A 97 -19.62 -4.97 -7.86
C TYR A 97 -18.41 -5.88 -7.73
N ILE A 98 -17.62 -5.67 -6.68
CA ILE A 98 -16.52 -6.56 -6.32
C ILE A 98 -16.48 -6.62 -4.79
N ASP A 99 -16.70 -7.81 -4.24
CA ASP A 99 -16.70 -8.01 -2.80
C ASP A 99 -15.89 -9.24 -2.44
N GLY A 100 -15.42 -9.29 -1.20
CA GLY A 100 -14.58 -10.36 -0.74
C GLY A 100 -13.14 -10.27 -1.15
N LEU A 101 -12.68 -9.11 -1.61
CA LEU A 101 -11.32 -8.96 -2.07
C LEU A 101 -10.35 -9.03 -0.89
N SER A 102 -9.06 -9.01 -1.22
CA SER A 102 -7.99 -9.17 -0.26
C SER A 102 -6.71 -8.62 -0.89
N PRO A 103 -5.69 -8.32 -0.09
CA PRO A 103 -4.39 -7.94 -0.67
C PRO A 103 -3.91 -9.03 -1.63
N ALA A 104 -3.52 -8.61 -2.83
CA ALA A 104 -3.24 -9.54 -3.91
C ALA A 104 -1.85 -9.29 -4.48
N ILE A 105 -1.16 -10.38 -4.79
CA ILE A 105 0.14 -10.35 -5.46
C ILE A 105 -0.01 -11.02 -6.81
N ALA A 106 0.35 -10.30 -7.88
CA ALA A 106 0.15 -10.78 -9.23
C ALA A 106 1.46 -10.78 -9.99
N ILE A 107 1.64 -11.79 -10.84
CA ILE A 107 2.80 -11.91 -11.72
C ILE A 107 2.33 -11.70 -13.14
N ASP A 108 2.85 -10.68 -13.80
CA ASP A 108 2.39 -10.32 -15.13
C ASP A 108 2.79 -11.37 -16.15
N GLN A 109 1.94 -11.54 -17.16
CA GLN A 109 2.24 -12.50 -18.23
C GLN A 109 3.46 -12.07 -19.04
N LYS A 110 3.59 -10.77 -19.31
CA LYS A 110 4.67 -10.28 -20.15
C LYS A 110 6.02 -10.51 -19.50
N THR A 111 6.98 -10.98 -20.31
CA THR A 111 8.33 -11.22 -19.84
C THR A 111 9.07 -9.89 -19.66
N THR A 112 9.95 -9.85 -18.66
CA THR A 112 10.74 -8.67 -18.34
C THR A 112 12.19 -8.89 -18.77
N SER A 113 12.76 -7.90 -19.45
CA SER A 113 14.15 -7.95 -19.87
C SER A 113 15.03 -7.27 -18.82
N ARG A 114 16.08 -7.96 -18.40
CA ARG A 114 16.95 -7.49 -17.33
C ARG A 114 18.26 -6.94 -17.91
N ASN A 115 18.71 -5.83 -17.34
CA ASN A 115 19.99 -5.26 -17.74
C ASN A 115 21.13 -6.17 -17.30
N PRO A 116 22.28 -6.10 -17.97
CA PRO A 116 23.39 -7.01 -17.61
C PRO A 116 23.88 -6.85 -16.19
N ARG A 117 23.73 -5.66 -15.60
CA ARG A 117 24.19 -5.44 -14.23
C ARG A 117 23.42 -6.26 -13.22
N SER A 118 22.20 -6.67 -13.53
CA SER A 118 21.39 -7.45 -12.61
C SER A 118 21.97 -8.86 -12.46
N THR A 119 21.83 -9.41 -11.25
CA THR A 119 22.25 -10.77 -10.94
C THR A 119 21.07 -11.54 -10.37
N VAL A 120 21.29 -12.83 -10.11
CA VAL A 120 20.23 -13.68 -9.58
C VAL A 120 19.87 -13.24 -8.17
N GLY A 121 20.87 -13.01 -7.32
CA GLY A 121 20.59 -12.60 -5.95
C GLY A 121 19.93 -11.24 -5.88
N THR A 122 20.36 -10.30 -6.73
CA THR A 122 19.74 -8.98 -6.75
C THR A 122 18.28 -9.07 -7.18
N VAL A 123 17.97 -9.88 -8.19
CA VAL A 123 16.60 -10.00 -8.66
C VAL A 123 15.72 -10.67 -7.63
N THR A 124 16.20 -11.76 -7.03
CA THR A 124 15.42 -12.47 -6.02
C THR A 124 15.43 -11.76 -4.67
N GLU A 125 16.18 -10.68 -4.53
CA GLU A 125 16.34 -9.88 -3.31
C GLU A 125 17.03 -10.64 -2.19
N ILE A 126 17.60 -11.82 -2.47
CA ILE A 126 18.37 -12.52 -1.44
C ILE A 126 19.63 -11.74 -1.10
N TYR A 127 20.16 -10.95 -2.05
CA TYR A 127 21.35 -10.16 -1.78
C TYR A 127 21.10 -9.12 -0.70
N ASP A 128 19.92 -8.48 -0.73
CA ASP A 128 19.61 -7.49 0.29
C ASP A 128 19.49 -8.13 1.67
N TYR A 129 18.84 -9.29 1.76
CA TYR A 129 18.75 -10.00 3.03
C TYR A 129 20.13 -10.42 3.52
N LEU A 130 20.99 -10.87 2.60
CA LEU A 130 22.35 -11.22 2.98
C LEU A 130 23.11 -10.02 3.52
N ARG A 131 22.97 -8.87 2.87
CA ARG A 131 23.65 -7.66 3.33
C ARG A 131 23.14 -7.24 4.71
N LEU A 132 21.82 -7.30 4.91
CA LEU A 132 21.27 -6.96 6.22
C LEU A 132 21.76 -7.90 7.30
N LEU A 133 21.78 -9.21 7.01
CA LEU A 133 22.25 -10.19 8.00
C LEU A 133 23.72 -9.97 8.31
N PHE A 134 24.54 -9.68 7.30
CA PHE A 134 25.97 -9.50 7.55
C PHE A 134 26.25 -8.19 8.26
N ALA A 135 25.41 -7.17 8.06
CA ALA A 135 25.59 -5.92 8.79
C ALA A 135 25.12 -6.03 10.23
N ARG A 136 24.08 -6.82 10.50
CA ARG A 136 23.55 -6.92 11.85
C ARG A 136 24.20 -8.03 12.69
N ILE A 137 24.88 -8.98 12.06
CA ILE A 137 25.46 -10.11 12.78
C ILE A 137 26.97 -10.23 12.57
N GLY A 138 27.51 -9.73 11.46
CA GLY A 138 28.92 -9.86 11.18
C GLY A 138 29.82 -9.26 12.24
N THR A 139 30.82 -10.03 12.67
CA THR A 139 31.73 -9.57 13.72
C THR A 139 32.87 -8.74 13.15
N VAL A 443 33.95 -9.03 8.42
CA VAL A 443 32.65 -9.55 8.84
C VAL A 443 32.43 -10.93 8.25
N THR A 444 32.35 -11.94 9.11
CA THR A 444 32.15 -13.32 8.69
C THR A 444 31.08 -13.96 9.56
N ILE A 445 30.17 -14.69 8.93
CA ILE A 445 29.10 -15.42 9.61
C ILE A 445 29.28 -16.90 9.32
N GLY A 446 29.44 -17.70 10.38
CA GLY A 446 29.66 -19.12 10.20
C GLY A 446 30.92 -19.45 9.43
N GLY A 447 31.99 -18.70 9.65
CA GLY A 447 33.22 -18.93 8.93
C GLY A 447 33.11 -18.66 7.44
N LYS A 448 32.49 -17.56 7.06
CA LYS A 448 32.29 -17.23 5.66
C LYS A 448 31.98 -15.75 5.52
N ASN A 449 32.68 -15.06 4.63
CA ASN A 449 32.41 -13.66 4.35
C ASN A 449 31.27 -13.54 3.34
N ILE A 450 30.97 -12.30 2.95
CA ILE A 450 29.85 -12.07 2.05
C ILE A 450 30.18 -12.55 0.64
N TYR A 451 31.41 -12.34 0.19
CA TYR A 451 31.77 -12.65 -1.20
C TYR A 451 31.71 -14.14 -1.47
N GLU A 452 32.22 -14.96 -0.54
CA GLU A 452 32.27 -16.40 -0.79
C GLU A 452 30.90 -17.03 -0.76
N VAL A 453 29.94 -16.44 -0.05
CA VAL A 453 28.57 -16.94 -0.08
C VAL A 453 27.78 -16.34 -1.25
N CYS A 454 28.20 -15.17 -1.75
CA CYS A 454 27.59 -14.61 -2.95
C CYS A 454 27.99 -15.40 -4.20
N CYS A 455 29.24 -15.83 -4.28
CA CYS A 455 29.69 -16.68 -5.39
C CYS A 455 29.54 -18.16 -5.06
N LEU A 456 28.31 -18.57 -4.73
CA LEU A 456 28.04 -19.92 -4.29
C LEU A 456 26.79 -20.45 -4.99
N SER A 457 26.74 -21.77 -5.14
CA SER A 457 25.58 -22.42 -5.75
C SER A 457 24.38 -22.38 -4.81
N ILE A 458 23.19 -22.45 -5.40
CA ILE A 458 21.95 -22.32 -4.63
C ILE A 458 21.81 -23.47 -3.63
N GLY A 459 22.05 -24.71 -4.08
CA GLY A 459 21.88 -25.85 -3.19
C GLY A 459 22.85 -25.84 -2.03
N GLU A 460 24.13 -25.58 -2.31
CA GLU A 460 25.10 -25.53 -1.23
C GLU A 460 24.91 -24.31 -0.35
N ALA A 461 24.43 -23.20 -0.91
CA ALA A 461 24.10 -22.04 -0.07
C ALA A 461 22.97 -22.37 0.88
N LYS A 462 21.94 -23.07 0.40
CA LYS A 462 20.85 -23.48 1.27
C LYS A 462 21.34 -24.44 2.36
N GLU A 463 22.21 -25.38 1.98
CA GLU A 463 22.76 -26.30 2.97
C GLU A 463 23.58 -25.57 4.03
N PHE A 464 24.38 -24.58 3.60
CA PHE A 464 25.20 -23.81 4.53
C PHE A 464 24.34 -22.96 5.45
N PHE A 465 23.26 -22.37 4.92
CA PHE A 465 22.39 -21.54 5.74
C PHE A 465 21.53 -22.37 6.68
N ALA A 466 21.22 -23.62 6.32
CA ALA A 466 20.42 -24.47 7.20
C ALA A 466 21.25 -25.10 8.32
N ASN A 467 22.57 -24.93 8.29
CA ASN A 467 23.45 -25.49 9.30
C ASN A 467 24.19 -24.42 10.09
N LEU A 468 23.65 -23.20 10.14
CA LEU A 468 24.29 -22.13 10.88
C LEU A 468 24.21 -22.39 12.38
N ASN A 469 25.28 -22.01 13.08
CA ASN A 469 25.42 -22.29 14.52
C ASN A 469 25.75 -20.99 15.26
N LEU A 470 25.00 -19.94 14.95
CA LEU A 470 25.16 -18.65 15.62
C LEU A 470 24.60 -18.71 17.04
N THR A 471 24.97 -17.72 17.84
CA THR A 471 24.57 -17.68 19.23
C THR A 471 23.08 -17.34 19.37
N GLU A 472 22.58 -17.48 20.60
CA GLU A 472 21.16 -17.24 20.85
C GLU A 472 20.77 -15.78 20.62
N ARG A 473 21.62 -14.85 21.04
CA ARG A 473 21.32 -13.44 20.84
C ARG A 473 21.25 -13.10 19.36
N GLN A 474 22.18 -13.61 18.56
CA GLN A 474 22.15 -13.38 17.12
C GLN A 474 20.92 -14.01 16.50
N GLN A 475 20.54 -15.21 16.96
CA GLN A 475 19.33 -15.85 16.46
C GLN A 475 18.09 -15.02 16.75
N LEU A 476 18.00 -14.46 17.96
CA LEU A 476 16.88 -13.60 18.30
C LEU A 476 16.89 -12.32 17.47
N ILE A 477 18.06 -11.76 17.22
CA ILE A 477 18.16 -10.51 16.46
C ILE A 477 17.75 -10.72 15.01
N ALA A 478 18.23 -11.79 14.39
CA ALA A 478 18.08 -12.01 12.95
C ALA A 478 17.26 -13.26 12.65
N ARG A 479 16.14 -13.43 13.37
CA ARG A 479 15.28 -14.58 13.09
C ARG A 479 14.53 -14.40 11.77
N GLN A 480 13.97 -13.21 11.53
CA GLN A 480 13.16 -12.99 10.34
C GLN A 480 14.00 -13.07 9.07
N ILE A 481 15.22 -12.52 9.11
CA ILE A 481 16.10 -12.58 7.94
C ILE A 481 16.44 -14.02 7.61
N LEU A 482 16.78 -14.81 8.62
CA LEU A 482 17.09 -16.21 8.40
C LEU A 482 15.88 -16.97 7.86
N LYS A 483 14.69 -16.69 8.40
CA LYS A 483 13.48 -17.37 7.92
C LYS A 483 13.22 -17.03 6.46
N GLU A 484 13.34 -15.75 6.10
CA GLU A 484 13.10 -15.34 4.71
C GLU A 484 14.11 -15.98 3.77
N ILE A 485 15.39 -15.97 4.14
CA ILE A 485 16.42 -16.56 3.30
C ILE A 485 16.18 -18.06 3.13
N ASN A 486 15.84 -18.75 4.23
CA ASN A 486 15.59 -20.18 4.15
C ASN A 486 14.40 -20.50 3.27
N ALA A 487 13.32 -19.72 3.38
CA ALA A 487 12.15 -19.98 2.55
C ALA A 487 12.46 -19.73 1.08
N ARG A 488 13.18 -18.64 0.77
CA ARG A 488 13.53 -18.35 -0.62
C ARG A 488 14.41 -19.44 -1.20
N LEU A 489 15.43 -19.87 -0.46
CA LEU A 489 16.32 -20.90 -0.98
C LEU A 489 15.61 -22.23 -1.09
N GLY A 490 14.68 -22.53 -0.17
CA GLY A 490 13.90 -23.74 -0.29
C GLY A 490 13.02 -23.76 -1.52
N PHE A 491 12.36 -22.63 -1.83
CA PHE A 491 11.58 -22.55 -3.05
C PHE A 491 12.45 -22.70 -4.29
N LEU A 492 13.62 -22.03 -4.30
CA LEU A 492 14.50 -22.11 -5.45
C LEU A 492 15.04 -23.52 -5.65
N VAL A 493 15.29 -24.25 -4.57
CA VAL A 493 15.71 -25.64 -4.68
C VAL A 493 14.56 -26.51 -5.15
N ASP A 494 13.34 -26.25 -4.66
CA ASP A 494 12.19 -27.08 -5.02
C ASP A 494 11.88 -26.95 -6.51
N VAL A 495 11.88 -25.73 -7.04
CA VAL A 495 11.59 -25.56 -8.46
C VAL A 495 12.68 -26.17 -9.32
N GLY A 496 13.89 -26.32 -8.80
CA GLY A 496 14.96 -27.00 -9.52
C GLY A 496 16.05 -26.09 -10.05
N LEU A 497 16.45 -25.09 -9.26
CA LEU A 497 17.50 -24.16 -9.65
C LEU A 497 18.76 -24.35 -8.79
N ASP A 498 18.99 -25.56 -8.30
CA ASP A 498 20.13 -25.80 -7.41
C ASP A 498 21.47 -25.75 -8.11
N TYR A 499 21.50 -25.71 -9.45
CA TYR A 499 22.75 -25.63 -10.17
C TYR A 499 23.20 -24.20 -10.47
N LEU A 500 22.36 -23.21 -10.16
CA LEU A 500 22.71 -21.82 -10.44
C LEU A 500 23.49 -21.21 -9.28
N THR A 501 24.15 -20.10 -9.57
CA THR A 501 24.92 -19.37 -8.57
C THR A 501 24.32 -17.98 -8.37
N LEU A 502 24.45 -17.46 -7.16
CA LEU A 502 23.84 -16.17 -6.82
C LEU A 502 24.50 -15.03 -7.58
N ALA A 503 25.71 -15.25 -8.10
CA ALA A 503 26.44 -14.24 -8.84
C ALA A 503 26.19 -14.34 -10.34
N ARG A 504 25.33 -15.25 -10.76
CA ARG A 504 25.03 -15.44 -12.18
C ARG A 504 24.19 -14.27 -12.67
N ALA A 505 24.57 -13.67 -13.79
CA ALA A 505 23.84 -12.57 -14.38
C ALA A 505 22.46 -13.00 -14.84
N ALA A 506 21.44 -12.19 -14.53
CA ALA A 506 20.08 -12.55 -14.90
C ALA A 506 19.83 -12.45 -16.40
N GLY A 507 20.65 -11.67 -17.12
CA GLY A 507 20.47 -11.51 -18.55
C GLY A 507 21.02 -12.62 -19.41
N THR A 508 21.65 -13.63 -18.80
CA THR A 508 22.22 -14.76 -19.54
C THR A 508 21.56 -16.07 -19.19
N LEU A 509 20.31 -16.06 -18.73
CA LEU A 509 19.60 -17.27 -18.37
C LEU A 509 18.60 -17.65 -19.44
N SER A 510 18.19 -18.92 -19.42
CA SER A 510 17.21 -19.42 -20.37
C SER A 510 15.81 -18.91 -20.01
N GLY A 511 14.85 -19.22 -20.88
CA GLY A 511 13.49 -18.77 -20.65
C GLY A 511 12.87 -19.38 -19.41
N GLY A 512 13.01 -20.71 -19.24
CA GLY A 512 12.43 -21.36 -18.08
C GLY A 512 13.08 -20.95 -16.79
N GLU A 513 14.42 -20.82 -16.78
CA GLU A 513 15.12 -20.38 -15.58
C GLU A 513 14.73 -18.96 -15.19
N ALA A 514 14.63 -18.07 -16.18
CA ALA A 514 14.21 -16.70 -15.90
C ALA A 514 12.78 -16.67 -15.39
N GLN A 515 11.89 -17.50 -15.95
CA GLN A 515 10.52 -17.57 -15.45
C GLN A 515 10.48 -18.05 -14.02
N ARG A 516 11.28 -19.07 -13.68
CA ARG A 516 11.30 -19.57 -12.32
C ARG A 516 11.89 -18.54 -11.36
N ILE A 517 12.88 -17.78 -11.80
CA ILE A 517 13.44 -16.70 -10.99
C ILE A 517 12.37 -15.64 -10.72
N ARG A 518 11.61 -15.28 -11.76
CA ARG A 518 10.53 -14.30 -11.58
C ARG A 518 9.48 -14.81 -10.62
N LEU A 519 9.15 -16.10 -10.70
CA LEU A 519 8.20 -16.70 -9.77
C LEU A 519 8.74 -16.68 -8.34
N ALA A 520 10.04 -16.95 -8.18
CA ALA A 520 10.64 -17.00 -6.85
C ALA A 520 10.72 -15.61 -6.22
N THR A 521 10.86 -14.58 -7.07
CA THR A 521 10.93 -13.22 -6.57
C THR A 521 9.69 -12.83 -5.77
N GLN A 522 8.50 -13.24 -6.21
CA GLN A 522 7.25 -12.84 -5.58
C GLN A 522 6.63 -13.95 -4.73
N ILE A 523 6.47 -15.15 -5.27
CA ILE A 523 5.81 -16.23 -4.55
C ILE A 523 6.78 -17.05 -3.70
N GLY A 524 8.01 -16.58 -3.53
CA GLY A 524 9.00 -17.29 -2.75
C GLY A 524 8.63 -17.40 -1.28
N SER A 525 8.57 -16.26 -0.60
CA SER A 525 8.18 -16.22 0.82
C SER A 525 6.67 -16.09 0.88
N GLY A 526 5.99 -17.21 1.16
CA GLY A 526 4.54 -17.21 1.19
C GLY A 526 3.98 -16.45 2.37
N LEU A 527 2.73 -16.03 2.22
CA LEU A 527 2.02 -15.31 3.27
C LEU A 527 0.71 -16.04 3.59
N MET A 528 -0.14 -15.43 4.41
CA MET A 528 -1.40 -16.03 4.81
C MET A 528 -2.55 -15.11 4.45
N GLY A 529 -3.62 -15.69 3.91
CA GLY A 529 -4.79 -14.91 3.55
C GLY A 529 -4.54 -13.88 2.47
N VAL A 530 -3.79 -14.25 1.43
CA VAL A 530 -3.43 -13.36 0.34
C VAL A 530 -3.78 -14.03 -0.98
N ILE A 531 -4.44 -13.29 -1.86
CA ILE A 531 -4.80 -13.80 -3.18
C ILE A 531 -3.59 -13.72 -4.09
N TYR A 532 -3.26 -14.84 -4.74
CA TYR A 532 -2.14 -14.92 -5.67
C TYR A 532 -2.69 -15.07 -7.08
N ILE A 533 -2.28 -14.18 -7.98
CA ILE A 533 -2.73 -14.19 -9.37
C ILE A 533 -1.52 -14.48 -10.24
N LEU A 534 -1.58 -15.56 -11.02
CA LEU A 534 -0.50 -15.96 -11.90
C LEU A 534 -1.03 -16.06 -13.32
N ASP A 535 -0.39 -15.34 -14.24
CA ASP A 535 -0.79 -15.32 -15.65
C ASP A 535 0.22 -16.13 -16.44
N GLU A 536 -0.13 -17.38 -16.73
CA GLU A 536 0.71 -18.32 -17.46
C GLU A 536 2.09 -18.43 -16.83
N PRO A 537 2.22 -19.07 -15.67
CA PRO A 537 3.52 -19.20 -15.01
C PRO A 537 4.38 -20.35 -15.51
N SER A 538 3.98 -21.02 -16.59
CA SER A 538 4.70 -22.17 -17.12
C SER A 538 5.24 -21.88 -18.51
N ILE A 539 5.83 -20.70 -18.69
CA ILE A 539 6.41 -20.32 -19.97
C ILE A 539 7.79 -20.97 -20.09
N GLY A 540 7.98 -21.78 -21.12
CA GLY A 540 9.26 -22.45 -21.34
C GLY A 540 9.64 -23.43 -20.25
N LEU A 541 8.67 -24.21 -19.76
CA LEU A 541 8.92 -25.19 -18.72
C LEU A 541 8.54 -26.58 -19.21
N HIS A 542 9.39 -27.56 -18.92
CA HIS A 542 9.11 -28.94 -19.27
C HIS A 542 7.99 -29.48 -18.38
N GLN A 543 7.56 -30.71 -18.68
CA GLN A 543 6.49 -31.33 -17.90
C GLN A 543 6.95 -31.63 -16.47
N ARG A 544 8.20 -32.05 -16.30
CA ARG A 544 8.73 -32.28 -14.96
C ARG A 544 8.82 -30.99 -14.16
N ASP A 545 9.32 -29.93 -14.79
CA ASP A 545 9.39 -28.64 -14.12
C ASP A 545 8.00 -28.11 -13.81
N ASN A 546 7.05 -28.31 -14.72
CA ASN A 546 5.67 -27.89 -14.46
C ASN A 546 5.08 -28.66 -13.29
N ASP A 547 5.35 -29.96 -13.19
CA ASP A 547 4.84 -30.75 -12.07
C ASP A 547 5.45 -30.27 -10.75
N ARG A 548 6.75 -29.98 -10.76
CA ARG A 548 7.38 -29.47 -9.53
C ARG A 548 6.79 -28.13 -9.13
N LEU A 549 6.58 -27.24 -10.09
CA LEU A 549 5.97 -25.95 -9.79
C LEU A 549 4.54 -26.12 -9.28
N LEU A 550 3.81 -27.08 -9.83
CA LEU A 550 2.45 -27.35 -9.36
C LEU A 550 2.46 -27.85 -7.92
N ARG A 551 3.41 -28.71 -7.58
CA ARG A 551 3.53 -29.17 -6.19
C ARG A 551 3.85 -28.01 -5.26
N SER A 552 4.75 -27.12 -5.70
CA SER A 552 5.07 -25.94 -4.90
C SER A 552 3.85 -25.04 -4.72
N LEU A 553 3.07 -24.86 -5.79
CA LEU A 553 1.87 -24.03 -5.71
C LEU A 553 0.83 -24.65 -4.77
N LYS A 554 0.68 -25.97 -4.80
CA LYS A 554 -0.23 -26.62 -3.87
C LYS A 554 0.24 -26.47 -2.43
N LYS A 555 1.55 -26.59 -2.21
CA LYS A 555 2.09 -26.36 -0.87
C LYS A 555 1.82 -24.94 -0.39
N LEU A 556 1.99 -23.97 -1.29
CA LEU A 556 1.70 -22.58 -0.94
C LEU A 556 0.22 -22.38 -0.64
N ARG A 557 -0.66 -22.98 -1.44
CA ARG A 557 -2.10 -22.84 -1.22
C ARG A 557 -2.54 -23.48 0.08
N ASP A 558 -1.85 -24.54 0.51
CA ASP A 558 -2.18 -25.17 1.79
C ASP A 558 -1.94 -24.25 2.97
N LEU A 559 -1.19 -23.16 2.79
CA LEU A 559 -0.99 -22.17 3.84
C LEU A 559 -2.24 -21.34 4.11
N GLY A 560 -3.27 -21.45 3.27
CA GLY A 560 -4.48 -20.67 3.44
C GLY A 560 -4.53 -19.46 2.53
N ASN A 561 -4.20 -19.66 1.26
CA ASN A 561 -4.24 -18.60 0.25
C ASN A 561 -5.16 -19.02 -0.89
N THR A 562 -5.45 -18.06 -1.77
CA THR A 562 -6.25 -18.29 -2.96
C THR A 562 -5.36 -18.22 -4.18
N LEU A 563 -5.50 -19.18 -5.09
CA LEU A 563 -4.68 -19.26 -6.29
C LEU A 563 -5.58 -19.10 -7.51
N LEU A 564 -5.26 -18.12 -8.35
CA LEU A 564 -5.96 -17.87 -9.61
C LEU A 564 -4.92 -17.91 -10.73
N VAL A 565 -4.94 -18.98 -11.53
CA VAL A 565 -3.94 -19.20 -12.56
C VAL A 565 -4.64 -19.22 -13.92
N VAL A 566 -4.11 -18.47 -14.86
CA VAL A 566 -4.58 -18.45 -16.24
C VAL A 566 -3.64 -19.32 -17.05
N GLU A 567 -4.11 -20.50 -17.47
CA GLU A 567 -3.23 -21.48 -18.10
C GLU A 567 -3.92 -22.13 -19.28
N HIS A 568 -3.10 -22.57 -20.24
CA HIS A 568 -3.54 -23.36 -21.38
C HIS A 568 -3.08 -24.80 -21.28
N ASP A 569 -2.43 -25.18 -20.18
CA ASP A 569 -1.86 -26.50 -20.00
C ASP A 569 -2.91 -27.48 -19.49
N GLU A 570 -2.76 -28.74 -19.90
CA GLU A 570 -3.67 -29.78 -19.44
C GLU A 570 -3.35 -30.20 -18.01
N ASP A 571 -2.07 -30.22 -17.63
CA ASP A 571 -1.69 -30.63 -16.28
C ASP A 571 -2.26 -29.67 -15.24
N THR A 572 -2.16 -28.37 -15.50
CA THR A 572 -2.71 -27.40 -14.55
C THR A 572 -4.23 -27.52 -14.44
N MET A 573 -4.90 -27.75 -15.58
CA MET A 573 -6.35 -27.93 -15.55
C MET A 573 -6.73 -29.17 -14.75
N TYR A 574 -5.99 -30.26 -14.92
CA TYR A 574 -6.30 -31.49 -14.18
C TYR A 574 -6.02 -31.32 -12.69
N ALA A 575 -4.96 -30.59 -12.34
CA ALA A 575 -4.59 -30.38 -10.94
C ALA A 575 -5.17 -29.05 -10.45
N SER A 576 -6.48 -29.05 -10.22
CA SER A 576 -7.18 -27.86 -9.76
C SER A 576 -8.47 -28.29 -9.07
N ASP A 577 -9.03 -27.35 -8.30
CA ASP A 577 -10.30 -27.56 -7.61
C ASP A 577 -11.49 -26.95 -8.35
N TYR A 578 -11.27 -25.88 -9.12
CA TYR A 578 -12.34 -25.21 -9.83
C TYR A 578 -11.78 -24.64 -11.12
N ILE A 579 -12.58 -24.68 -12.18
CA ILE A 579 -12.18 -24.15 -13.48
C ILE A 579 -13.30 -23.24 -13.99
N ILE A 580 -12.93 -22.02 -14.37
CA ILE A 580 -13.85 -21.06 -14.96
C ILE A 580 -13.43 -20.86 -16.40
N ASP A 581 -14.26 -21.30 -17.34
CA ASP A 581 -13.94 -21.28 -18.76
C ASP A 581 -14.65 -20.12 -19.43
N LEU A 582 -13.88 -19.27 -20.10
CA LEU A 582 -14.44 -18.16 -20.86
C LEU A 582 -14.74 -18.63 -22.29
N GLY A 583 -15.13 -17.70 -23.15
CA GLY A 583 -15.38 -18.02 -24.54
C GLY A 583 -16.59 -17.29 -25.09
N PRO A 584 -17.24 -17.89 -26.09
CA PRO A 584 -16.94 -19.19 -26.70
C PRO A 584 -15.88 -19.09 -27.79
N GLY A 585 -15.42 -17.89 -28.10
CA GLY A 585 -14.42 -17.70 -29.14
C GLY A 585 -13.31 -16.77 -28.72
N ALA A 586 -13.05 -15.74 -29.52
CA ALA A 586 -11.99 -14.79 -29.24
C ALA A 586 -12.40 -13.42 -29.77
N GLY A 587 -11.76 -12.40 -29.22
CA GLY A 587 -12.04 -11.03 -29.66
C GLY A 587 -13.47 -10.64 -29.37
N SER A 588 -14.14 -10.09 -30.38
CA SER A 588 -15.51 -9.64 -30.22
C SER A 588 -16.49 -10.80 -30.04
N HIS A 589 -16.10 -12.01 -30.44
CA HIS A 589 -16.97 -13.17 -30.34
C HIS A 589 -16.88 -13.88 -28.99
N GLY A 590 -16.03 -13.39 -28.09
CA GLY A 590 -15.89 -14.00 -26.78
C GLY A 590 -16.16 -13.04 -25.64
N GLY A 591 -15.44 -13.21 -24.53
CA GLY A 591 -15.61 -12.34 -23.39
C GLY A 591 -16.67 -12.76 -22.41
N GLN A 592 -17.38 -13.86 -22.66
CA GLN A 592 -18.40 -14.35 -21.76
C GLN A 592 -17.91 -15.60 -21.03
N ILE A 593 -18.79 -16.20 -20.24
CA ILE A 593 -18.50 -17.43 -19.51
C ILE A 593 -19.34 -18.54 -20.12
N VAL A 594 -18.68 -19.64 -20.46
CA VAL A 594 -19.35 -20.77 -21.11
C VAL A 594 -19.61 -21.91 -20.15
N ALA A 595 -18.59 -22.37 -19.44
CA ALA A 595 -18.72 -23.51 -18.55
C ALA A 595 -18.01 -23.22 -17.23
N GLU A 596 -18.49 -23.87 -16.17
CA GLU A 596 -17.90 -23.75 -14.85
C GLU A 596 -18.05 -25.07 -14.12
N GLY A 597 -17.15 -25.29 -13.16
CA GLY A 597 -17.17 -26.49 -12.35
C GLY A 597 -15.81 -27.14 -12.33
N THR A 598 -15.78 -28.42 -11.97
CA THR A 598 -14.55 -29.19 -11.93
C THR A 598 -14.16 -29.62 -13.34
N VAL A 599 -13.12 -30.46 -13.45
CA VAL A 599 -12.65 -30.88 -14.76
C VAL A 599 -13.70 -31.74 -15.47
N GLU A 600 -14.33 -32.66 -14.74
CA GLU A 600 -15.34 -33.52 -15.35
C GLU A 600 -16.53 -32.72 -15.85
N GLU A 601 -16.99 -31.75 -15.06
CA GLU A 601 -18.09 -30.91 -15.50
C GLU A 601 -17.71 -30.08 -16.73
N ILE A 602 -16.44 -29.66 -16.81
CA ILE A 602 -15.97 -28.97 -18.01
C ILE A 602 -16.00 -29.90 -19.22
N LYS A 603 -15.57 -31.15 -19.03
CA LYS A 603 -15.54 -32.11 -20.13
C LYS A 603 -16.95 -32.41 -20.63
N GLN A 604 -17.90 -32.57 -19.71
CA GLN A 604 -19.25 -32.96 -20.09
C GLN A 604 -20.11 -31.80 -20.60
N ASN A 605 -19.54 -30.61 -20.77
CA ASN A 605 -20.30 -29.47 -21.27
C ASN A 605 -20.00 -29.30 -22.76
N PRO A 606 -20.97 -29.52 -23.65
CA PRO A 606 -20.69 -29.42 -25.09
C PRO A 606 -20.26 -28.04 -25.55
N ASN A 607 -20.76 -26.97 -24.91
CA ASN A 607 -20.48 -25.62 -25.37
C ASN A 607 -19.05 -25.18 -25.09
N SER A 608 -18.29 -25.93 -24.31
CA SER A 608 -16.93 -25.55 -23.93
C SER A 608 -15.93 -26.16 -24.91
N VAL A 609 -15.12 -25.31 -25.54
CA VAL A 609 -14.06 -25.81 -26.42
C VAL A 609 -13.00 -26.55 -25.61
N THR A 610 -12.64 -26.02 -24.45
CA THR A 610 -11.64 -26.67 -23.60
C THR A 610 -12.12 -28.05 -23.17
N GLY A 611 -13.40 -28.17 -22.81
CA GLY A 611 -13.93 -29.48 -22.48
C GLY A 611 -13.93 -30.43 -23.65
N GLU A 612 -14.23 -29.92 -24.85
CA GLU A 612 -14.19 -30.75 -26.04
C GLU A 612 -12.79 -31.27 -26.31
N TYR A 613 -11.78 -30.43 -26.12
CA TYR A 613 -10.41 -30.86 -26.35
C TYR A 613 -9.94 -31.84 -25.27
N LEU A 614 -10.31 -31.58 -24.01
CA LEU A 614 -9.90 -32.47 -22.93
C LEU A 614 -10.55 -33.84 -23.05
N SER A 615 -11.84 -33.88 -23.40
CA SER A 615 -12.56 -35.14 -23.50
C SER A 615 -12.13 -35.99 -24.69
N GLY A 616 -11.35 -35.42 -25.61
CA GLY A 616 -10.91 -36.15 -26.79
C GLY A 616 -11.84 -36.07 -27.97
N ARG A 617 -12.96 -35.35 -27.87
CA ARG A 617 -13.85 -35.19 -29.02
C ARG A 617 -13.14 -34.49 -30.16
N LYS A 618 -12.38 -33.46 -29.86
CA LYS A 618 -11.50 -32.80 -30.82
C LYS A 618 -10.07 -32.89 -30.31
N LYS A 619 -9.15 -33.31 -31.18
CA LYS A 619 -7.77 -33.52 -30.75
C LYS A 619 -6.86 -33.38 -31.96
N ILE A 620 -5.56 -33.23 -31.66
CA ILE A 620 -4.54 -33.19 -32.71
C ILE A 620 -4.22 -34.62 -33.11
N GLU A 621 -4.43 -34.94 -34.39
CA GLU A 621 -4.34 -36.31 -34.85
C GLU A 621 -2.89 -36.77 -34.89
N VAL A 622 -2.62 -37.92 -34.28
CA VAL A 622 -1.30 -38.55 -34.33
C VAL A 622 -1.22 -39.39 -35.60
N PRO A 623 -0.20 -39.19 -36.44
CA PRO A 623 -0.13 -39.93 -37.71
C PRO A 623 0.25 -41.39 -37.47
N LYS A 624 -0.52 -42.29 -38.08
CA LYS A 624 -0.21 -43.71 -37.96
C LYS A 624 1.12 -44.06 -38.61
N GLU A 625 1.41 -43.46 -39.77
CA GLU A 625 2.66 -43.67 -40.48
C GLU A 625 3.47 -42.39 -40.47
N ARG A 626 4.73 -42.49 -40.06
CA ARG A 626 5.63 -41.35 -39.96
C ARG A 626 6.62 -41.37 -41.12
N ARG A 627 6.86 -40.19 -41.71
CA ARG A 627 7.77 -40.09 -42.84
C ARG A 627 9.19 -40.44 -42.41
N LYS A 628 9.88 -41.21 -43.26
CA LYS A 628 11.27 -41.56 -43.02
C LYS A 628 12.20 -40.60 -43.74
N PRO A 629 13.40 -40.38 -43.22
CA PRO A 629 14.35 -39.50 -43.89
C PRO A 629 14.71 -40.03 -45.28
N ASN A 630 14.92 -39.10 -46.21
CA ASN A 630 15.20 -39.42 -47.60
C ASN A 630 16.69 -39.53 -47.90
N GLY A 631 17.50 -39.89 -46.91
CA GLY A 631 18.92 -40.01 -47.10
C GLY A 631 19.70 -38.71 -46.98
N LYS A 632 19.03 -37.59 -46.74
CA LYS A 632 19.67 -36.30 -46.58
C LYS A 632 19.65 -35.92 -45.10
N TRP A 633 20.83 -35.68 -44.54
CA TRP A 633 20.98 -35.43 -43.11
C TRP A 633 21.85 -34.20 -42.89
N LEU A 634 21.59 -33.53 -41.77
CA LEU A 634 22.36 -32.37 -41.33
C LEU A 634 23.13 -32.76 -40.09
N GLU A 635 24.45 -32.89 -40.22
CA GLU A 635 25.30 -33.38 -39.14
C GLU A 635 25.97 -32.21 -38.43
N ILE A 636 25.80 -32.14 -37.11
CA ILE A 636 26.47 -31.17 -36.27
C ILE A 636 27.54 -31.91 -35.49
N ILE A 637 28.80 -31.54 -35.71
CA ILE A 637 29.95 -32.23 -35.14
C ILE A 637 30.66 -31.27 -34.19
N GLY A 638 30.95 -31.75 -32.98
CA GLY A 638 31.68 -30.95 -32.01
C GLY A 638 30.95 -29.73 -31.51
N ALA A 639 29.66 -29.85 -31.23
CA ALA A 639 28.88 -28.74 -30.69
C ALA A 639 29.11 -28.68 -29.19
N ARG A 640 29.76 -27.62 -28.72
CA ARG A 640 30.08 -27.45 -27.30
C ARG A 640 29.69 -26.08 -26.79
N GLU A 641 28.72 -25.42 -27.42
CA GLU A 641 28.32 -24.08 -27.01
C GLU A 641 27.65 -24.12 -25.64
N ASN A 642 28.02 -23.15 -24.80
CA ASN A 642 27.48 -23.02 -23.44
C ASN A 642 27.73 -24.27 -22.62
N ASN A 643 26.67 -25.03 -22.33
CA ASN A 643 26.77 -26.22 -21.49
C ASN A 643 26.80 -27.51 -22.29
N LEU A 644 26.94 -27.45 -23.61
CA LEU A 644 26.96 -28.65 -24.41
C LEU A 644 28.29 -29.38 -24.25
N LYS A 645 28.23 -30.67 -23.98
CA LYS A 645 29.42 -31.47 -23.69
C LYS A 645 29.91 -32.20 -24.94
N ASN A 646 30.16 -31.41 -25.99
CA ASN A 646 30.78 -31.90 -27.22
C ASN A 646 30.03 -33.09 -27.80
N ILE A 647 28.78 -32.85 -28.19
CA ILE A 647 27.92 -33.89 -28.70
C ILE A 647 27.84 -33.78 -30.22
N ASN A 648 27.43 -34.88 -30.85
CA ASN A 648 27.18 -34.94 -32.28
C ASN A 648 25.72 -35.28 -32.52
N VAL A 649 25.01 -34.41 -33.24
CA VAL A 649 23.57 -34.54 -33.44
C VAL A 649 23.29 -34.55 -34.93
N ARG A 650 22.43 -35.47 -35.37
CA ARG A 650 22.02 -35.57 -36.76
C ARG A 650 20.57 -35.14 -36.89
N ILE A 651 20.31 -34.17 -37.75
CA ILE A 651 18.99 -33.61 -37.97
C ILE A 651 18.51 -34.07 -39.35
N PRO A 652 17.50 -34.93 -39.44
CA PRO A 652 17.01 -35.36 -40.75
C PRO A 652 16.35 -34.21 -41.51
N LEU A 653 16.43 -34.28 -42.83
CA LEU A 653 15.87 -33.27 -43.70
C LEU A 653 14.65 -33.82 -44.43
N GLY A 654 13.69 -32.94 -44.69
CA GLY A 654 12.47 -33.30 -45.35
C GLY A 654 11.36 -33.82 -44.45
N VAL A 655 11.60 -33.89 -43.14
CA VAL A 655 10.61 -34.38 -42.18
C VAL A 655 10.48 -33.36 -41.05
N PHE A 656 9.49 -33.60 -40.19
CA PHE A 656 9.21 -32.73 -39.05
C PHE A 656 10.02 -33.23 -37.86
N THR A 657 10.91 -32.37 -37.36
CA THR A 657 11.80 -32.71 -36.25
C THR A 657 11.50 -31.81 -35.06
N CYS A 658 11.40 -32.41 -33.89
CA CYS A 658 11.18 -31.68 -32.64
C CYS A 658 12.37 -31.90 -31.71
N ILE A 659 12.95 -30.81 -31.22
CA ILE A 659 14.07 -30.86 -30.29
C ILE A 659 13.51 -30.63 -28.90
N THR A 660 13.46 -31.69 -28.10
CA THR A 660 12.84 -31.65 -26.79
C THR A 660 13.86 -31.93 -25.69
N GLY A 661 13.51 -31.53 -24.49
CA GLY A 661 14.36 -31.72 -23.33
C GLY A 661 13.91 -30.85 -22.18
N VAL A 662 14.44 -31.17 -20.99
CA VAL A 662 14.12 -30.38 -19.82
C VAL A 662 14.67 -28.96 -19.96
N SER A 663 14.05 -28.03 -19.26
CA SER A 663 14.46 -26.64 -19.32
C SER A 663 15.91 -26.49 -18.85
N GLY A 664 16.70 -25.76 -19.62
CA GLY A 664 18.11 -25.57 -19.32
C GLY A 664 19.03 -26.67 -19.81
N SER A 665 18.50 -27.71 -20.46
CA SER A 665 19.34 -28.81 -20.92
C SER A 665 20.30 -28.40 -22.02
N GLY A 666 19.99 -27.33 -22.75
CA GLY A 666 20.90 -26.84 -23.77
C GLY A 666 20.42 -27.04 -25.20
N LYS A 667 19.11 -26.97 -25.40
CA LYS A 667 18.56 -27.16 -26.74
C LYS A 667 18.50 -25.86 -27.53
N SER A 668 18.07 -24.76 -26.91
CA SER A 668 18.10 -23.47 -27.59
C SER A 668 19.53 -23.04 -27.89
N SER A 669 20.43 -23.19 -26.91
CA SER A 669 21.84 -22.85 -27.12
C SER A 669 22.48 -23.70 -28.20
N LEU A 670 21.92 -24.86 -28.50
CA LEU A 670 22.37 -25.62 -29.65
C LEU A 670 21.77 -25.07 -30.94
N ILE A 671 20.43 -25.13 -31.05
CA ILE A 671 19.74 -24.83 -32.29
C ILE A 671 19.95 -23.37 -32.68
N ASN A 672 19.41 -22.44 -31.87
CA ASN A 672 19.38 -21.04 -32.24
C ASN A 672 20.76 -20.38 -32.22
N GLU A 673 21.75 -21.01 -31.59
CA GLU A 673 23.08 -20.43 -31.49
C GLU A 673 24.11 -21.09 -32.38
N ILE A 674 23.80 -22.24 -32.98
CA ILE A 674 24.72 -22.87 -33.91
C ILE A 674 24.04 -23.05 -35.25
N LEU A 675 22.94 -23.81 -35.27
CA LEU A 675 22.34 -24.22 -36.53
C LEU A 675 21.82 -23.01 -37.31
N TYR A 676 20.99 -22.18 -36.66
CA TYR A 676 20.44 -21.02 -37.34
C TYR A 676 21.51 -19.99 -37.64
N LYS A 677 22.44 -19.75 -36.70
CA LYS A 677 23.45 -18.73 -36.91
C LYS A 677 24.47 -19.14 -37.98
N ARG A 678 24.57 -20.44 -38.29
CA ARG A 678 25.40 -20.87 -39.41
C ARG A 678 24.62 -20.92 -40.71
N LEU A 679 23.36 -21.36 -40.67
CA LEU A 679 22.54 -21.38 -41.87
C LEU A 679 22.32 -19.97 -42.42
N ALA A 680 22.04 -19.01 -41.54
CA ALA A 680 21.88 -17.64 -41.99
C ALA A 680 23.17 -17.10 -42.60
N ALA A 681 24.31 -17.37 -41.96
CA ALA A 681 25.59 -16.89 -42.46
C ALA A 681 25.90 -17.48 -43.84
N GLU A 682 25.58 -18.76 -44.05
CA GLU A 682 25.92 -19.43 -45.29
C GLU A 682 24.87 -19.27 -46.38
N LEU A 683 23.66 -18.83 -46.05
CA LEU A 683 22.60 -18.71 -47.05
C LEU A 683 22.12 -17.28 -47.26
N ASN A 684 21.77 -16.58 -46.19
CA ASN A 684 21.24 -15.22 -46.28
C ASN A 684 22.34 -14.17 -46.21
N ARG A 685 23.61 -14.57 -46.19
CA ARG A 685 24.74 -13.65 -46.15
C ARG A 685 24.67 -12.73 -44.93
N ALA A 686 24.37 -13.30 -43.78
CA ALA A 686 24.32 -12.54 -42.54
C ALA A 686 25.73 -12.33 -41.99
N SER A 687 25.82 -11.57 -40.90
CA SER A 687 27.08 -11.25 -40.25
C SER A 687 26.99 -11.54 -38.75
N VAL A 688 26.46 -12.71 -38.42
CA VAL A 688 26.29 -13.13 -37.03
C VAL A 688 27.30 -14.23 -36.73
N LYS A 689 28.02 -14.07 -35.62
CA LYS A 689 29.01 -15.06 -35.21
C LYS A 689 28.30 -16.22 -34.50
N PRO A 690 28.46 -17.45 -34.95
CA PRO A 690 27.79 -18.59 -34.32
C PRO A 690 28.52 -19.01 -33.05
N GLY A 691 28.03 -20.10 -32.46
CA GLY A 691 28.58 -20.61 -31.22
C GLY A 691 29.84 -21.42 -31.43
N GLU A 692 30.25 -22.10 -30.36
CA GLU A 692 31.46 -22.91 -30.39
C GLU A 692 31.11 -24.29 -30.96
N HIS A 693 31.52 -24.53 -32.20
CA HIS A 693 31.26 -25.80 -32.86
C HIS A 693 32.38 -26.07 -33.86
N ASP A 694 32.55 -27.34 -34.22
CA ASP A 694 33.60 -27.72 -35.15
C ASP A 694 33.20 -27.42 -36.59
N LEU A 695 32.15 -28.09 -37.07
CA LEU A 695 31.64 -27.87 -38.43
C LEU A 695 30.26 -28.48 -38.53
N ILE A 696 29.54 -28.10 -39.59
CA ILE A 696 28.24 -28.64 -39.92
C ILE A 696 28.28 -29.15 -41.35
N LYS A 697 27.83 -30.38 -41.56
CA LYS A 697 27.83 -31.02 -42.87
C LYS A 697 26.42 -31.14 -43.41
N GLY A 698 26.24 -30.83 -44.69
CA GLY A 698 24.95 -30.88 -45.32
C GLY A 698 24.28 -29.54 -45.55
N ILE A 699 24.98 -28.43 -45.34
CA ILE A 699 24.40 -27.10 -45.53
C ILE A 699 24.06 -26.84 -46.99
N GLU A 700 24.77 -27.48 -47.93
CA GLU A 700 24.51 -27.29 -49.34
C GLU A 700 23.15 -27.83 -49.78
N TYR A 701 22.48 -28.58 -48.92
CA TYR A 701 21.18 -29.17 -49.25
C TYR A 701 20.03 -28.21 -49.04
N LEU A 702 20.28 -26.99 -48.55
CA LEU A 702 19.25 -26.02 -48.27
C LEU A 702 19.51 -24.73 -49.04
N ASP A 703 18.46 -23.91 -49.19
CA ASP A 703 18.55 -22.66 -49.92
C ASP A 703 18.36 -21.43 -49.04
N LYS A 704 17.51 -21.50 -48.02
CA LYS A 704 17.27 -20.37 -47.14
C LYS A 704 16.80 -20.88 -45.78
N VAL A 705 16.88 -20.02 -44.78
CA VAL A 705 16.50 -20.35 -43.41
C VAL A 705 15.58 -19.28 -42.87
N ILE A 706 14.48 -19.71 -42.25
CA ILE A 706 13.51 -18.83 -41.61
C ILE A 706 13.39 -19.23 -40.16
N ASP A 707 13.52 -18.26 -39.25
CA ASP A 707 13.58 -18.55 -37.83
C ASP A 707 12.63 -17.66 -37.04
N ILE A 708 12.12 -18.21 -35.94
CA ILE A 708 11.32 -17.47 -34.97
C ILE A 708 12.04 -17.57 -33.63
N ASP A 709 12.44 -16.43 -33.08
CA ASP A 709 13.15 -16.42 -31.82
C ASP A 709 12.20 -16.68 -30.66
N GLN A 710 12.78 -16.95 -29.49
CA GLN A 710 12.00 -17.17 -28.28
C GLN A 710 11.62 -15.88 -27.56
N SER A 711 12.22 -14.75 -27.95
CA SER A 711 11.90 -13.48 -27.32
C SER A 711 10.53 -12.97 -27.77
N PRO A 712 9.80 -12.28 -26.90
CA PRO A 712 8.51 -11.71 -27.29
C PRO A 712 8.69 -10.45 -28.13
N ILE A 713 7.57 -10.01 -28.71
CA ILE A 713 7.60 -8.82 -29.57
C ILE A 713 7.57 -7.56 -28.71
N GLY A 714 8.05 -6.46 -29.30
CA GLY A 714 8.00 -5.18 -28.63
C GLY A 714 6.71 -4.44 -28.93
N ARG A 715 6.09 -3.89 -27.89
CA ARG A 715 4.78 -3.26 -27.99
C ARG A 715 4.95 -1.75 -28.01
N THR A 716 4.50 -1.12 -29.09
CA THR A 716 4.49 0.32 -29.25
C THR A 716 3.16 0.76 -29.81
N PRO A 717 2.69 1.96 -29.46
CA PRO A 717 1.43 2.47 -30.02
C PRO A 717 1.52 2.83 -31.49
N ARG A 718 2.72 2.92 -32.04
CA ARG A 718 2.91 3.22 -33.46
C ARG A 718 2.91 1.97 -34.32
N SER A 719 2.68 0.80 -33.74
CA SER A 719 2.73 -0.47 -34.45
C SER A 719 1.36 -1.15 -34.41
N ASN A 720 0.94 -1.67 -35.54
CA ASN A 720 -0.27 -2.47 -35.68
C ASN A 720 0.06 -3.67 -36.54
N PRO A 721 -0.78 -4.71 -36.53
CA PRO A 721 -0.48 -5.91 -37.33
C PRO A 721 -0.26 -5.63 -38.81
N ALA A 722 -0.94 -4.64 -39.37
CA ALA A 722 -0.74 -4.31 -40.78
C ALA A 722 0.70 -3.83 -41.02
N THR A 723 1.22 -2.98 -40.14
CA THR A 723 2.61 -2.55 -40.27
C THR A 723 3.57 -3.65 -39.85
N TYR A 724 3.16 -4.52 -38.92
CA TYR A 724 4.04 -5.56 -38.42
C TYR A 724 4.31 -6.61 -39.49
N THR A 725 3.27 -7.10 -40.15
CA THR A 725 3.44 -8.16 -41.14
C THR A 725 3.65 -7.59 -42.54
N GLY A 726 4.52 -6.59 -42.67
CA GLY A 726 4.91 -6.00 -43.94
C GLY A 726 3.81 -5.65 -44.93
N VAL A 727 2.57 -5.49 -44.46
CA VAL A 727 1.47 -5.19 -45.39
C VAL A 727 1.31 -3.69 -45.60
N PHE A 728 1.61 -2.88 -44.59
CA PHE A 728 1.39 -1.44 -44.70
C PHE A 728 2.21 -0.84 -45.83
N ASP A 729 3.41 -1.36 -46.10
CA ASP A 729 4.22 -0.84 -47.19
C ASP A 729 3.51 -1.03 -48.53
N PHE A 730 2.98 -2.24 -48.77
CA PHE A 730 2.26 -2.49 -50.01
C PHE A 730 1.00 -1.65 -50.10
N ILE A 731 0.27 -1.52 -48.98
CA ILE A 731 -0.97 -0.75 -49.00
C ILE A 731 -0.69 0.72 -49.29
N ARG A 732 0.35 1.27 -48.67
CA ARG A 732 0.73 2.66 -48.94
C ARG A 732 1.18 2.83 -50.39
N GLU A 733 1.91 1.84 -50.93
CA GLU A 733 2.34 1.93 -52.32
C GLU A 733 1.14 1.98 -53.26
N ILE A 734 0.17 1.08 -53.07
CA ILE A 734 -0.97 1.08 -53.98
C ILE A 734 -1.81 2.33 -53.80
N PHE A 735 -1.94 2.81 -52.56
CA PHE A 735 -2.69 4.05 -52.34
C PHE A 735 -2.03 5.23 -53.02
N ALA A 736 -0.70 5.31 -52.96
CA ALA A 736 0.02 6.38 -53.64
C ALA A 736 0.04 6.19 -55.15
N ASN A 737 -0.26 4.99 -55.63
CA ASN A 737 -0.29 4.73 -57.07
C ASN A 737 -1.59 5.14 -57.74
N THR A 738 -2.57 5.63 -56.97
CA THR A 738 -3.85 5.99 -57.54
C THR A 738 -3.73 7.25 -58.39
N THR A 739 -4.76 7.51 -59.20
CA THR A 739 -4.76 8.67 -60.08
C THR A 739 -4.78 9.97 -59.29
N GLU A 740 -5.60 10.05 -58.24
CA GLU A 740 -5.70 11.28 -57.46
C GLU A 740 -4.38 11.57 -56.76
N ALA A 741 -3.73 10.55 -56.21
CA ALA A 741 -2.43 10.76 -55.59
C ALA A 741 -1.39 11.24 -56.60
N LYS A 742 -1.43 10.68 -57.81
CA LYS A 742 -0.51 11.12 -58.85
C LYS A 742 -0.74 12.57 -59.24
N THR A 743 -2.02 12.97 -59.39
CA THR A 743 -2.33 14.34 -59.77
C THR A 743 -1.96 15.32 -58.66
N ARG A 744 -2.15 14.93 -57.41
CA ARG A 744 -1.81 15.78 -56.28
C ARG A 744 -0.33 15.73 -55.93
N GLY A 745 0.45 14.87 -56.58
CA GLY A 745 1.87 14.77 -56.31
C GLY A 745 2.22 14.25 -54.94
N TYR A 746 1.52 13.21 -54.48
CA TYR A 746 1.76 12.62 -53.18
C TYR A 746 2.64 11.38 -53.31
N LYS A 747 3.13 10.91 -52.16
CA LYS A 747 3.92 9.69 -52.08
C LYS A 747 3.32 8.78 -51.01
N ALA A 748 3.92 7.60 -50.84
CA ALA A 748 3.44 6.67 -49.84
C ALA A 748 3.68 7.15 -48.42
N GLY A 749 4.61 8.09 -48.23
CA GLY A 749 4.88 8.59 -46.89
C GLY A 749 3.69 9.32 -46.28
N ARG A 750 2.93 10.04 -47.10
CA ARG A 750 1.79 10.78 -46.60
C ARG A 750 0.71 9.86 -46.03
N PHE A 751 0.56 8.66 -46.60
CA PHE A 751 -0.49 7.74 -46.21
C PHE A 751 -0.15 6.92 -44.97
N SER A 752 0.83 7.35 -44.19
CA SER A 752 1.18 6.71 -42.92
C SER A 752 1.03 7.72 -41.80
N PHE A 753 0.57 7.26 -40.64
CA PHE A 753 0.37 8.14 -39.50
C PHE A 753 1.62 8.34 -38.67
N ASN A 754 2.75 7.77 -39.07
CA ASN A 754 4.02 7.94 -38.38
C ASN A 754 4.97 8.87 -39.15
N VAL A 755 4.48 9.55 -40.18
CA VAL A 755 5.30 10.43 -41.00
C VAL A 755 4.62 11.79 -41.10
N LYS A 756 5.39 12.86 -40.90
CA LYS A 756 4.85 14.21 -40.98
C LYS A 756 4.38 14.52 -42.39
N GLY A 757 3.23 15.18 -42.48
CA GLY A 757 2.68 15.58 -43.77
C GLY A 757 1.29 15.06 -44.04
N GLY A 758 1.01 13.82 -43.64
CA GLY A 758 -0.28 13.22 -43.90
C GLY A 758 -1.08 12.97 -42.64
N ARG A 759 -0.40 12.85 -41.51
CA ARG A 759 -1.07 12.62 -40.23
C ARG A 759 -1.66 13.92 -39.70
N CYS A 760 -2.58 13.78 -38.75
CA CYS A 760 -3.14 14.94 -38.06
C CYS A 760 -2.12 15.45 -37.07
N GLU A 761 -1.56 16.63 -37.34
CA GLU A 761 -0.49 17.16 -36.51
C GLU A 761 -0.96 17.55 -35.12
N ALA A 762 -2.27 17.73 -34.93
CA ALA A 762 -2.78 18.04 -33.60
C ALA A 762 -2.54 16.88 -32.64
N CYS A 763 -2.76 15.65 -33.10
CA CYS A 763 -2.57 14.46 -32.28
C CYS A 763 -1.31 13.68 -32.66
N ALA A 764 -0.52 14.18 -33.61
CA ALA A 764 0.72 13.53 -34.05
C ALA A 764 0.46 12.11 -34.56
N GLY A 765 -0.71 11.88 -35.14
CA GLY A 765 -1.05 10.58 -35.68
C GLY A 765 -1.46 9.54 -34.67
N ASP A 766 -1.51 9.89 -33.38
CA ASP A 766 -1.92 8.93 -32.37
C ASP A 766 -3.41 8.63 -32.45
N GLY A 767 -4.22 9.60 -32.88
CA GLY A 767 -5.65 9.40 -32.97
C GLY A 767 -6.36 9.70 -31.67
N ILE A 768 -5.87 9.12 -30.58
CA ILE A 768 -6.43 9.30 -29.24
C ILE A 768 -5.38 10.02 -28.41
N ASN A 769 -5.83 10.74 -27.39
CA ASN A 769 -4.90 11.45 -26.52
C ASN A 769 -4.99 10.93 -25.10
N LYS A 770 -3.85 10.58 -24.53
CA LYS A 770 -3.77 10.07 -23.15
C LYS A 770 -3.15 11.16 -22.29
N ILE A 771 -3.96 11.75 -21.42
CA ILE A 771 -3.50 12.78 -20.49
C ILE A 771 -3.09 12.07 -19.20
N GLU A 772 -1.85 12.28 -18.78
CA GLU A 772 -1.31 11.63 -17.59
C GLU A 772 -1.20 12.63 -16.45
N MET A 773 -1.71 12.25 -15.29
CA MET A 773 -1.63 13.06 -14.09
C MET A 773 -0.42 12.63 -13.25
N HIS A 774 -0.31 13.17 -12.04
CA HIS A 774 0.78 12.79 -11.15
C HIS A 774 0.44 11.53 -10.36
N PHE A 775 -0.71 11.50 -9.70
CA PHE A 775 -1.13 10.35 -8.91
C PHE A 775 -2.48 9.78 -9.32
N LEU A 776 -3.37 10.59 -9.87
CA LEU A 776 -4.67 10.11 -10.31
C LEU A 776 -4.54 9.26 -11.57
N PRO A 777 -5.49 8.34 -11.80
CA PRO A 777 -5.43 7.53 -13.01
C PRO A 777 -5.58 8.38 -14.27
N ASP A 778 -4.95 7.92 -15.35
CA ASP A 778 -4.95 8.66 -16.60
C ASP A 778 -6.33 8.62 -17.25
N ILE A 779 -6.62 9.66 -18.03
CA ILE A 779 -7.89 9.80 -18.74
C ILE A 779 -7.60 9.89 -20.23
N TYR A 780 -8.29 9.07 -21.02
CA TYR A 780 -8.13 9.04 -22.47
C TYR A 780 -9.25 9.85 -23.11
N VAL A 781 -8.87 10.90 -23.83
CA VAL A 781 -9.81 11.77 -24.53
C VAL A 781 -9.46 11.73 -26.02
N PRO A 782 -10.38 11.31 -26.88
CA PRO A 782 -10.07 11.25 -28.32
C PRO A 782 -9.88 12.64 -28.91
N CYS A 783 -9.05 12.70 -29.94
CA CYS A 783 -8.80 13.96 -30.64
C CYS A 783 -10.06 14.40 -31.39
N GLU A 784 -10.30 15.71 -31.38
CA GLU A 784 -11.45 16.27 -32.07
C GLU A 784 -11.13 16.75 -33.48
N VAL A 785 -9.86 17.06 -33.77
CA VAL A 785 -9.50 17.53 -35.11
C VAL A 785 -9.68 16.43 -36.14
N CYS A 786 -9.16 15.23 -35.85
CA CYS A 786 -9.24 14.11 -36.78
C CYS A 786 -10.36 13.13 -36.45
N LYS A 787 -11.05 13.31 -35.32
CA LYS A 787 -12.14 12.43 -34.91
C LYS A 787 -11.70 10.98 -34.78
N GLY A 788 -10.43 10.76 -34.43
CA GLY A 788 -9.91 9.42 -34.28
C GLY A 788 -9.50 8.72 -35.55
N LYS A 789 -9.51 9.42 -36.69
CA LYS A 789 -9.12 8.84 -37.97
C LYS A 789 -7.63 8.98 -38.26
N ARG A 790 -6.89 9.70 -37.42
CA ARG A 790 -5.44 9.88 -37.51
C ARG A 790 -4.99 10.54 -38.81
N TYR A 791 -5.91 11.10 -39.59
CA TYR A 791 -5.55 11.70 -40.86
C TYR A 791 -6.36 12.98 -41.06
N ASN A 792 -5.78 13.91 -41.83
CA ASN A 792 -6.46 15.16 -42.13
C ASN A 792 -7.35 15.00 -43.35
N ARG A 793 -8.00 16.11 -43.75
CA ARG A 793 -8.94 16.05 -44.86
C ARG A 793 -8.22 15.78 -46.18
N GLU A 794 -7.03 16.38 -46.37
CA GLU A 794 -6.33 16.22 -47.63
C GLU A 794 -5.95 14.76 -47.90
N THR A 795 -5.48 14.06 -46.87
CA THR A 795 -5.12 12.66 -47.04
C THR A 795 -6.36 11.77 -47.22
N LEU A 796 -7.46 12.10 -46.55
CA LEU A 796 -8.67 11.31 -46.64
C LEU A 796 -9.51 11.62 -47.87
N GLU A 797 -9.15 12.66 -48.63
CA GLU A 797 -9.91 13.00 -49.84
C GLU A 797 -9.64 12.05 -50.99
N VAL A 798 -8.55 11.27 -50.94
CA VAL A 798 -8.22 10.32 -52.00
C VAL A 798 -8.66 8.92 -51.55
N ARG A 799 -9.45 8.26 -52.38
CA ARG A 799 -9.98 6.94 -52.07
C ARG A 799 -9.58 5.95 -53.16
N TYR A 800 -9.23 4.74 -52.75
CA TYR A 800 -8.95 3.65 -53.67
C TYR A 800 -10.09 2.63 -53.59
N LYS A 801 -10.72 2.38 -54.73
CA LYS A 801 -11.85 1.46 -54.82
C LYS A 801 -12.98 1.85 -53.87
N GLY A 802 -13.18 3.16 -53.69
CA GLY A 802 -14.26 3.69 -52.89
C GLY A 802 -13.98 3.78 -51.40
N LYS A 803 -12.78 3.40 -50.98
CA LYS A 803 -12.42 3.41 -49.56
C LYS A 803 -11.11 4.13 -49.35
N ASN A 804 -11.06 5.00 -48.34
CA ASN A 804 -9.84 5.72 -47.98
C ASN A 804 -8.92 4.83 -47.17
N ILE A 805 -7.86 5.40 -46.60
CA ILE A 805 -6.88 4.61 -45.86
C ILE A 805 -7.38 4.34 -44.44
N ALA A 806 -8.21 5.24 -43.90
CA ALA A 806 -8.76 5.01 -42.58
C ALA A 806 -9.68 3.79 -42.57
N GLU A 807 -10.55 3.68 -43.58
CA GLU A 807 -11.41 2.51 -43.67
C GLU A 807 -10.63 1.26 -44.02
N VAL A 808 -9.52 1.41 -44.75
CA VAL A 808 -8.67 0.26 -45.05
C VAL A 808 -8.02 -0.26 -43.77
N LEU A 809 -7.61 0.64 -42.88
CA LEU A 809 -7.07 0.24 -41.59
C LEU A 809 -8.14 -0.20 -40.61
N ASP A 810 -9.41 0.17 -40.84
CA ASP A 810 -10.47 -0.16 -39.90
C ASP A 810 -11.14 -1.50 -40.17
N MET A 811 -10.81 -2.17 -41.28
CA MET A 811 -11.44 -3.45 -41.60
C MET A 811 -10.66 -4.60 -40.98
N THR A 812 -11.37 -5.68 -40.68
CA THR A 812 -10.74 -6.86 -40.11
C THR A 812 -9.94 -7.59 -41.19
N VAL A 813 -9.27 -8.67 -40.78
CA VAL A 813 -8.42 -9.42 -41.69
C VAL A 813 -9.26 -10.13 -42.75
N GLU A 814 -10.44 -10.63 -42.37
CA GLU A 814 -11.33 -11.26 -43.35
C GLU A 814 -11.76 -10.27 -44.42
N GLU A 815 -12.11 -9.04 -44.01
CA GLU A 815 -12.50 -8.03 -44.99
C GLU A 815 -11.34 -7.66 -45.89
N ALA A 816 -10.12 -7.60 -45.34
CA ALA A 816 -8.95 -7.33 -46.17
C ALA A 816 -8.70 -8.46 -47.16
N LEU A 817 -8.90 -9.71 -46.72
CA LEU A 817 -8.77 -10.85 -47.62
C LEU A 817 -9.78 -10.78 -48.75
N GLU A 818 -11.02 -10.43 -48.43
CA GLU A 818 -12.05 -10.28 -49.47
C GLU A 818 -11.85 -9.01 -50.29
N PHE A 819 -11.00 -8.09 -49.84
CA PHE A 819 -10.83 -6.81 -50.52
C PHE A 819 -9.61 -6.79 -51.43
N PHE A 820 -8.61 -7.63 -51.15
CA PHE A 820 -7.37 -7.69 -51.92
C PHE A 820 -7.23 -9.03 -52.62
N LYS A 821 -8.33 -9.54 -53.18
CA LYS A 821 -8.29 -10.84 -53.84
C LYS A 821 -7.43 -10.81 -55.10
N ASN A 822 -7.47 -9.71 -55.85
CA ASN A 822 -6.82 -9.61 -57.14
C ASN A 822 -5.35 -9.17 -57.03
N ILE A 823 -4.85 -8.94 -55.83
CA ILE A 823 -3.46 -8.53 -55.62
C ILE A 823 -2.75 -9.63 -54.86
N PRO A 824 -1.98 -10.47 -55.54
CA PRO A 824 -1.33 -11.60 -54.85
C PRO A 824 -0.37 -11.19 -53.75
N ARG A 825 0.34 -10.06 -53.91
CA ARG A 825 1.34 -9.66 -52.93
C ARG A 825 0.72 -9.42 -51.56
N ILE A 826 -0.39 -8.68 -51.53
CA ILE A 826 -1.08 -8.43 -50.26
C ILE A 826 -1.90 -9.64 -49.84
N HIS A 827 -2.49 -10.35 -50.80
CA HIS A 827 -3.34 -11.49 -50.49
C HIS A 827 -2.56 -12.60 -49.78
N LYS A 828 -1.30 -12.80 -50.18
CA LYS A 828 -0.48 -13.82 -49.53
C LYS A 828 -0.33 -13.54 -48.03
N LYS A 829 0.04 -12.31 -47.69
CA LYS A 829 0.24 -11.97 -46.28
C LYS A 829 -1.07 -11.95 -45.51
N ILE A 830 -2.15 -11.49 -46.14
CA ILE A 830 -3.44 -11.49 -45.45
C ILE A 830 -3.92 -12.91 -45.19
N GLU A 831 -3.73 -13.81 -46.17
CA GLU A 831 -4.09 -15.20 -45.97
C GLU A 831 -3.22 -15.85 -44.90
N THR A 832 -1.93 -15.50 -44.85
CA THR A 832 -1.07 -16.01 -43.79
C THR A 832 -1.55 -15.55 -42.42
N LEU A 833 -1.95 -14.28 -42.31
CA LEU A 833 -2.50 -13.79 -41.04
C LEU A 833 -3.79 -14.52 -40.69
N TYR A 834 -4.65 -14.76 -41.67
CA TYR A 834 -5.93 -15.41 -41.41
C TYR A 834 -5.77 -16.88 -41.07
N ASP A 835 -4.71 -17.52 -41.57
CA ASP A 835 -4.52 -18.96 -41.36
C ASP A 835 -4.20 -19.32 -39.92
N VAL A 836 -3.70 -18.36 -39.12
CA VAL A 836 -3.38 -18.64 -37.73
C VAL A 836 -4.55 -18.32 -36.79
N GLY A 837 -5.65 -17.81 -37.32
CA GLY A 837 -6.81 -17.52 -36.52
C GLY A 837 -6.99 -16.07 -36.11
N LEU A 838 -6.55 -15.12 -36.93
CA LEU A 838 -6.65 -13.70 -36.64
C LEU A 838 -7.59 -13.00 -37.61
N GLY A 839 -8.71 -13.65 -37.95
CA GLY A 839 -9.66 -13.05 -38.87
C GLY A 839 -10.47 -11.92 -38.27
N TYR A 840 -10.49 -11.80 -36.95
CA TYR A 840 -11.23 -10.74 -36.27
C TYR A 840 -10.37 -9.54 -35.93
N ILE A 841 -9.06 -9.62 -36.11
CA ILE A 841 -8.16 -8.55 -35.70
C ILE A 841 -8.15 -7.45 -36.75
N LYS A 842 -8.45 -6.22 -36.32
CA LYS A 842 -8.38 -5.08 -37.22
C LYS A 842 -6.94 -4.81 -37.62
N LEU A 843 -6.77 -4.34 -38.86
CA LEU A 843 -5.42 -4.06 -39.36
C LEU A 843 -4.75 -2.93 -38.60
N GLY A 844 -5.52 -2.03 -38.01
CA GLY A 844 -5.01 -0.90 -37.29
C GLY A 844 -5.06 -0.98 -35.77
N GLN A 845 -5.32 -2.17 -35.21
CA GLN A 845 -5.35 -2.32 -33.76
C GLN A 845 -3.95 -2.13 -33.18
N SER A 846 -3.86 -1.36 -32.10
CA SER A 846 -2.57 -1.03 -31.53
C SER A 846 -1.86 -2.26 -30.98
N SER A 847 -0.52 -2.23 -31.05
CA SER A 847 0.28 -3.35 -30.53
C SER A 847 0.17 -3.46 -29.02
N THR A 848 0.14 -2.32 -28.32
CA THR A 848 0.06 -2.35 -26.86
C THR A 848 -1.24 -2.97 -26.39
N THR A 849 -2.31 -2.86 -27.19
CA THR A 849 -3.59 -3.45 -26.84
C THR A 849 -3.70 -4.92 -27.24
N LEU A 850 -2.73 -5.44 -28.01
CA LEU A 850 -2.77 -6.83 -28.41
C LEU A 850 -2.58 -7.75 -27.22
N SER A 851 -3.12 -8.95 -27.32
CA SER A 851 -2.92 -9.97 -26.30
C SER A 851 -1.60 -10.69 -26.54
N GLY A 852 -1.16 -11.46 -25.54
CA GLY A 852 0.08 -12.22 -25.69
C GLY A 852 -0.01 -13.27 -26.78
N GLY A 853 -1.11 -14.03 -26.78
CA GLY A 853 -1.30 -15.03 -27.83
C GLY A 853 -1.49 -14.41 -29.20
N GLU A 854 -2.22 -13.29 -29.27
CA GLU A 854 -2.40 -12.60 -30.53
C GLU A 854 -1.07 -12.06 -31.05
N ALA A 855 -0.23 -11.53 -30.15
CA ALA A 855 1.10 -11.07 -30.56
C ALA A 855 1.96 -12.22 -31.04
N GLN A 856 1.90 -13.37 -30.35
CA GLN A 856 2.66 -14.53 -30.79
C GLN A 856 2.21 -15.00 -32.16
N ARG A 857 0.90 -15.05 -32.39
CA ARG A 857 0.39 -15.45 -33.70
C ARG A 857 0.74 -14.42 -34.77
N VAL A 858 0.76 -13.14 -34.43
CA VAL A 858 1.16 -12.11 -35.38
C VAL A 858 2.61 -12.31 -35.79
N LYS A 859 3.49 -12.60 -34.82
CA LYS A 859 4.89 -12.87 -35.14
C LYS A 859 5.02 -14.13 -36.00
N LEU A 860 4.25 -15.16 -35.68
CA LEU A 860 4.28 -16.39 -36.46
C LEU A 860 3.86 -16.13 -37.90
N ALA A 861 2.79 -15.35 -38.10
CA ALA A 861 2.35 -15.02 -39.44
C ALA A 861 3.38 -14.17 -40.17
N THR A 862 4.03 -13.25 -39.45
CA THR A 862 5.08 -12.43 -40.05
C THR A 862 6.20 -13.29 -40.59
N GLU A 863 6.63 -14.29 -39.82
CA GLU A 863 7.74 -15.13 -40.26
C GLU A 863 7.31 -16.22 -41.24
N LEU A 864 6.04 -16.59 -41.26
CA LEU A 864 5.54 -17.63 -42.16
C LEU A 864 4.94 -17.09 -43.44
N SER A 865 4.85 -15.76 -43.59
CA SER A 865 4.34 -15.17 -44.82
C SER A 865 5.41 -15.02 -45.90
N ARG A 866 6.67 -15.34 -45.59
CA ARG A 866 7.73 -15.20 -46.56
C ARG A 866 7.67 -16.32 -47.59
N LYS A 867 8.21 -16.05 -48.78
CA LYS A 867 8.20 -17.03 -49.85
C LYS A 867 9.12 -18.21 -49.53
N SER A 868 8.65 -19.41 -49.84
CA SER A 868 9.40 -20.64 -49.63
C SER A 868 9.83 -21.20 -50.99
N THR A 869 11.09 -21.60 -51.09
CA THR A 869 11.66 -22.10 -52.33
C THR A 869 11.50 -23.60 -52.50
N GLY A 870 10.91 -24.29 -51.52
CA GLY A 870 10.76 -25.73 -51.56
C GLY A 870 11.87 -26.50 -50.88
N LYS A 871 13.03 -25.87 -50.68
CA LYS A 871 14.16 -26.47 -49.94
C LYS A 871 14.63 -25.42 -48.95
N THR A 872 14.01 -25.38 -47.77
CA THR A 872 14.28 -24.34 -46.81
C THR A 872 14.13 -24.88 -45.39
N MET A 873 14.86 -24.27 -44.46
CA MET A 873 14.84 -24.63 -43.05
C MET A 873 13.92 -23.70 -42.28
N TYR A 874 12.99 -24.27 -41.53
CA TYR A 874 12.13 -23.52 -40.63
C TYR A 874 12.50 -23.87 -39.20
N ILE A 875 12.90 -22.87 -38.43
CA ILE A 875 13.31 -23.07 -37.04
C ILE A 875 12.37 -22.25 -36.17
N LEU A 876 11.71 -22.92 -35.22
CA LEU A 876 10.76 -22.28 -34.32
C LEU A 876 11.18 -22.56 -32.89
N ASP A 877 11.27 -21.51 -32.08
CA ASP A 877 11.67 -21.61 -30.68
C ASP A 877 10.45 -21.34 -29.81
N GLU A 878 9.81 -22.41 -29.36
CA GLU A 878 8.62 -22.35 -28.50
C GLU A 878 7.53 -21.48 -29.10
N PRO A 879 6.87 -21.91 -30.17
CA PRO A 879 5.74 -21.14 -30.72
C PRO A 879 4.42 -21.39 -30.00
N THR A 880 4.42 -22.18 -28.93
CA THR A 880 3.19 -22.50 -28.21
C THR A 880 2.85 -21.44 -27.16
N THR A 881 3.75 -20.51 -26.90
CA THR A 881 3.54 -19.51 -25.86
C THR A 881 2.25 -18.72 -26.11
N GLY A 882 1.30 -18.86 -25.20
CA GLY A 882 0.05 -18.13 -25.28
C GLY A 882 -0.96 -18.68 -26.25
N LEU A 883 -0.84 -19.94 -26.65
CA LEU A 883 -1.72 -20.54 -27.64
C LEU A 883 -2.53 -21.66 -27.01
N HIS A 884 -3.84 -21.64 -27.24
CA HIS A 884 -4.74 -22.68 -26.74
C HIS A 884 -4.53 -23.96 -27.53
N MET A 885 -5.31 -24.99 -27.18
CA MET A 885 -5.22 -26.26 -27.90
C MET A 885 -5.67 -26.11 -29.35
N ALA A 886 -6.73 -25.34 -29.58
CA ALA A 886 -7.17 -25.10 -30.96
C ALA A 886 -6.12 -24.35 -31.77
N ASP A 887 -5.50 -23.35 -31.15
CA ASP A 887 -4.48 -22.57 -31.86
C ASP A 887 -3.28 -23.43 -32.21
N VAL A 888 -2.82 -24.27 -31.27
CA VAL A 888 -1.68 -25.13 -31.58
C VAL A 888 -2.07 -26.20 -32.59
N HIS A 889 -3.33 -26.63 -32.59
CA HIS A 889 -3.79 -27.55 -33.62
C HIS A 889 -3.72 -26.90 -35.00
N ARG A 890 -4.16 -25.65 -35.10
CA ARG A 890 -4.05 -24.92 -36.36
C ARG A 890 -2.60 -24.76 -36.80
N LEU A 891 -1.73 -24.41 -35.85
CA LEU A 891 -0.31 -24.26 -36.17
C LEU A 891 0.30 -25.58 -36.60
N VAL A 892 -0.09 -26.69 -35.96
CA VAL A 892 0.41 -28.00 -36.33
C VAL A 892 -0.03 -28.36 -37.74
N GLY A 893 -1.29 -28.08 -38.08
CA GLY A 893 -1.74 -28.31 -39.44
C GLY A 893 -0.97 -27.49 -40.45
N ILE A 894 -0.71 -26.21 -40.13
CA ILE A 894 0.05 -25.35 -41.04
C ILE A 894 1.45 -25.92 -41.25
N LEU A 895 2.11 -26.32 -40.17
CA LEU A 895 3.47 -26.85 -40.26
C LEU A 895 3.50 -28.16 -41.04
N HIS A 896 2.49 -29.01 -40.84
CA HIS A 896 2.43 -30.27 -41.57
C HIS A 896 2.24 -30.04 -43.07
N ARG A 897 1.37 -29.09 -43.43
CA ARG A 897 1.22 -28.76 -44.85
C ARG A 897 2.51 -28.19 -45.42
N LEU A 898 3.20 -27.35 -44.65
CA LEU A 898 4.46 -26.79 -45.11
C LEU A 898 5.51 -27.88 -45.33
N VAL A 899 5.57 -28.86 -44.42
CA VAL A 899 6.50 -29.97 -44.59
C VAL A 899 6.12 -30.81 -45.81
N GLU A 900 4.83 -31.09 -45.99
CA GLU A 900 4.40 -31.88 -47.14
C GLU A 900 4.68 -31.15 -48.44
N ALA A 901 4.75 -29.82 -48.42
CA ALA A 901 5.11 -29.08 -49.61
C ALA A 901 6.53 -29.37 -50.08
N GLY A 902 7.40 -29.85 -49.19
CA GLY A 902 8.76 -30.18 -49.56
C GLY A 902 9.80 -29.61 -48.63
N ASN A 903 9.34 -28.83 -47.64
CA ASN A 903 10.23 -28.18 -46.70
C ASN A 903 10.44 -29.04 -45.46
N SER A 904 11.43 -28.65 -44.67
CA SER A 904 11.79 -29.34 -43.44
C SER A 904 11.68 -28.36 -42.28
N VAL A 905 11.08 -28.81 -41.17
CA VAL A 905 10.76 -27.96 -40.04
C VAL A 905 11.42 -28.53 -38.79
N VAL A 906 12.13 -27.68 -38.05
CA VAL A 906 12.75 -28.02 -36.77
C VAL A 906 12.15 -27.11 -35.71
N VAL A 907 11.54 -27.71 -34.69
CA VAL A 907 10.80 -26.96 -33.68
C VAL A 907 11.31 -27.36 -32.31
N ILE A 908 11.71 -26.38 -31.50
CA ILE A 908 12.02 -26.58 -30.10
C ILE A 908 10.72 -26.45 -29.33
N GLU A 909 10.23 -27.57 -28.78
CA GLU A 909 8.89 -27.61 -28.23
C GLU A 909 8.89 -28.26 -26.85
N HIS A 910 7.98 -27.78 -26.00
CA HIS A 910 7.68 -28.41 -24.72
C HIS A 910 6.29 -29.00 -24.67
N ASN A 911 5.43 -28.68 -25.64
CA ASN A 911 4.05 -29.16 -25.64
C ASN A 911 4.00 -30.57 -26.21
N LEU A 912 3.35 -31.48 -25.48
CA LEU A 912 3.31 -32.88 -25.90
C LEU A 912 2.50 -33.07 -27.18
N ASP A 913 1.50 -32.22 -27.42
CA ASP A 913 0.67 -32.36 -28.61
C ASP A 913 1.49 -32.16 -29.88
N VAL A 914 2.37 -31.17 -29.90
CA VAL A 914 3.22 -30.95 -31.07
C VAL A 914 4.27 -32.05 -31.18
N ILE A 915 4.81 -32.50 -30.05
CA ILE A 915 5.89 -33.49 -30.08
C ILE A 915 5.37 -34.84 -30.58
N LYS A 916 4.15 -35.22 -30.18
CA LYS A 916 3.62 -36.52 -30.56
C LYS A 916 3.37 -36.65 -32.06
N THR A 917 3.28 -35.54 -32.79
CA THR A 917 3.08 -35.58 -34.22
C THR A 917 4.38 -35.47 -35.01
N ALA A 918 5.51 -35.25 -34.33
CA ALA A 918 6.79 -35.14 -35.01
C ALA A 918 7.24 -36.49 -35.55
N ASP A 919 7.93 -36.46 -36.68
CA ASP A 919 8.47 -37.66 -37.30
C ASP A 919 9.91 -37.95 -36.86
N TYR A 920 10.49 -37.12 -36.01
CA TYR A 920 11.82 -37.34 -35.48
C TYR A 920 12.01 -36.45 -34.26
N ILE A 921 12.63 -36.99 -33.21
CA ILE A 921 12.85 -36.27 -31.97
C ILE A 921 14.31 -36.39 -31.59
N ILE A 922 14.93 -35.26 -31.23
CA ILE A 922 16.28 -35.24 -30.66
C ILE A 922 16.14 -34.77 -29.22
N ASP A 923 16.53 -35.63 -28.28
CA ASP A 923 16.35 -35.38 -26.86
C ASP A 923 17.66 -34.95 -26.23
N LEU A 924 17.60 -33.93 -25.38
CA LEU A 924 18.76 -33.42 -24.67
C LEU A 924 18.51 -33.52 -23.16
N GLY A 925 19.58 -33.77 -22.41
CA GLY A 925 19.49 -33.88 -20.98
C GLY A 925 20.73 -34.50 -20.37
N PRO A 926 20.53 -35.33 -19.33
CA PRO A 926 19.25 -35.72 -18.72
C PRO A 926 18.78 -34.70 -17.69
N GLU A 927 19.56 -33.65 -17.46
CA GLU A 927 19.18 -32.59 -16.53
C GLU A 927 19.40 -31.23 -17.18
N GLY A 928 19.30 -30.16 -16.39
CA GLY A 928 19.55 -28.82 -16.85
C GLY A 928 20.84 -28.26 -16.29
N GLY A 929 21.22 -27.09 -16.81
CA GLY A 929 22.41 -26.42 -16.32
C GLY A 929 23.66 -27.20 -16.63
N SER A 930 24.52 -27.36 -15.63
CA SER A 930 25.79 -28.05 -15.83
C SER A 930 25.61 -29.56 -15.95
N GLY A 931 24.47 -30.09 -15.56
CA GLY A 931 24.21 -31.51 -15.63
C GLY A 931 23.63 -32.01 -16.94
N GLY A 932 23.46 -31.13 -17.92
CA GLY A 932 22.86 -31.52 -19.18
C GLY A 932 23.76 -31.31 -20.38
N GLY A 933 23.20 -31.37 -21.57
CA GLY A 933 23.96 -31.23 -22.80
C GLY A 933 24.29 -32.51 -23.52
N LEU A 934 23.71 -33.64 -23.12
CA LEU A 934 23.96 -34.93 -23.75
C LEU A 934 22.70 -35.42 -24.45
N VAL A 935 22.89 -36.08 -25.59
CA VAL A 935 21.78 -36.60 -26.38
C VAL A 935 21.29 -37.88 -25.71
N VAL A 936 20.24 -37.76 -24.89
CA VAL A 936 19.71 -38.92 -24.20
C VAL A 936 19.01 -39.87 -25.16
N ALA A 937 18.19 -39.32 -26.07
CA ALA A 937 17.44 -40.13 -27.02
C ALA A 937 17.47 -39.47 -28.39
N GLU A 938 17.25 -40.28 -29.42
CA GLU A 938 17.24 -39.79 -30.80
C GLU A 938 16.50 -40.78 -31.67
N GLY A 939 15.38 -40.38 -32.23
CA GLY A 939 14.61 -41.23 -33.11
C GLY A 939 13.15 -40.83 -33.11
N THR A 940 12.34 -41.67 -33.73
CA THR A 940 10.90 -41.44 -33.81
C THR A 940 10.28 -41.51 -32.42
N PRO A 941 9.11 -40.90 -32.23
CA PRO A 941 8.49 -40.91 -30.89
C PRO A 941 8.31 -42.30 -30.31
N GLU A 942 7.97 -43.29 -31.14
CA GLU A 942 7.84 -44.66 -30.65
C GLU A 942 9.17 -45.18 -30.14
N GLU A 943 10.26 -44.89 -30.85
CA GLU A 943 11.58 -45.30 -30.39
C GLU A 943 11.99 -44.58 -29.11
N VAL A 944 11.70 -43.28 -29.03
CA VAL A 944 12.07 -42.48 -27.87
C VAL A 944 11.31 -42.95 -26.63
N ALA A 945 10.05 -43.38 -26.80
CA ALA A 945 9.26 -43.82 -25.67
C ALA A 945 9.83 -45.06 -25.00
N LYS A 946 10.74 -45.78 -25.65
CA LYS A 946 11.34 -46.98 -25.10
C LYS A 946 12.60 -46.69 -24.28
N VAL A 947 12.98 -45.43 -24.15
CA VAL A 947 14.16 -45.05 -23.37
C VAL A 947 13.68 -44.54 -22.02
N GLU A 948 13.94 -45.30 -20.96
CA GLU A 948 13.51 -44.91 -19.63
C GLU A 948 14.41 -43.86 -18.99
N ASN A 949 15.59 -43.61 -19.57
CA ASN A 949 16.50 -42.62 -19.00
C ASN A 949 15.97 -41.20 -19.17
N SER A 950 15.14 -40.99 -20.19
CA SER A 950 14.64 -39.65 -20.51
C SER A 950 13.23 -39.47 -19.99
N TYR A 951 12.99 -38.28 -19.41
CA TYR A 951 11.64 -37.96 -18.94
C TYR A 951 10.68 -37.77 -20.11
N THR A 952 11.18 -37.29 -21.25
CA THR A 952 10.34 -37.13 -22.42
C THR A 952 9.76 -38.47 -22.86
N GLY A 953 10.58 -39.52 -22.84
CA GLY A 953 10.07 -40.84 -23.16
C GLY A 953 9.02 -41.33 -22.19
N GLN A 954 9.23 -41.06 -20.90
CA GLN A 954 8.26 -41.47 -19.88
C GLN A 954 6.93 -40.76 -20.09
N PHE A 955 6.97 -39.47 -20.44
CA PHE A 955 5.73 -38.74 -20.67
C PHE A 955 5.08 -39.13 -21.99
N LEU A 956 5.87 -39.49 -22.99
CA LEU A 956 5.31 -39.90 -24.27
C LEU A 956 4.72 -41.30 -24.20
N LYS A 957 5.20 -42.13 -23.27
CA LYS A 957 4.66 -43.47 -23.14
C LYS A 957 3.19 -43.45 -22.75
N LYS A 958 2.81 -42.55 -21.83
CA LYS A 958 1.42 -42.46 -21.41
C LYS A 958 0.51 -42.00 -22.55
N VAL A 959 0.96 -41.03 -23.34
CA VAL A 959 0.14 -40.49 -24.42
C VAL A 959 -0.11 -41.57 -25.48
N LEU A 960 0.93 -42.28 -25.87
CA LEU A 960 0.81 -43.31 -26.90
C LEU A 960 0.34 -44.64 -26.31
N ASP B 24 -18.89 -8.39 7.80
CA ASP B 24 -19.92 -8.10 8.78
C ASP B 24 -19.31 -7.77 10.14
N TYR B 25 -18.19 -8.42 10.47
CA TYR B 25 -17.53 -8.22 11.74
C TYR B 25 -16.03 -8.13 11.54
N ILE B 26 -15.35 -7.54 12.51
CA ILE B 26 -13.90 -7.38 12.51
C ILE B 26 -13.33 -8.16 13.69
N VAL B 27 -13.95 -9.32 13.96
CA VAL B 27 -13.68 -10.11 15.15
C VAL B 27 -12.18 -10.22 15.40
N VAL B 28 -11.77 -9.89 16.62
CA VAL B 28 -10.38 -9.96 17.06
C VAL B 28 -10.31 -10.87 18.27
N LYS B 29 -9.41 -11.85 18.22
CA LYS B 29 -9.23 -12.78 19.33
C LYS B 29 -7.76 -12.87 19.68
N GLY B 30 -7.48 -13.11 20.96
CA GLY B 30 -6.11 -13.25 21.42
C GLY B 30 -5.29 -11.99 21.34
N ALA B 31 -5.84 -10.85 21.77
CA ALA B 31 -5.11 -9.58 21.75
C ALA B 31 -4.43 -9.38 23.09
N ARG B 32 -3.10 -9.23 23.06
CA ARG B 32 -2.32 -9.03 24.28
C ARG B 32 -1.29 -7.91 24.12
N GLU B 33 -1.52 -6.98 23.20
CA GLU B 33 -0.61 -5.85 23.03
C GLU B 33 -0.66 -4.95 24.25
N HIS B 34 0.51 -4.42 24.64
CA HIS B 34 0.64 -3.53 25.79
C HIS B 34 0.08 -4.16 27.06
N ASN B 35 -1.11 -3.74 27.48
CA ASN B 35 -1.71 -4.23 28.71
C ASN B 35 -3.06 -4.92 28.50
N LEU B 36 -3.39 -5.28 27.26
CA LEU B 36 -4.62 -6.04 27.02
C LEU B 36 -4.47 -7.45 27.57
N LYS B 37 -5.44 -7.88 28.36
CA LYS B 37 -5.37 -9.17 29.05
C LYS B 37 -6.13 -10.25 28.28
N ASN B 38 -5.67 -10.51 27.05
CA ASN B 38 -6.15 -11.61 26.23
C ASN B 38 -7.68 -11.59 26.10
N ILE B 39 -8.18 -10.53 25.47
CA ILE B 39 -9.61 -10.31 25.33
C ILE B 39 -10.01 -10.51 23.88
N ASP B 40 -11.26 -10.93 23.67
CA ASP B 40 -11.83 -11.12 22.35
C ASP B 40 -12.97 -10.13 22.17
N VAL B 41 -12.90 -9.34 21.10
CA VAL B 41 -13.87 -8.28 20.83
C VAL B 41 -14.38 -8.42 19.41
N LYS B 42 -15.70 -8.36 19.24
CA LYS B 42 -16.33 -8.38 17.93
C LYS B 42 -16.88 -6.99 17.63
N ILE B 43 -16.40 -6.40 16.55
CA ILE B 43 -16.76 -5.03 16.15
C ILE B 43 -17.64 -5.11 14.92
N PRO B 44 -18.89 -4.62 14.97
CA PRO B 44 -19.74 -4.65 13.78
C PRO B 44 -19.19 -3.74 12.69
N ARG B 45 -19.50 -4.09 11.45
CA ARG B 45 -19.05 -3.33 10.29
C ARG B 45 -20.18 -2.44 9.78
N ASP B 46 -19.78 -1.31 9.18
CA ASP B 46 -20.72 -0.31 8.66
C ASP B 46 -21.65 0.20 9.77
N LYS B 47 -21.05 0.80 10.78
CA LYS B 47 -21.79 1.30 11.93
C LYS B 47 -20.93 2.35 12.63
N PHE B 48 -21.48 2.92 13.71
CA PHE B 48 -20.79 3.90 14.54
C PHE B 48 -20.46 3.23 15.86
N VAL B 49 -19.18 2.93 16.07
CA VAL B 49 -18.71 2.21 17.24
C VAL B 49 -17.80 3.13 18.03
N VAL B 50 -18.03 3.20 19.35
CA VAL B 50 -17.27 4.07 20.25
C VAL B 50 -16.57 3.21 21.29
N ILE B 51 -15.28 3.45 21.49
CA ILE B 51 -14.49 2.77 22.51
C ILE B 51 -14.33 3.71 23.68
N THR B 52 -14.91 3.34 24.83
CA THR B 52 -14.89 4.18 26.01
C THR B 52 -14.11 3.48 27.12
N GLY B 53 -13.75 4.25 28.14
CA GLY B 53 -13.01 3.72 29.27
C GLY B 53 -12.19 4.82 29.92
N LEU B 54 -11.55 4.45 31.02
CA LEU B 54 -10.73 5.39 31.76
C LEU B 54 -9.43 5.68 31.01
N SER B 55 -8.73 6.72 31.45
CA SER B 55 -7.45 7.06 30.88
C SER B 55 -6.41 6.01 31.27
N GLY B 56 -5.88 5.32 30.27
CA GLY B 56 -4.99 4.20 30.50
C GLY B 56 -5.64 2.84 30.44
N SER B 57 -6.92 2.77 30.04
CA SER B 57 -7.59 1.48 29.95
C SER B 57 -6.98 0.59 28.88
N GLY B 58 -6.63 1.17 27.73
CA GLY B 58 -6.08 0.42 26.63
C GLY B 58 -6.88 0.58 25.35
N LYS B 59 -7.61 1.69 25.22
CA LYS B 59 -8.41 1.91 24.02
C LYS B 59 -7.55 2.19 22.81
N SER B 60 -6.57 3.09 22.95
CA SER B 60 -5.69 3.40 21.83
C SER B 60 -4.85 2.18 21.45
N SER B 61 -4.34 1.45 22.44
CA SER B 61 -3.59 0.24 22.14
C SER B 61 -4.48 -0.83 21.53
N LEU B 62 -5.79 -0.81 21.83
CA LEU B 62 -6.70 -1.78 21.23
C LEU B 62 -6.99 -1.44 19.78
N ALA B 63 -7.20 -0.16 19.46
CA ALA B 63 -7.56 0.19 18.09
C ALA B 63 -6.34 0.52 17.23
N PHE B 64 -5.63 1.60 17.56
CA PHE B 64 -4.58 2.09 16.70
C PHE B 64 -3.36 1.17 16.68
N ASP B 65 -3.03 0.56 17.82
CA ASP B 65 -1.84 -0.27 17.91
C ASP B 65 -2.08 -1.71 17.51
N THR B 66 -3.33 -2.15 17.41
CA THR B 66 -3.63 -3.53 17.01
C THR B 66 -4.35 -3.61 15.67
N ILE B 67 -5.53 -3.01 15.54
CA ILE B 67 -6.32 -3.21 14.32
C ILE B 67 -5.69 -2.45 13.15
N TYR B 68 -5.35 -1.18 13.38
CA TYR B 68 -4.71 -0.40 12.33
C TYR B 68 -3.34 -0.97 12.00
N ALA B 69 -2.60 -1.42 12.99
CA ALA B 69 -1.29 -2.01 12.74
C ALA B 69 -1.41 -3.26 11.89
N GLU B 70 -2.37 -4.15 12.23
CA GLU B 70 -2.56 -5.36 11.44
C GLU B 70 -2.99 -5.03 10.01
N GLY B 71 -3.91 -4.09 9.85
CA GLY B 71 -4.34 -3.71 8.51
C GLY B 71 -3.21 -3.15 7.66
N GLN B 72 -2.44 -2.23 8.24
CA GLN B 72 -1.33 -1.63 7.52
C GLN B 72 -0.28 -2.68 7.17
N ARG B 73 0.05 -3.57 8.11
CA ARG B 73 1.04 -4.60 7.84
C ARG B 73 0.58 -5.56 6.75
N ARG B 74 -0.70 -5.95 6.78
CA ARG B 74 -1.21 -6.85 5.77
C ARG B 74 -1.24 -6.20 4.39
N TYR B 75 -1.60 -4.91 4.33
CA TYR B 75 -1.59 -4.22 3.04
C TYR B 75 -0.18 -3.89 2.56
N VAL B 76 0.79 -3.85 3.46
CA VAL B 76 2.16 -3.52 3.08
C VAL B 76 2.95 -4.76 2.66
N GLU B 77 2.70 -5.91 3.30
CA GLU B 77 3.42 -7.12 2.96
C GLU B 77 3.23 -7.55 1.51
N SER B 78 2.12 -7.15 0.88
CA SER B 78 1.87 -7.51 -0.50
C SER B 78 2.62 -6.65 -1.50
N LEU B 79 3.30 -5.60 -1.05
CA LEU B 79 4.06 -4.73 -1.94
C LEU B 79 5.50 -5.20 -2.04
N SER B 80 6.23 -4.59 -2.97
CA SER B 80 7.62 -4.96 -3.20
C SER B 80 8.51 -4.48 -2.06
N SER B 81 9.76 -4.93 -2.09
CA SER B 81 10.71 -4.52 -1.05
C SER B 81 11.00 -3.01 -1.14
N TYR B 82 11.10 -2.48 -2.37
CA TYR B 82 11.35 -1.05 -2.54
C TYR B 82 10.19 -0.23 -1.96
N ALA B 83 8.96 -0.64 -2.25
CA ALA B 83 7.79 0.08 -1.72
C ALA B 83 7.74 -0.01 -0.21
N ARG B 84 8.04 -1.19 0.35
CA ARG B 84 8.04 -1.33 1.80
C ARG B 84 9.11 -0.44 2.44
N GLN B 85 10.29 -0.37 1.83
CA GLN B 85 11.33 0.50 2.36
C GLN B 85 10.93 1.97 2.27
N PHE B 86 10.28 2.37 1.18
CA PHE B 86 9.87 3.75 1.00
C PHE B 86 8.66 4.14 1.82
N LEU B 87 7.88 3.17 2.31
CA LEU B 87 6.70 3.44 3.12
C LEU B 87 6.98 3.32 4.62
N GLY B 88 7.47 2.17 5.07
CA GLY B 88 7.74 1.96 6.47
C GLY B 88 6.70 1.11 7.16
N GLN B 89 7.01 -0.16 7.39
CA GLN B 89 6.09 -1.06 8.08
C GLN B 89 6.15 -0.81 9.58
N MET B 90 5.00 -0.87 10.23
CA MET B 90 4.91 -0.69 11.67
C MET B 90 5.13 -2.02 12.39
N GLU B 91 5.13 -1.97 13.71
CA GLU B 91 5.38 -3.17 14.51
C GLU B 91 4.25 -4.17 14.37
N LYS B 92 4.60 -5.44 14.41
CA LYS B 92 3.60 -6.51 14.33
C LYS B 92 2.82 -6.59 15.63
N PRO B 93 1.50 -6.44 15.61
CA PRO B 93 0.72 -6.53 16.85
C PRO B 93 0.77 -7.94 17.43
N ASP B 94 0.68 -8.00 18.76
CA ASP B 94 0.69 -9.28 19.48
C ASP B 94 -0.72 -9.84 19.57
N VAL B 95 -1.31 -10.09 18.40
CA VAL B 95 -2.68 -10.58 18.29
C VAL B 95 -2.67 -11.81 17.38
N ASP B 96 -3.50 -12.79 17.73
CA ASP B 96 -3.54 -14.06 17.00
C ASP B 96 -4.53 -14.04 15.85
N TYR B 97 -5.80 -13.77 16.15
CA TYR B 97 -6.89 -13.91 15.18
C TYR B 97 -7.44 -12.52 14.87
N ILE B 98 -7.40 -12.15 13.59
CA ILE B 98 -8.04 -10.93 13.10
C ILE B 98 -8.63 -11.24 11.72
N ASP B 99 -9.95 -11.15 11.59
CA ASP B 99 -10.63 -11.44 10.34
C ASP B 99 -11.65 -10.36 10.04
N GLY B 100 -11.99 -10.24 8.76
CA GLY B 100 -12.90 -9.20 8.33
C GLY B 100 -12.30 -7.83 8.17
N LEU B 101 -10.97 -7.73 8.15
CA LEU B 101 -10.31 -6.44 8.04
C LEU B 101 -10.54 -5.83 6.66
N SER B 102 -10.06 -4.61 6.51
CA SER B 102 -10.26 -3.82 5.30
C SER B 102 -9.21 -2.72 5.29
N PRO B 103 -8.95 -2.10 4.13
CA PRO B 103 -8.07 -0.93 4.11
C PRO B 103 -8.58 0.13 5.08
N ALA B 104 -7.69 0.63 5.91
CA ALA B 104 -8.06 1.49 7.04
C ALA B 104 -7.28 2.79 7.00
N ILE B 105 -7.97 3.88 7.31
CA ILE B 105 -7.36 5.20 7.45
C ILE B 105 -7.54 5.64 8.90
N ALA B 106 -6.43 5.98 9.56
CA ALA B 106 -6.44 6.30 10.97
C ALA B 106 -5.82 7.68 11.20
N ILE B 107 -6.39 8.41 12.15
CA ILE B 107 -5.89 9.72 12.56
C ILE B 107 -5.34 9.56 13.97
N ASP B 108 -4.05 9.82 14.13
CA ASP B 108 -3.38 9.61 15.41
C ASP B 108 -3.86 10.62 16.45
N GLN B 109 -3.89 10.16 17.71
CA GLN B 109 -4.30 11.03 18.80
C GLN B 109 -3.31 12.17 19.00
N LYS B 110 -2.02 11.90 18.87
CA LYS B 110 -0.99 12.90 19.14
C LYS B 110 -1.07 14.05 18.13
N THR B 111 -0.96 15.27 18.63
CA THR B 111 -0.97 16.45 17.80
C THR B 111 0.35 16.60 17.05
N THR B 112 0.27 17.12 15.83
CA THR B 112 1.44 17.32 14.98
C THR B 112 1.76 18.80 14.89
N SER B 113 3.04 19.13 15.06
CA SER B 113 3.50 20.51 14.96
C SER B 113 3.98 20.78 13.54
N ARG B 114 3.49 21.86 12.94
CA ARG B 114 3.78 22.20 11.56
C ARG B 114 4.83 23.30 11.49
N ASN B 115 5.74 23.19 10.52
CA ASN B 115 6.73 24.21 10.30
C ASN B 115 6.07 25.47 9.75
N PRO B 116 6.69 26.65 9.96
CA PRO B 116 6.05 27.89 9.49
C PRO B 116 5.82 27.94 7.99
N ARG B 117 6.62 27.24 7.21
CA ARG B 117 6.45 27.26 5.75
C ARG B 117 5.14 26.61 5.32
N SER B 118 4.58 25.73 6.12
CA SER B 118 3.33 25.07 5.76
C SER B 118 2.17 26.05 5.79
N THR B 119 1.21 25.84 4.89
CA THR B 119 0.00 26.63 4.80
C THR B 119 -1.21 25.70 4.88
N VAL B 120 -2.40 26.31 4.92
CA VAL B 120 -3.63 25.52 5.00
C VAL B 120 -3.82 24.69 3.74
N GLY B 121 -3.62 25.31 2.58
CA GLY B 121 -3.79 24.59 1.33
C GLY B 121 -2.78 23.47 1.15
N THR B 122 -1.53 23.72 1.54
CA THR B 122 -0.50 22.68 1.43
C THR B 122 -0.81 21.51 2.36
N VAL B 123 -1.24 21.79 3.59
CA VAL B 123 -1.54 20.73 4.53
C VAL B 123 -2.76 19.93 4.08
N THR B 124 -3.80 20.60 3.62
CA THR B 124 -5.03 19.93 3.21
C THR B 124 -4.92 19.34 1.81
N GLU B 125 -3.80 19.56 1.12
CA GLU B 125 -3.51 19.09 -0.24
C GLU B 125 -4.38 19.74 -1.30
N ILE B 126 -5.15 20.78 -0.96
CA ILE B 126 -5.91 21.48 -1.97
C ILE B 126 -4.99 22.22 -2.93
N TYR B 127 -3.81 22.63 -2.46
CA TYR B 127 -2.86 23.33 -3.33
C TYR B 127 -2.39 22.44 -4.47
N ASP B 128 -2.12 21.16 -4.19
CA ASP B 128 -1.68 20.25 -5.25
C ASP B 128 -2.77 20.04 -6.28
N TYR B 129 -4.01 19.85 -5.84
CA TYR B 129 -5.12 19.72 -6.79
C TYR B 129 -5.30 20.99 -7.61
N LEU B 130 -5.16 22.16 -6.97
CA LEU B 130 -5.25 23.42 -7.70
C LEU B 130 -4.16 23.52 -8.76
N ARG B 131 -2.92 23.15 -8.41
CA ARG B 131 -1.82 23.21 -9.36
C ARG B 131 -2.07 22.25 -10.53
N LEU B 132 -2.53 21.04 -10.24
CA LEU B 132 -2.83 20.09 -11.30
C LEU B 132 -3.93 20.60 -12.23
N LEU B 133 -5.00 21.16 -11.65
CA LEU B 133 -6.09 21.68 -12.46
C LEU B 133 -5.63 22.85 -13.32
N PHE B 134 -4.80 23.74 -12.75
CA PHE B 134 -4.35 24.90 -13.52
C PHE B 134 -3.34 24.50 -14.59
N ALA B 135 -2.58 23.43 -14.37
CA ALA B 135 -1.67 22.96 -15.41
C ALA B 135 -2.38 22.22 -16.52
N ARG B 136 -3.47 21.50 -16.20
CA ARG B 136 -4.17 20.72 -17.21
C ARG B 136 -5.28 21.48 -17.91
N ILE B 137 -5.74 22.61 -17.35
CA ILE B 137 -6.84 23.35 -17.93
C ILE B 137 -6.50 24.81 -18.22
N GLY B 138 -5.51 25.39 -17.54
CA GLY B 138 -5.16 26.78 -17.74
C GLY B 138 -4.75 27.11 -19.16
N THR B 139 -5.32 28.17 -19.71
CA THR B 139 -5.05 28.57 -21.09
C THR B 139 -3.79 29.43 -21.18
N VAL B 443 -2.13 31.69 -17.22
CA VAL B 443 -3.08 30.59 -17.01
C VAL B 443 -4.18 31.04 -16.06
N THR B 444 -5.41 31.12 -16.57
CA THR B 444 -6.56 31.54 -15.79
C THR B 444 -7.71 30.59 -16.03
N ILE B 445 -8.39 30.19 -14.96
CA ILE B 445 -9.57 29.32 -15.03
C ILE B 445 -10.75 30.09 -14.46
N GLY B 446 -11.80 30.26 -15.27
CA GLY B 446 -12.96 31.01 -14.84
C GLY B 446 -12.65 32.46 -14.50
N GLY B 447 -11.75 33.08 -15.27
CA GLY B 447 -11.37 34.45 -14.99
C GLY B 447 -10.65 34.62 -13.68
N LYS B 448 -9.70 33.74 -13.37
CA LYS B 448 -8.98 33.80 -12.11
C LYS B 448 -7.68 33.03 -12.24
N ASN B 449 -6.57 33.65 -11.85
CA ASN B 449 -5.29 32.98 -11.85
C ASN B 449 -5.11 32.17 -10.56
N ILE B 450 -3.96 31.54 -10.42
CA ILE B 450 -3.72 30.68 -9.26
C ILE B 450 -3.57 31.50 -7.98
N TYR B 451 -2.90 32.64 -8.06
CA TYR B 451 -2.59 33.42 -6.86
C TYR B 451 -3.86 33.97 -6.21
N GLU B 452 -4.78 34.50 -7.01
CA GLU B 452 -5.97 35.13 -6.43
C GLU B 452 -6.91 34.11 -5.82
N VAL B 453 -6.90 32.87 -6.29
CA VAL B 453 -7.70 31.83 -5.66
C VAL B 453 -6.95 31.19 -4.50
N CYS B 454 -5.62 31.27 -4.49
CA CYS B 454 -4.86 30.82 -3.33
C CYS B 454 -5.04 31.76 -2.14
N CYS B 455 -5.08 33.07 -2.40
CA CYS B 455 -5.33 34.05 -1.34
C CYS B 455 -6.82 34.36 -1.22
N LEU B 456 -7.62 33.32 -1.00
CA LEU B 456 -9.07 33.45 -0.96
C LEU B 456 -9.63 32.68 0.23
N SER B 457 -10.76 33.14 0.73
CA SER B 457 -11.43 32.48 1.85
C SER B 457 -12.03 31.15 1.41
N ILE B 458 -12.21 30.25 2.38
CA ILE B 458 -12.69 28.90 2.06
C ILE B 458 -14.11 28.94 1.51
N GLY B 459 -14.99 29.71 2.14
CA GLY B 459 -16.38 29.75 1.68
C GLY B 459 -16.52 30.33 0.28
N GLU B 460 -15.85 31.46 0.03
CA GLU B 460 -15.92 32.06 -1.30
C GLU B 460 -15.19 31.22 -2.33
N ALA B 461 -14.11 30.54 -1.94
CA ALA B 461 -13.46 29.61 -2.86
C ALA B 461 -14.38 28.47 -3.25
N LYS B 462 -15.11 27.92 -2.28
CA LYS B 462 -16.08 26.87 -2.59
C LYS B 462 -17.19 27.39 -3.50
N GLU B 463 -17.67 28.60 -3.23
CA GLU B 463 -18.71 29.19 -4.09
C GLU B 463 -18.19 29.40 -5.51
N PHE B 464 -16.95 29.86 -5.65
CA PHE B 464 -16.36 30.10 -6.97
C PHE B 464 -16.14 28.80 -7.72
N PHE B 465 -15.71 27.75 -7.01
CA PHE B 465 -15.49 26.45 -7.65
C PHE B 465 -16.79 25.74 -7.99
N ALA B 466 -17.87 26.01 -7.25
CA ALA B 466 -19.14 25.38 -7.55
C ALA B 466 -19.88 26.07 -8.69
N ASN B 467 -19.37 27.21 -9.17
CA ASN B 467 -20.00 27.95 -10.26
C ASN B 467 -19.12 28.02 -11.49
N LEU B 468 -18.18 27.09 -11.65
CA LEU B 468 -17.30 27.09 -12.80
C LEU B 468 -18.08 26.76 -14.07
N ASN B 469 -17.71 27.40 -15.18
CA ASN B 469 -18.43 27.27 -16.46
C ASN B 469 -17.43 26.92 -17.56
N LEU B 470 -16.57 25.94 -17.28
CA LEU B 470 -15.61 25.46 -18.26
C LEU B 470 -16.30 24.61 -19.33
N THR B 471 -15.58 24.40 -20.43
CA THR B 471 -16.15 23.68 -21.57
C THR B 471 -16.27 22.19 -21.25
N GLU B 472 -16.97 21.47 -22.15
CA GLU B 472 -17.22 20.05 -21.93
C GLU B 472 -15.93 19.24 -21.96
N ARG B 473 -15.01 19.56 -22.87
CA ARG B 473 -13.75 18.83 -22.93
C ARG B 473 -12.95 19.01 -21.65
N GLN B 474 -12.89 20.23 -21.13
CA GLN B 474 -12.18 20.48 -19.88
C GLN B 474 -12.86 19.75 -18.72
N GLN B 475 -14.19 19.72 -18.71
CA GLN B 475 -14.91 18.99 -17.68
C GLN B 475 -14.58 17.51 -17.72
N LEU B 476 -14.53 16.93 -18.92
CA LEU B 476 -14.18 15.52 -19.05
C LEU B 476 -12.74 15.28 -18.62
N ILE B 477 -11.83 16.20 -18.94
CA ILE B 477 -10.42 16.02 -18.60
C ILE B 477 -10.21 16.08 -17.10
N ALA B 478 -10.82 17.07 -16.44
CA ALA B 478 -10.56 17.37 -15.04
C ALA B 478 -11.80 17.15 -14.17
N ARG B 479 -12.50 16.04 -14.38
CA ARG B 479 -13.66 15.73 -13.55
C ARG B 479 -13.24 15.32 -12.14
N GLN B 480 -12.23 14.45 -12.03
CA GLN B 480 -11.84 13.95 -10.72
C GLN B 480 -11.24 15.03 -9.85
N ILE B 481 -10.44 15.93 -10.43
CA ILE B 481 -9.85 17.03 -9.67
C ILE B 481 -10.94 17.93 -9.13
N LEU B 482 -11.92 18.27 -9.97
CA LEU B 482 -13.03 19.12 -9.53
C LEU B 482 -13.83 18.43 -8.44
N LYS B 483 -14.08 17.13 -8.58
CA LYS B 483 -14.84 16.40 -7.57
C LYS B 483 -14.11 16.40 -6.23
N GLU B 484 -12.80 16.14 -6.26
CA GLU B 484 -12.02 16.11 -5.03
C GLU B 484 -11.99 17.48 -4.36
N ILE B 485 -11.78 18.54 -5.14
CA ILE B 485 -11.75 19.89 -4.59
C ILE B 485 -13.09 20.25 -3.99
N ASN B 486 -14.18 19.93 -4.70
CA ASN B 486 -15.52 20.25 -4.19
C ASN B 486 -15.81 19.51 -2.90
N ALA B 487 -15.46 18.22 -2.84
CA ALA B 487 -15.71 17.45 -1.62
C ALA B 487 -14.90 17.99 -0.45
N ARG B 488 -13.63 18.33 -0.69
CA ARG B 488 -12.79 18.85 0.38
C ARG B 488 -13.31 20.18 0.90
N LEU B 489 -13.66 21.09 -0.01
CA LEU B 489 -14.18 22.39 0.40
C LEU B 489 -15.53 22.25 1.08
N GLY B 490 -16.36 21.30 0.63
CA GLY B 490 -17.62 21.06 1.29
C GLY B 490 -17.44 20.57 2.72
N PHE B 491 -16.50 19.66 2.94
CA PHE B 491 -16.22 19.21 4.30
C PHE B 491 -15.70 20.36 5.15
N LEU B 492 -14.79 21.17 4.61
CA LEU B 492 -14.24 22.29 5.38
C LEU B 492 -15.32 23.31 5.73
N VAL B 493 -16.28 23.53 4.84
CA VAL B 493 -17.40 24.41 5.16
C VAL B 493 -18.32 23.76 6.19
N ASP B 494 -18.55 22.45 6.07
CA ASP B 494 -19.48 21.75 6.95
C ASP B 494 -18.98 21.80 8.40
N VAL B 495 -17.68 21.53 8.60
CA VAL B 495 -17.16 21.52 9.97
C VAL B 495 -17.21 22.91 10.59
N GLY B 496 -17.36 23.96 9.79
CA GLY B 496 -17.50 25.31 10.32
C GLY B 496 -16.22 26.10 10.25
N LEU B 497 -15.47 25.95 9.17
CA LEU B 497 -14.16 26.57 9.02
C LEU B 497 -14.07 27.39 7.73
N ASP B 498 -15.09 28.22 7.46
CA ASP B 498 -15.12 28.96 6.20
C ASP B 498 -14.57 30.37 6.33
N TYR B 499 -14.06 30.76 7.50
CA TYR B 499 -13.50 32.10 7.68
C TYR B 499 -12.00 32.16 7.42
N LEU B 500 -11.36 31.03 7.13
CA LEU B 500 -9.92 31.01 6.91
C LEU B 500 -9.61 31.15 5.42
N THR B 501 -8.34 31.45 5.14
CA THR B 501 -7.85 31.59 3.78
C THR B 501 -6.84 30.49 3.50
N LEU B 502 -6.75 30.07 2.23
CA LEU B 502 -5.88 28.97 1.84
C LEU B 502 -4.41 29.33 2.02
N ALA B 503 -4.10 30.62 2.13
CA ALA B 503 -2.73 31.09 2.30
C ALA B 503 -2.37 31.28 3.77
N ARG B 504 -3.28 30.95 4.68
CA ARG B 504 -3.04 31.12 6.11
C ARG B 504 -2.05 30.05 6.56
N ALA B 505 -1.02 30.47 7.30
CA ALA B 505 -0.01 29.54 7.80
C ALA B 505 -0.62 28.58 8.80
N ALA B 506 -0.24 27.30 8.69
CA ALA B 506 -0.80 26.29 9.59
C ALA B 506 -0.22 26.38 10.99
N GLY B 507 0.94 27.01 11.16
CA GLY B 507 1.55 27.13 12.47
C GLY B 507 1.02 28.24 13.34
N THR B 508 0.04 29.01 12.86
CA THR B 508 -0.54 30.11 13.62
C THR B 508 -2.04 29.91 13.84
N LEU B 509 -2.49 28.67 13.96
CA LEU B 509 -3.90 28.39 14.17
C LEU B 509 -4.16 27.88 15.58
N SER B 510 -5.42 27.96 15.99
CA SER B 510 -5.82 27.49 17.31
C SER B 510 -5.86 25.96 17.33
N GLY B 511 -6.11 25.39 18.52
CA GLY B 511 -6.15 23.95 18.65
C GLY B 511 -7.30 23.33 17.87
N GLY B 512 -8.49 23.91 18.00
CA GLY B 512 -9.65 23.36 17.30
C GLY B 512 -9.55 23.48 15.80
N GLU B 513 -9.07 24.63 15.31
CA GLU B 513 -8.91 24.81 13.87
C GLU B 513 -7.86 23.85 13.31
N ALA B 514 -6.75 23.67 14.03
CA ALA B 514 -5.73 22.72 13.58
C ALA B 514 -6.27 21.30 13.58
N GLN B 515 -7.06 20.95 14.60
CA GLN B 515 -7.66 19.62 14.63
C GLN B 515 -8.62 19.41 13.46
N ARG B 516 -9.42 20.43 13.14
CA ARG B 516 -10.33 20.33 12.01
C ARG B 516 -9.57 20.20 10.69
N ILE B 517 -8.46 20.94 10.55
CA ILE B 517 -7.64 20.83 9.35
C ILE B 517 -7.06 19.42 9.23
N ARG B 518 -6.58 18.87 10.35
CA ARG B 518 -6.05 17.52 10.33
C ARG B 518 -7.12 16.50 9.95
N LEU B 519 -8.34 16.69 10.46
CA LEU B 519 -9.45 15.81 10.09
C LEU B 519 -9.79 15.94 8.61
N ALA B 520 -9.75 17.16 8.08
CA ALA B 520 -10.11 17.38 6.68
C ALA B 520 -9.04 16.81 5.75
N THR B 521 -7.79 16.76 6.21
CA THR B 521 -6.72 16.21 5.39
C THR B 521 -6.97 14.76 5.01
N GLN B 522 -7.51 13.95 5.92
CA GLN B 522 -7.70 12.52 5.69
C GLN B 522 -9.14 12.16 5.41
N ILE B 523 -10.09 12.58 6.26
CA ILE B 523 -11.48 12.19 6.11
C ILE B 523 -12.26 13.14 5.22
N GLY B 524 -11.58 14.05 4.51
CA GLY B 524 -12.24 14.99 3.64
C GLY B 524 -12.95 14.34 2.47
N SER B 525 -12.18 13.73 1.57
CA SER B 525 -12.74 13.00 0.44
C SER B 525 -13.03 11.57 0.87
N GLY B 526 -14.30 11.28 1.14
CA GLY B 526 -14.67 9.98 1.63
C GLY B 526 -14.56 8.90 0.57
N LEU B 527 -14.46 7.65 1.04
CA LEU B 527 -14.38 6.50 0.16
C LEU B 527 -15.49 5.51 0.50
N MET B 528 -15.45 4.33 -0.10
CA MET B 528 -16.47 3.31 0.12
C MET B 528 -15.82 2.03 0.62
N GLY B 529 -16.43 1.41 1.62
CA GLY B 529 -15.91 0.17 2.17
C GLY B 529 -14.55 0.29 2.81
N VAL B 530 -14.32 1.35 3.57
CA VAL B 530 -13.03 1.63 4.20
C VAL B 530 -13.27 1.88 5.69
N ILE B 531 -12.47 1.24 6.53
CA ILE B 531 -12.57 1.43 7.98
C ILE B 531 -11.86 2.72 8.36
N TYR B 532 -12.55 3.58 9.11
CA TYR B 532 -12.00 4.84 9.57
C TYR B 532 -11.79 4.76 11.08
N ILE B 533 -10.57 5.03 11.53
CA ILE B 533 -10.21 4.98 12.94
C ILE B 533 -9.85 6.38 13.37
N LEU B 534 -10.56 6.90 14.37
CA LEU B 534 -10.34 8.24 14.89
C LEU B 534 -10.07 8.16 16.39
N ASP B 535 -8.93 8.71 16.81
CA ASP B 535 -8.53 8.68 18.21
C ASP B 535 -8.71 10.09 18.79
N GLU B 536 -9.82 10.29 19.48
CA GLU B 536 -10.20 11.56 20.09
C GLU B 536 -10.15 12.69 19.06
N PRO B 537 -11.10 12.74 18.12
CA PRO B 537 -11.10 13.80 17.10
C PRO B 537 -11.74 15.10 17.54
N SER B 538 -12.07 15.25 18.82
CA SER B 538 -12.73 16.45 19.34
C SER B 538 -11.84 17.18 20.33
N ILE B 539 -10.57 17.33 19.99
CA ILE B 539 -9.63 18.04 20.86
C ILE B 539 -9.80 19.54 20.63
N GLY B 540 -10.13 20.26 21.71
CA GLY B 540 -10.31 21.70 21.61
C GLY B 540 -11.47 22.13 20.75
N LEU B 541 -12.60 21.43 20.83
CA LEU B 541 -13.78 21.74 20.04
C LEU B 541 -14.95 22.01 20.96
N HIS B 542 -15.71 23.06 20.66
CA HIS B 542 -16.90 23.38 21.41
C HIS B 542 -17.99 22.35 21.13
N GLN B 543 -19.11 22.48 21.87
CA GLN B 543 -20.22 21.56 21.68
C GLN B 543 -20.87 21.72 20.30
N ARG B 544 -20.97 22.96 19.81
CA ARG B 544 -21.50 23.20 18.48
C ARG B 544 -20.59 22.60 17.41
N ASP B 545 -19.29 22.83 17.54
CA ASP B 545 -18.34 22.26 16.58
C ASP B 545 -18.34 20.74 16.66
N ASN B 546 -18.46 20.18 17.86
CA ASN B 546 -18.54 18.74 18.02
C ASN B 546 -19.80 18.19 17.34
N ASP B 547 -20.93 18.88 17.49
CA ASP B 547 -22.17 18.42 16.85
C ASP B 547 -22.04 18.47 15.33
N ARG B 548 -21.44 19.54 14.80
CA ARG B 548 -21.24 19.62 13.35
C ARG B 548 -20.33 18.50 12.86
N LEU B 549 -19.24 18.23 13.59
CA LEU B 549 -18.35 17.15 13.20
C LEU B 549 -19.06 15.80 13.28
N LEU B 550 -19.92 15.62 14.28
CA LEU B 550 -20.69 14.38 14.38
C LEU B 550 -21.63 14.21 13.21
N ARG B 551 -22.28 15.29 12.78
CA ARG B 551 -23.15 15.21 11.62
C ARG B 551 -22.35 14.86 10.37
N SER B 552 -21.16 15.46 10.22
CA SER B 552 -20.31 15.13 9.08
C SER B 552 -19.87 13.66 9.12
N LEU B 553 -19.53 13.16 10.31
CA LEU B 553 -19.13 11.77 10.45
C LEU B 553 -20.28 10.82 10.12
N LYS B 554 -21.49 11.16 10.54
CA LYS B 554 -22.65 10.34 10.19
C LYS B 554 -22.90 10.35 8.69
N LYS B 555 -22.75 11.51 8.04
CA LYS B 555 -22.87 11.57 6.59
C LYS B 555 -21.82 10.71 5.91
N LEU B 556 -20.58 10.74 6.42
CA LEU B 556 -19.53 9.89 5.86
C LEU B 556 -19.84 8.41 6.05
N ARG B 557 -20.34 8.04 7.23
CA ARG B 557 -20.66 6.64 7.50
C ARG B 557 -21.81 6.15 6.64
N ASP B 558 -22.74 7.04 6.29
CA ASP B 558 -23.84 6.65 5.40
C ASP B 558 -23.36 6.24 4.02
N LEU B 559 -22.12 6.57 3.65
CA LEU B 559 -21.54 6.12 2.39
C LEU B 559 -21.22 4.64 2.37
N GLY B 560 -21.30 3.96 3.52
CA GLY B 560 -20.97 2.55 3.59
C GLY B 560 -19.58 2.29 4.13
N ASN B 561 -19.23 2.98 5.22
CA ASN B 561 -17.94 2.82 5.88
C ASN B 561 -18.15 2.42 7.34
N THR B 562 -17.06 2.03 7.98
CA THR B 562 -17.06 1.69 9.40
C THR B 562 -16.34 2.77 10.17
N LEU B 563 -16.93 3.22 11.28
CA LEU B 563 -16.36 4.28 12.10
C LEU B 563 -16.03 3.72 13.48
N LEU B 564 -14.77 3.86 13.88
CA LEU B 564 -14.29 3.45 15.20
C LEU B 564 -13.66 4.68 15.86
N VAL B 565 -14.34 5.24 16.84
CA VAL B 565 -13.92 6.47 17.50
C VAL B 565 -13.65 6.19 18.96
N VAL B 566 -12.50 6.63 19.45
CA VAL B 566 -12.13 6.54 20.86
C VAL B 566 -12.38 7.91 21.47
N GLU B 567 -13.42 8.01 22.32
CA GLU B 567 -13.85 9.30 22.81
C GLU B 567 -14.20 9.21 24.30
N HIS B 568 -14.05 10.35 24.97
CA HIS B 568 -14.48 10.51 26.37
C HIS B 568 -15.70 11.42 26.47
N ASP B 569 -16.24 11.87 25.34
CA ASP B 569 -17.34 12.81 25.30
C ASP B 569 -18.68 12.10 25.45
N GLU B 570 -19.63 12.79 26.08
CA GLU B 570 -20.97 12.24 26.24
C GLU B 570 -21.77 12.33 24.94
N ASP B 571 -21.57 13.39 24.16
CA ASP B 571 -22.30 13.55 22.91
C ASP B 571 -21.96 12.44 21.93
N THR B 572 -20.68 12.10 21.80
CA THR B 572 -20.27 11.03 20.90
C THR B 572 -20.82 9.69 21.36
N MET B 573 -20.81 9.44 22.67
CA MET B 573 -21.36 8.20 23.20
C MET B 573 -22.85 8.10 22.92
N TYR B 574 -23.59 9.20 23.09
CA TYR B 574 -25.03 9.18 22.84
C TYR B 574 -25.32 9.00 21.35
N ALA B 575 -24.51 9.61 20.49
CA ALA B 575 -24.72 9.51 19.04
C ALA B 575 -23.84 8.40 18.47
N SER B 576 -24.27 7.16 18.72
CA SER B 576 -23.54 5.98 18.25
C SER B 576 -24.50 4.81 18.18
N ASP B 577 -24.08 3.77 17.45
CA ASP B 577 -24.84 2.53 17.32
C ASP B 577 -24.35 1.43 18.24
N TYR B 578 -23.06 1.44 18.60
CA TYR B 578 -22.49 0.41 19.45
C TYR B 578 -21.38 1.03 20.28
N ILE B 579 -21.26 0.58 21.53
CA ILE B 579 -20.22 1.08 22.44
C ILE B 579 -19.53 -0.12 23.05
N ILE B 580 -18.19 -0.14 22.97
CA ILE B 580 -17.37 -1.16 23.58
C ILE B 580 -16.57 -0.50 24.70
N ASP B 581 -16.86 -0.86 25.94
CA ASP B 581 -16.26 -0.22 27.10
C ASP B 581 -15.17 -1.11 27.67
N LEU B 582 -13.97 -0.56 27.79
CA LEU B 582 -12.85 -1.28 28.40
C LEU B 582 -12.85 -1.02 29.91
N GLY B 583 -11.82 -1.49 30.60
CA GLY B 583 -11.69 -1.26 32.02
C GLY B 583 -11.16 -2.47 32.75
N PRO B 584 -11.53 -2.59 34.04
CA PRO B 584 -12.40 -1.71 34.80
C PRO B 584 -11.65 -0.51 35.39
N GLY B 585 -10.34 -0.46 35.22
CA GLY B 585 -9.54 0.63 35.76
C GLY B 585 -8.56 1.20 34.77
N ALA B 586 -7.29 1.26 35.14
CA ALA B 586 -6.26 1.79 34.27
C ALA B 586 -4.95 1.07 34.56
N GLY B 587 -4.04 1.15 33.59
CA GLY B 587 -2.74 0.51 33.74
C GLY B 587 -2.87 -0.99 33.89
N SER B 588 -2.19 -1.54 34.89
CA SER B 588 -2.21 -2.98 35.11
C SER B 588 -3.57 -3.48 35.59
N HIS B 589 -4.42 -2.60 36.11
CA HIS B 589 -5.72 -2.99 36.61
C HIS B 589 -6.80 -2.99 35.52
N GLY B 590 -6.46 -2.63 34.30
CA GLY B 590 -7.43 -2.60 33.22
C GLY B 590 -7.03 -3.48 32.05
N GLY B 591 -7.38 -3.05 30.84
CA GLY B 591 -7.04 -3.79 29.65
C GLY B 591 -8.04 -4.84 29.24
N GLN B 592 -9.13 -5.02 29.98
CA GLN B 592 -10.16 -5.99 29.65
C GLN B 592 -11.40 -5.27 29.13
N ILE B 593 -12.45 -6.04 28.87
CA ILE B 593 -13.74 -5.52 28.41
C ILE B 593 -14.74 -5.73 29.53
N VAL B 594 -15.45 -4.66 29.89
CA VAL B 594 -16.40 -4.69 30.99
C VAL B 594 -17.84 -4.75 30.50
N ALA B 595 -18.23 -3.84 29.61
CA ALA B 595 -19.60 -3.78 29.14
C ALA B 595 -19.61 -3.57 27.62
N GLU B 596 -20.69 -4.03 27.00
CA GLU B 596 -20.88 -3.87 25.57
C GLU B 596 -22.37 -3.71 25.28
N GLY B 597 -22.67 -3.06 24.16
CA GLY B 597 -24.04 -2.84 23.73
C GLY B 597 -24.26 -1.39 23.40
N THR B 598 -25.53 -1.00 23.38
CA THR B 598 -25.92 0.37 23.11
C THR B 598 -25.71 1.23 24.36
N VAL B 599 -26.15 2.49 24.30
CA VAL B 599 -25.95 3.40 25.42
C VAL B 599 -26.75 2.93 26.64
N GLU B 600 -28.00 2.52 26.43
CA GLU B 600 -28.83 2.08 27.54
C GLU B 600 -28.24 0.84 28.22
N GLU B 601 -27.77 -0.12 27.43
CA GLU B 601 -27.15 -1.30 28.00
C GLU B 601 -25.88 -0.95 28.77
N ILE B 602 -25.14 0.05 28.30
CA ILE B 602 -23.98 0.53 29.05
C ILE B 602 -24.41 1.13 30.38
N LYS B 603 -25.47 1.93 30.37
CA LYS B 603 -25.94 2.57 31.59
C LYS B 603 -26.41 1.54 32.61
N GLN B 604 -27.12 0.50 32.15
CA GLN B 604 -27.70 -0.47 33.06
C GLN B 604 -26.70 -1.53 33.54
N ASN B 605 -25.42 -1.41 33.19
CA ASN B 605 -24.43 -2.37 33.63
C ASN B 605 -23.67 -1.80 34.82
N PRO B 606 -23.82 -2.37 36.02
CA PRO B 606 -23.16 -1.79 37.20
C PRO B 606 -21.64 -1.79 37.12
N ASN B 607 -21.03 -2.78 36.45
CA ASN B 607 -19.58 -2.90 36.43
C ASN B 607 -18.90 -1.85 35.58
N SER B 608 -19.65 -1.08 34.79
CA SER B 608 -19.09 -0.09 33.88
C SER B 608 -19.03 1.27 34.57
N VAL B 609 -17.83 1.85 34.64
CA VAL B 609 -17.69 3.19 35.20
C VAL B 609 -18.36 4.22 34.28
N THR B 610 -18.19 4.06 32.97
CA THR B 610 -18.81 4.99 32.02
C THR B 610 -20.33 4.94 32.14
N GLY B 611 -20.90 3.75 32.29
CA GLY B 611 -22.34 3.65 32.50
C GLY B 611 -22.78 4.29 33.80
N GLU B 612 -21.98 4.13 34.85
CA GLU B 612 -22.30 4.77 36.13
C GLU B 612 -22.31 6.28 36.01
N TYR B 613 -21.35 6.84 35.27
CA TYR B 613 -21.30 8.29 35.11
C TYR B 613 -22.43 8.78 34.22
N LEU B 614 -22.74 8.05 33.14
CA LEU B 614 -23.81 8.46 32.24
C LEU B 614 -25.17 8.41 32.92
N SER B 615 -25.42 7.35 33.69
CA SER B 615 -26.71 7.18 34.35
C SER B 615 -26.94 8.17 35.48
N GLY B 616 -25.91 8.89 35.91
CA GLY B 616 -26.03 9.84 36.99
C GLY B 616 -25.80 9.27 38.37
N ARG B 617 -25.48 7.98 38.49
CA ARG B 617 -25.18 7.41 39.79
C ARG B 617 -23.95 8.08 40.41
N LYS B 618 -22.93 8.32 39.62
CA LYS B 618 -21.77 9.11 40.01
C LYS B 618 -21.66 10.30 39.07
N LYS B 619 -21.48 11.50 39.64
CA LYS B 619 -21.46 12.71 38.83
C LYS B 619 -20.68 13.78 39.56
N ILE B 620 -20.30 14.81 38.81
CA ILE B 620 -19.64 15.98 39.37
C ILE B 620 -20.70 16.87 39.99
N GLU B 621 -20.59 17.12 41.30
CA GLU B 621 -21.64 17.82 42.02
C GLU B 621 -21.66 19.29 41.67
N VAL B 622 -22.83 19.80 41.31
CA VAL B 622 -23.03 21.22 41.05
C VAL B 622 -23.32 21.91 42.38
N PRO B 623 -22.59 22.97 42.73
CA PRO B 623 -22.79 23.61 44.04
C PRO B 623 -24.08 24.42 44.05
N LYS B 624 -24.89 24.21 45.09
CA LYS B 624 -26.13 24.96 45.24
C LYS B 624 -25.85 26.45 45.45
N GLU B 625 -24.84 26.77 46.24
CA GLU B 625 -24.45 28.15 46.51
C GLU B 625 -23.09 28.42 45.88
N ARG B 626 -23.00 29.50 45.11
CA ARG B 626 -21.77 29.87 44.43
C ARG B 626 -21.11 31.06 45.12
N ARG B 627 -19.79 30.98 45.28
CA ARG B 627 -19.07 32.05 45.96
C ARG B 627 -19.15 33.35 45.16
N LYS B 628 -19.36 34.46 45.88
CA LYS B 628 -19.40 35.77 45.26
C LYS B 628 -18.03 36.44 45.36
N PRO B 629 -17.71 37.31 44.41
CA PRO B 629 -16.43 38.02 44.46
C PRO B 629 -16.32 38.87 45.73
N ASN B 630 -15.10 38.95 46.26
CA ASN B 630 -14.83 39.66 47.51
C ASN B 630 -14.43 41.12 47.28
N GLY B 631 -14.88 41.74 46.20
CA GLY B 631 -14.54 43.11 45.90
C GLY B 631 -13.22 43.32 45.20
N LYS B 632 -12.47 42.25 44.94
CA LYS B 632 -11.20 42.33 44.24
C LYS B 632 -11.39 41.82 42.82
N TRP B 633 -11.07 42.64 41.83
CA TRP B 633 -11.30 42.32 40.44
C TRP B 633 -10.05 42.61 39.61
N LEU B 634 -9.90 41.85 38.53
CA LEU B 634 -8.79 42.03 37.59
C LEU B 634 -9.39 42.55 36.29
N GLU B 635 -9.09 43.81 35.96
CA GLU B 635 -9.70 44.48 34.82
C GLU B 635 -8.72 44.49 33.65
N ILE B 636 -9.17 43.98 32.51
CA ILE B 636 -8.42 44.02 31.26
C ILE B 636 -9.06 45.06 30.37
N ILE B 637 -8.32 46.12 30.04
CA ILE B 637 -8.84 47.26 29.29
C ILE B 637 -8.13 47.32 27.96
N GLY B 638 -8.90 47.45 26.88
CA GLY B 638 -8.33 47.59 25.54
C GLY B 638 -7.61 46.36 25.04
N ALA B 639 -8.15 45.17 25.29
CA ALA B 639 -7.55 43.94 24.79
C ALA B 639 -7.96 43.75 23.33
N ARG B 640 -6.98 43.83 22.43
CA ARG B 640 -7.25 43.71 21.00
C ARG B 640 -6.29 42.73 20.32
N GLU B 641 -5.73 41.78 21.08
CA GLU B 641 -4.78 40.85 20.50
C GLU B 641 -5.47 39.92 19.51
N ASN B 642 -4.80 39.68 18.37
CA ASN B 642 -5.29 38.82 17.31
C ASN B 642 -6.64 39.29 16.80
N ASN B 643 -7.70 38.54 17.09
CA ASN B 643 -9.03 38.85 16.59
C ASN B 643 -9.92 39.53 17.62
N LEU B 644 -9.35 39.96 18.76
CA LEU B 644 -10.16 40.62 19.77
C LEU B 644 -10.52 42.03 19.34
N LYS B 645 -11.79 42.37 19.43
CA LYS B 645 -12.30 43.66 18.96
C LYS B 645 -12.38 44.67 20.11
N ASN B 646 -11.25 44.88 20.76
CA ASN B 646 -11.09 45.92 21.78
C ASN B 646 -12.16 45.82 22.87
N ILE B 647 -12.14 44.70 23.59
CA ILE B 647 -13.12 44.43 24.61
C ILE B 647 -12.52 44.69 25.98
N ASN B 648 -13.39 44.88 26.97
CA ASN B 648 -13.00 45.03 28.37
C ASN B 648 -13.62 43.90 29.17
N VAL B 649 -12.77 43.13 29.86
CA VAL B 649 -13.19 41.93 30.58
C VAL B 649 -12.76 42.06 32.03
N ARG B 650 -13.65 41.71 32.95
CA ARG B 650 -13.38 41.74 34.38
C ARG B 650 -13.33 40.30 34.89
N ILE B 651 -12.22 39.93 35.52
CA ILE B 651 -11.99 38.59 36.04
C ILE B 651 -12.04 38.67 37.57
N PRO B 652 -13.04 38.09 38.21
CA PRO B 652 -13.11 38.13 39.67
C PRO B 652 -11.98 37.32 40.30
N LEU B 653 -11.57 37.75 41.49
CA LEU B 653 -10.49 37.11 42.22
C LEU B 653 -11.04 36.39 43.44
N GLY B 654 -10.42 35.26 43.78
CA GLY B 654 -10.84 34.45 44.90
C GLY B 654 -11.92 33.42 44.60
N VAL B 655 -12.38 33.34 43.35
CA VAL B 655 -13.41 32.39 42.95
C VAL B 655 -12.93 31.62 41.73
N PHE B 656 -13.70 30.60 41.36
CA PHE B 656 -13.39 29.76 40.21
C PHE B 656 -14.04 30.37 38.98
N THR B 657 -13.21 30.73 37.99
CA THR B 657 -13.67 31.38 36.77
C THR B 657 -13.36 30.49 35.58
N CYS B 658 -14.34 30.32 34.70
CA CYS B 658 -14.18 29.54 33.47
C CYS B 658 -14.39 30.45 32.28
N ILE B 659 -13.44 30.45 31.35
CA ILE B 659 -13.51 31.25 30.13
C ILE B 659 -13.96 30.32 29.01
N THR B 660 -15.19 30.50 28.55
CA THR B 660 -15.79 29.60 27.57
C THR B 660 -16.09 30.35 26.28
N GLY B 661 -16.28 29.59 25.21
CA GLY B 661 -16.59 30.14 23.91
C GLY B 661 -16.34 29.12 22.82
N VAL B 662 -16.89 29.41 21.64
CA VAL B 662 -16.67 28.54 20.50
C VAL B 662 -15.20 28.55 20.10
N SER B 663 -14.77 27.49 19.42
CA SER B 663 -13.40 27.38 18.99
C SER B 663 -13.04 28.51 18.03
N GLY B 664 -11.92 29.17 18.29
CA GLY B 664 -11.49 30.30 17.49
C GLY B 664 -12.06 31.63 17.89
N SER B 665 -12.91 31.68 18.92
CA SER B 665 -13.53 32.95 19.32
C SER B 665 -12.52 33.94 19.88
N GLY B 666 -11.38 33.47 20.38
CA GLY B 666 -10.35 34.37 20.86
C GLY B 666 -10.17 34.35 22.36
N LYS B 667 -10.37 33.20 23.00
CA LYS B 667 -10.21 33.10 24.44
C LYS B 667 -8.78 32.78 24.85
N SER B 668 -8.12 31.84 24.16
CA SER B 668 -6.72 31.58 24.44
C SER B 668 -5.85 32.79 24.11
N SER B 669 -6.09 33.41 22.95
CA SER B 669 -5.34 34.59 22.56
C SER B 669 -5.56 35.75 23.52
N LEU B 670 -6.65 35.73 24.28
CA LEU B 670 -6.81 36.70 25.35
C LEU B 670 -6.03 36.28 26.59
N ILE B 671 -6.40 35.13 27.17
CA ILE B 671 -5.87 34.71 28.46
C ILE B 671 -4.36 34.47 28.37
N ASN B 672 -3.95 33.45 27.60
CA ASN B 672 -2.57 33.01 27.60
C ASN B 672 -1.63 34.01 26.93
N GLU B 673 -2.15 34.96 26.17
CA GLU B 673 -1.31 35.93 25.47
C GLU B 673 -1.33 37.31 26.08
N ILE B 674 -2.23 37.60 27.02
CA ILE B 674 -2.22 38.89 27.70
C ILE B 674 -2.11 38.67 29.19
N LEU B 675 -3.07 37.96 29.78
CA LEU B 675 -3.15 37.88 31.23
C LEU B 675 -1.94 37.17 31.81
N TYR B 676 -1.64 35.97 31.31
CA TYR B 676 -0.50 35.22 31.83
C TYR B 676 0.81 35.89 31.47
N LYS B 677 0.94 36.40 30.24
CA LYS B 677 2.20 37.01 29.83
C LYS B 677 2.47 38.33 30.54
N ARG B 678 1.45 38.96 31.10
CA ARG B 678 1.66 40.15 31.93
C ARG B 678 1.87 39.78 33.39
N LEU B 679 1.13 38.80 33.90
CA LEU B 679 1.31 38.37 35.28
C LEU B 679 2.71 37.80 35.51
N ALA B 680 3.20 36.98 34.57
CA ALA B 680 4.55 36.46 34.69
C ALA B 680 5.58 37.57 34.66
N ALA B 681 5.41 38.54 33.75
CA ALA B 681 6.36 39.64 33.64
C ALA B 681 6.39 40.48 34.91
N GLU B 682 5.23 40.69 35.54
CA GLU B 682 5.15 41.56 36.71
C GLU B 682 5.40 40.82 38.02
N LEU B 683 5.36 39.50 38.04
CA LEU B 683 5.53 38.75 39.27
C LEU B 683 6.77 37.86 39.27
N ASN B 684 6.94 37.02 38.26
CA ASN B 684 8.05 36.08 38.19
C ASN B 684 9.26 36.67 37.48
N ARG B 685 9.23 37.95 37.11
CA ARG B 685 10.34 38.63 36.45
C ARG B 685 10.73 37.93 35.15
N ALA B 686 9.73 37.58 34.36
CA ALA B 686 9.96 36.95 33.06
C ALA B 686 10.34 38.01 32.02
N SER B 687 10.66 37.55 30.82
CA SER B 687 11.05 38.40 29.71
C SER B 687 10.25 38.06 28.46
N VAL B 688 8.94 37.92 28.64
CA VAL B 688 8.03 37.57 27.55
C VAL B 688 7.20 38.81 27.20
N LYS B 689 7.15 39.12 25.91
CA LYS B 689 6.37 40.26 25.44
C LYS B 689 4.90 39.86 25.32
N PRO B 690 3.99 40.56 25.99
CA PRO B 690 2.57 40.20 25.93
C PRO B 690 1.94 40.70 24.64
N GLY B 691 0.62 40.51 24.55
CA GLY B 691 -0.13 40.87 23.36
C GLY B 691 -0.45 42.36 23.31
N GLU B 692 -1.32 42.70 22.37
CA GLU B 692 -1.74 44.09 22.17
C GLU B 692 -2.87 44.41 23.15
N HIS B 693 -2.54 45.18 24.19
CA HIS B 693 -3.51 45.57 25.20
C HIS B 693 -3.11 46.93 25.76
N ASP B 694 -4.07 47.61 26.36
CA ASP B 694 -3.79 48.93 26.94
C ASP B 694 -3.13 48.79 28.31
N LEU B 695 -3.84 48.20 29.26
CA LEU B 695 -3.30 48.02 30.61
C LEU B 695 -4.19 47.04 31.36
N ILE B 696 -3.67 46.52 32.46
CA ILE B 696 -4.39 45.62 33.35
C ILE B 696 -4.34 46.20 34.75
N LYS B 697 -5.51 46.28 35.40
CA LYS B 697 -5.62 46.84 36.74
C LYS B 697 -5.92 45.74 37.74
N GLY B 698 -5.25 45.78 38.88
CA GLY B 698 -5.41 44.79 39.92
C GLY B 698 -4.30 43.77 40.04
N ILE B 699 -3.20 43.95 39.32
CA ILE B 699 -2.09 43.00 39.38
C ILE B 699 -1.43 42.97 40.75
N GLU B 700 -1.50 44.07 41.51
CA GLU B 700 -0.91 44.12 42.83
C GLU B 700 -1.58 43.19 43.83
N TYR B 701 -2.74 42.63 43.48
CA TYR B 701 -3.49 41.75 44.38
C TYR B 701 -2.98 40.31 44.35
N LEU B 702 -2.00 40.00 43.50
CA LEU B 702 -1.48 38.65 43.35
C LEU B 702 0.02 38.62 43.63
N ASP B 703 0.51 37.43 43.94
CA ASP B 703 1.92 37.23 44.25
C ASP B 703 2.68 36.39 43.23
N LYS B 704 2.03 35.40 42.62
CA LYS B 704 2.68 34.56 41.62
C LYS B 704 1.63 33.99 40.70
N VAL B 705 2.07 33.50 39.55
CA VAL B 705 1.19 32.95 38.53
C VAL B 705 1.73 31.59 38.09
N ILE B 706 0.83 30.61 38.02
CA ILE B 706 1.15 29.26 37.57
C ILE B 706 0.24 28.93 36.39
N ASP B 707 0.83 28.48 35.28
CA ASP B 707 0.09 28.28 34.04
C ASP B 707 0.37 26.92 33.45
N ILE B 708 -0.64 26.38 32.77
CA ILE B 708 -0.53 25.16 31.99
C ILE B 708 -0.90 25.50 30.55
N ASP B 709 0.04 25.31 29.64
CA ASP B 709 -0.20 25.64 28.24
C ASP B 709 -1.09 24.59 27.59
N GLN B 710 -1.59 24.92 26.40
CA GLN B 710 -2.41 23.99 25.64
C GLN B 710 -1.60 23.01 24.80
N SER B 711 -0.30 23.23 24.65
CA SER B 711 0.54 22.34 23.88
C SER B 711 0.81 21.04 24.64
N PRO B 712 0.93 19.92 23.94
CA PRO B 712 1.24 18.65 24.60
C PRO B 712 2.72 18.57 24.98
N ILE B 713 3.03 17.54 25.79
CA ILE B 713 4.38 17.35 26.25
C ILE B 713 5.23 16.67 25.18
N GLY B 714 6.54 16.85 25.28
CA GLY B 714 7.45 16.18 24.37
C GLY B 714 7.89 14.83 24.92
N ARG B 715 7.82 13.82 24.06
CA ARG B 715 8.09 12.44 24.43
C ARG B 715 9.49 12.05 24.03
N THR B 716 10.31 11.68 25.00
CA THR B 716 11.67 11.20 24.78
C THR B 716 11.91 9.98 25.66
N PRO B 717 12.75 9.04 25.20
CA PRO B 717 13.05 7.86 26.03
C PRO B 717 13.91 8.19 27.23
N ARG B 718 14.53 9.36 27.29
CA ARG B 718 15.33 9.78 28.42
C ARG B 718 14.52 10.45 29.52
N SER B 719 13.19 10.52 29.35
CA SER B 719 12.32 11.19 30.31
C SER B 719 11.33 10.20 30.90
N ASN B 720 11.14 10.29 32.21
CA ASN B 720 10.16 9.51 32.95
C ASN B 720 9.46 10.46 33.92
N PRO B 721 8.30 10.07 34.45
CA PRO B 721 7.58 10.97 35.37
C PRO B 721 8.41 11.43 36.55
N ALA B 722 9.32 10.60 37.07
CA ALA B 722 10.16 11.02 38.18
C ALA B 722 11.05 12.20 37.78
N THR B 723 11.65 12.15 36.59
CA THR B 723 12.44 13.28 36.12
C THR B 723 11.56 14.43 35.67
N TYR B 724 10.35 14.14 35.19
CA TYR B 724 9.47 15.18 34.69
C TYR B 724 8.97 16.07 35.82
N THR B 725 8.49 15.47 36.90
CA THR B 725 7.92 16.25 38.00
C THR B 725 8.98 16.59 39.05
N GLY B 726 10.15 17.04 38.61
CA GLY B 726 11.23 17.49 39.48
C GLY B 726 11.60 16.62 40.67
N VAL B 727 11.26 15.34 40.64
CA VAL B 727 11.56 14.47 41.79
C VAL B 727 12.94 13.83 41.66
N PHE B 728 13.39 13.56 40.44
CA PHE B 728 14.67 12.88 40.26
C PHE B 728 15.83 13.68 40.85
N ASP B 729 15.76 15.01 40.80
CA ASP B 729 16.83 15.82 41.37
C ASP B 729 16.93 15.59 42.88
N PHE B 730 15.79 15.61 43.58
CA PHE B 730 15.81 15.36 45.02
C PHE B 730 16.26 13.94 45.33
N ILE B 731 15.80 12.96 44.54
CA ILE B 731 16.17 11.57 44.80
C ILE B 731 17.66 11.37 44.60
N ARG B 732 18.23 11.96 43.54
CA ARG B 732 19.66 11.86 43.31
C ARG B 732 20.44 12.57 44.42
N GLU B 733 19.93 13.71 44.89
CA GLU B 733 20.61 14.42 45.98
C GLU B 733 20.67 13.55 47.24
N ILE B 734 19.54 12.95 47.62
CA ILE B 734 19.55 12.16 48.85
C ILE B 734 20.39 10.90 48.67
N PHE B 735 20.36 10.30 47.47
CA PHE B 735 21.19 9.13 47.23
C PHE B 735 22.67 9.47 47.32
N ALA B 736 23.07 10.62 46.77
CA ALA B 736 24.46 11.05 46.88
C ALA B 736 24.82 11.51 48.28
N ASN B 737 23.83 11.80 49.12
CA ASN B 737 24.10 12.22 50.49
C ASN B 737 24.34 11.06 51.45
N THR B 738 24.26 9.82 50.97
CA THR B 738 24.45 8.67 51.84
C THR B 738 25.92 8.55 52.26
N THR B 739 26.15 7.72 53.29
CA THR B 739 27.51 7.53 53.79
C THR B 739 28.41 6.84 52.77
N GLU B 740 27.88 5.82 52.09
CA GLU B 740 28.69 5.09 51.11
C GLU B 740 29.06 6.00 49.94
N ALA B 741 28.12 6.83 49.47
CA ALA B 741 28.43 7.76 48.40
C ALA B 741 29.49 8.77 48.84
N LYS B 742 29.41 9.23 50.08
CA LYS B 742 30.40 10.17 50.59
C LYS B 742 31.78 9.52 50.67
N THR B 743 31.86 8.28 51.15
CA THR B 743 33.15 7.60 51.26
C THR B 743 33.73 7.31 49.88
N ARG B 744 32.89 6.96 48.92
CA ARG B 744 33.35 6.68 47.56
C ARG B 744 33.57 7.94 46.74
N GLY B 745 33.24 9.11 47.28
CA GLY B 745 33.43 10.36 46.56
C GLY B 745 32.57 10.53 45.32
N TYR B 746 31.30 10.16 45.41
CA TYR B 746 30.37 10.26 44.30
C TYR B 746 29.53 11.53 44.42
N LYS B 747 28.84 11.85 43.33
CA LYS B 747 27.92 12.98 43.29
C LYS B 747 26.57 12.51 42.75
N ALA B 748 25.61 13.43 42.68
CA ALA B 748 24.29 13.08 42.18
C ALA B 748 24.29 12.77 40.69
N GLY B 749 25.33 13.21 39.96
CA GLY B 749 25.38 12.94 38.53
C GLY B 749 25.51 11.47 38.21
N ARG B 750 26.24 10.73 39.05
CA ARG B 750 26.42 9.30 38.81
C ARG B 750 25.12 8.53 38.89
N PHE B 751 24.20 8.97 39.75
CA PHE B 751 22.96 8.25 40.01
C PHE B 751 21.87 8.54 38.96
N SER B 752 22.24 9.08 37.81
CA SER B 752 21.32 9.31 36.71
C SER B 752 21.81 8.54 35.48
N PHE B 753 20.86 8.00 34.72
CA PHE B 753 21.20 7.21 33.54
C PHE B 753 21.42 8.07 32.30
N ASN B 754 21.32 9.39 32.41
CA ASN B 754 21.58 10.30 31.30
C ASN B 754 22.93 11.01 31.44
N VAL B 755 23.78 10.58 32.37
CA VAL B 755 25.07 11.22 32.61
C VAL B 755 26.15 10.14 32.60
N LYS B 756 27.24 10.41 31.88
CA LYS B 756 28.34 9.45 31.81
C LYS B 756 28.99 9.27 33.18
N GLY B 757 29.31 8.02 33.49
CA GLY B 757 29.99 7.71 34.74
C GLY B 757 29.25 6.70 35.60
N GLY B 758 27.92 6.80 35.65
CA GLY B 758 27.14 5.91 36.47
C GLY B 758 26.27 4.96 35.68
N ARG B 759 25.94 5.34 34.45
CA ARG B 759 25.11 4.51 33.60
C ARG B 759 25.94 3.37 32.99
N CYS B 760 25.24 2.36 32.49
CA CYS B 760 25.89 1.26 31.77
C CYS B 760 26.27 1.76 30.39
N GLU B 761 27.59 1.90 30.15
CA GLU B 761 28.05 2.48 28.90
C GLU B 761 27.80 1.56 27.71
N ALA B 762 27.54 0.26 27.95
CA ALA B 762 27.22 -0.63 26.84
C ALA B 762 25.91 -0.25 26.18
N CYS B 763 24.90 0.12 26.98
CA CYS B 763 23.60 0.52 26.47
C CYS B 763 23.35 2.02 26.57
N ALA B 764 24.34 2.79 27.02
CA ALA B 764 24.24 4.24 27.16
C ALA B 764 23.08 4.65 28.06
N GLY B 765 22.76 3.82 29.05
CA GLY B 765 21.69 4.13 29.99
C GLY B 765 20.30 3.87 29.46
N ASP B 766 20.14 3.38 28.23
CA ASP B 766 18.82 3.10 27.70
C ASP B 766 18.18 1.90 28.38
N GLY B 767 18.99 0.92 28.81
CA GLY B 767 18.47 -0.26 29.44
C GLY B 767 18.10 -1.33 28.43
N ILE B 768 17.32 -0.95 27.42
CA ILE B 768 16.88 -1.87 26.37
C ILE B 768 17.51 -1.38 25.06
N ASN B 769 17.69 -2.30 24.13
CA ASN B 769 18.27 -1.93 22.84
C ASN B 769 17.29 -2.20 21.71
N LYS B 770 17.07 -1.18 20.88
CA LYS B 770 16.16 -1.25 19.74
C LYS B 770 17.01 -1.31 18.47
N ILE B 771 17.00 -2.46 17.81
CA ILE B 771 17.71 -2.63 16.55
C ILE B 771 16.74 -2.35 15.41
N GLU B 772 17.10 -1.41 14.56
CA GLU B 772 16.25 -0.99 13.45
C GLU B 772 16.78 -1.52 12.14
N MET B 773 15.90 -2.14 11.35
CA MET B 773 16.23 -2.66 10.04
C MET B 773 15.87 -1.63 8.99
N HIS B 774 15.96 -2.02 7.71
CA HIS B 774 15.60 -1.13 6.61
C HIS B 774 14.10 -1.17 6.34
N PHE B 775 13.54 -2.36 6.15
CA PHE B 775 12.12 -2.52 5.87
C PHE B 775 11.39 -3.43 6.85
N LEU B 776 12.08 -4.38 7.47
CA LEU B 776 11.45 -5.28 8.43
C LEU B 776 11.16 -4.54 9.74
N PRO B 777 10.18 -5.01 10.50
CA PRO B 777 9.88 -4.36 11.78
C PRO B 777 11.05 -4.48 12.76
N ASP B 778 11.18 -3.48 13.63
CA ASP B 778 12.28 -3.44 14.58
C ASP B 778 12.11 -4.52 15.66
N ILE B 779 13.24 -4.95 16.21
CA ILE B 779 13.28 -5.96 17.25
C ILE B 779 13.96 -5.36 18.48
N TYR B 780 13.32 -5.50 19.63
CA TYR B 780 13.83 -4.98 20.88
C TYR B 780 14.49 -6.12 21.66
N VAL B 781 15.78 -5.97 21.92
CA VAL B 781 16.56 -6.96 22.66
C VAL B 781 17.14 -6.26 23.89
N PRO B 782 16.83 -6.73 25.11
CA PRO B 782 17.36 -6.07 26.31
C PRO B 782 18.87 -6.24 26.42
N CYS B 783 19.50 -5.26 27.05
CA CYS B 783 20.94 -5.31 27.28
C CYS B 783 21.27 -6.42 28.29
N GLU B 784 22.36 -7.12 28.03
CA GLU B 784 22.82 -8.19 28.92
C GLU B 784 23.82 -7.72 29.96
N VAL B 785 24.52 -6.61 29.71
CA VAL B 785 25.52 -6.12 30.66
C VAL B 785 24.83 -5.64 31.94
N CYS B 786 23.79 -4.82 31.79
CA CYS B 786 23.10 -4.25 32.94
C CYS B 786 21.81 -4.99 33.28
N LYS B 787 21.38 -5.95 32.46
CA LYS B 787 20.16 -6.71 32.68
C LYS B 787 18.93 -5.82 32.78
N GLY B 788 18.95 -4.69 32.08
CA GLY B 788 17.82 -3.78 32.09
C GLY B 788 17.76 -2.84 33.27
N LYS B 789 18.78 -2.81 34.13
CA LYS B 789 18.80 -1.94 35.29
C LYS B 789 19.44 -0.59 35.00
N ARG B 790 19.98 -0.38 33.81
CA ARG B 790 20.55 0.89 33.34
C ARG B 790 21.72 1.38 34.19
N TYR B 791 22.24 0.54 35.08
CA TYR B 791 23.32 0.96 35.97
C TYR B 791 24.33 -0.17 36.11
N ASN B 792 25.58 0.19 36.35
CA ASN B 792 26.65 -0.78 36.55
C ASN B 792 26.69 -1.23 38.00
N ARG B 793 27.64 -2.11 38.32
CA ARG B 793 27.74 -2.66 39.66
C ARG B 793 28.14 -1.58 40.67
N GLU B 794 29.05 -0.68 40.28
CA GLU B 794 29.54 0.32 41.21
C GLU B 794 28.43 1.24 41.69
N THR B 795 27.55 1.67 40.77
CA THR B 795 26.44 2.53 41.15
C THR B 795 25.40 1.78 41.97
N LEU B 796 25.16 0.51 41.65
CA LEU B 796 24.15 -0.26 42.37
C LEU B 796 24.65 -0.83 43.69
N GLU B 797 25.95 -0.69 43.99
CA GLU B 797 26.47 -1.21 45.25
C GLU B 797 26.08 -0.34 46.45
N VAL B 798 25.67 0.91 46.22
CA VAL B 798 25.26 1.81 47.29
C VAL B 798 23.74 1.82 47.38
N ARG B 799 23.22 1.54 48.57
CA ARG B 799 21.79 1.47 48.81
C ARG B 799 21.39 2.46 49.90
N TYR B 800 20.24 3.09 49.71
CA TYR B 800 19.65 3.97 50.71
C TYR B 800 18.42 3.30 51.29
N LYS B 801 18.41 3.10 52.60
CA LYS B 801 17.31 2.43 53.31
C LYS B 801 17.05 1.03 52.75
N GLY B 802 18.11 0.35 52.33
CA GLY B 802 18.03 -1.01 51.85
C GLY B 802 17.66 -1.16 50.39
N LYS B 803 17.48 -0.05 49.68
CA LYS B 803 17.10 -0.09 48.27
C LYS B 803 18.03 0.79 47.44
N ASN B 804 18.45 0.27 46.30
CA ASN B 804 19.30 1.02 45.37
C ASN B 804 18.46 1.96 44.53
N ILE B 805 19.05 2.58 43.51
CA ILE B 805 18.33 3.54 42.69
C ILE B 805 17.47 2.85 41.65
N ALA B 806 17.88 1.64 41.23
CA ALA B 806 17.06 0.88 40.29
C ALA B 806 15.72 0.49 40.90
N GLU B 807 15.74 0.02 42.15
CA GLU B 807 14.49 -0.32 42.82
C GLU B 807 13.69 0.92 43.17
N VAL B 808 14.37 2.05 43.41
CA VAL B 808 13.67 3.31 43.67
C VAL B 808 12.93 3.76 42.42
N LEU B 809 13.54 3.58 41.24
CA LEU B 809 12.87 3.89 39.99
C LEU B 809 11.85 2.84 39.59
N ASP B 810 11.93 1.63 40.14
CA ASP B 810 11.02 0.56 39.75
C ASP B 810 9.74 0.51 40.56
N MET B 811 9.61 1.32 41.61
CA MET B 811 8.41 1.29 42.44
C MET B 811 7.36 2.25 41.90
N THR B 812 6.09 1.92 42.14
CA THR B 812 5.00 2.77 41.70
C THR B 812 4.93 4.03 42.57
N VAL B 813 3.99 4.91 42.23
CA VAL B 813 3.86 6.17 42.95
C VAL B 813 3.37 5.93 44.38
N GLU B 814 2.48 4.96 44.57
CA GLU B 814 2.02 4.63 45.92
C GLU B 814 3.16 4.15 46.79
N GLU B 815 4.04 3.29 46.24
CA GLU B 815 5.19 2.82 47.01
C GLU B 815 6.14 3.96 47.33
N ALA B 816 6.32 4.90 46.39
CA ALA B 816 7.17 6.06 46.67
C ALA B 816 6.56 6.93 47.75
N LEU B 817 5.23 7.09 47.74
CA LEU B 817 4.55 7.85 48.78
C LEU B 817 4.74 7.19 50.14
N GLU B 818 4.62 5.87 50.20
CA GLU B 818 4.85 5.16 51.46
C GLU B 818 6.32 5.08 51.82
N PHE B 819 7.22 5.40 50.88
CA PHE B 819 8.65 5.26 51.12
C PHE B 819 9.31 6.58 51.51
N PHE B 820 8.72 7.71 51.12
CA PHE B 820 9.26 9.04 51.40
C PHE B 820 8.34 9.82 52.31
N LYS B 821 7.79 9.15 53.32
CA LYS B 821 6.86 9.82 54.23
C LYS B 821 7.55 10.90 55.06
N ASN B 822 8.79 10.65 55.48
CA ASN B 822 9.50 11.52 56.40
C ASN B 822 10.25 12.65 55.68
N ILE B 823 10.17 12.73 54.36
CA ILE B 823 10.82 13.77 53.59
C ILE B 823 9.76 14.62 52.92
N PRO B 824 9.45 15.79 53.48
CA PRO B 824 8.35 16.61 52.91
C PRO B 824 8.60 17.05 51.48
N ARG B 825 9.85 17.32 51.10
CA ARG B 825 10.13 17.83 49.76
C ARG B 825 9.71 16.84 48.68
N ILE B 826 10.07 15.57 48.85
CA ILE B 826 9.67 14.55 47.88
C ILE B 826 8.22 14.15 48.09
N HIS B 827 7.76 14.11 49.35
CA HIS B 827 6.41 13.67 49.64
C HIS B 827 5.37 14.60 49.01
N LYS B 828 5.66 15.90 48.97
CA LYS B 828 4.73 16.84 48.35
C LYS B 828 4.50 16.50 46.88
N LYS B 829 5.58 16.31 46.13
CA LYS B 829 5.45 16.02 44.71
C LYS B 829 4.85 14.64 44.47
N ILE B 830 5.19 13.66 45.30
CA ILE B 830 4.63 12.33 45.12
C ILE B 830 3.13 12.35 45.41
N GLU B 831 2.71 13.08 46.45
CA GLU B 831 1.29 13.21 46.74
C GLU B 831 0.56 13.96 45.63
N THR B 832 1.20 14.98 45.06
CA THR B 832 0.60 15.68 43.92
C THR B 832 0.41 14.74 42.74
N LEU B 833 1.41 13.90 42.46
CA LEU B 833 1.26 12.91 41.39
C LEU B 833 0.15 11.92 41.69
N TYR B 834 0.04 11.48 42.95
CA TYR B 834 -0.97 10.50 43.32
C TYR B 834 -2.37 11.09 43.31
N ASP B 835 -2.49 12.39 43.56
CA ASP B 835 -3.81 13.03 43.66
C ASP B 835 -4.55 13.09 42.34
N VAL B 836 -3.84 13.00 41.21
CA VAL B 836 -4.49 13.04 39.90
C VAL B 836 -4.83 11.64 39.38
N GLY B 837 -4.48 10.60 40.12
CA GLY B 837 -4.81 9.25 39.73
C GLY B 837 -3.69 8.46 39.07
N LEU B 838 -2.43 8.73 39.41
CA LEU B 838 -1.28 8.05 38.83
C LEU B 838 -0.56 7.19 39.87
N GLY B 839 -1.32 6.50 40.72
CA GLY B 839 -0.72 5.66 41.73
C GLY B 839 -0.12 4.38 41.19
N TYR B 840 -0.49 3.99 39.98
CA TYR B 840 0.04 2.77 39.37
C TYR B 840 1.23 3.02 38.44
N ILE B 841 1.57 4.29 38.18
CA ILE B 841 2.62 4.61 37.23
C ILE B 841 3.97 4.48 37.90
N LYS B 842 4.86 3.67 37.32
CA LYS B 842 6.21 3.54 37.82
C LYS B 842 6.98 4.84 37.61
N LEU B 843 7.88 5.13 38.55
CA LEU B 843 8.66 6.37 38.47
C LEU B 843 9.58 6.38 37.26
N GLY B 844 9.98 5.20 36.78
CA GLY B 844 10.89 5.08 35.65
C GLY B 844 10.27 4.69 34.33
N GLN B 845 8.94 4.75 34.21
CA GLN B 845 8.29 4.41 32.95
C GLN B 845 8.62 5.46 31.89
N SER B 846 8.96 5.00 30.69
CA SER B 846 9.41 5.90 29.64
C SER B 846 8.29 6.84 29.20
N SER B 847 8.69 8.05 28.79
CA SER B 847 7.72 9.04 28.33
C SER B 847 7.06 8.61 27.03
N THR B 848 7.83 8.01 26.11
CA THR B 848 7.28 7.58 24.83
C THR B 848 6.21 6.51 25.02
N THR B 849 6.31 5.71 26.08
CA THR B 849 5.32 4.69 26.36
C THR B 849 4.11 5.21 27.14
N LEU B 850 4.16 6.45 27.61
CA LEU B 850 3.04 7.02 28.34
C LEU B 850 1.85 7.23 27.42
N SER B 851 0.66 7.20 28.00
CA SER B 851 -0.56 7.50 27.27
C SER B 851 -0.77 9.01 27.20
N GLY B 852 -1.70 9.42 26.33
CA GLY B 852 -2.00 10.85 26.23
C GLY B 852 -2.59 11.41 27.50
N GLY B 853 -3.56 10.70 28.08
CA GLY B 853 -4.15 11.15 29.34
C GLY B 853 -3.16 11.09 30.48
N GLU B 854 -2.32 10.05 30.52
CA GLU B 854 -1.31 9.96 31.55
C GLU B 854 -0.29 11.09 31.42
N ALA B 855 0.09 11.43 30.19
CA ALA B 855 0.99 12.56 29.98
C ALA B 855 0.35 13.88 30.41
N GLN B 856 -0.93 14.06 30.09
CA GLN B 856 -1.63 15.27 30.50
C GLN B 856 -1.69 15.38 32.02
N ARG B 857 -1.99 14.26 32.70
CA ARG B 857 -2.03 14.29 34.16
C ARG B 857 -0.64 14.49 34.75
N VAL B 858 0.40 13.96 34.11
CA VAL B 858 1.76 14.19 34.57
C VAL B 858 2.11 15.67 34.49
N LYS B 859 1.74 16.32 33.37
CA LYS B 859 1.98 17.76 33.24
C LYS B 859 1.18 18.54 34.29
N LEU B 860 -0.07 18.14 34.52
CA LEU B 860 -0.90 18.80 35.52
C LEU B 860 -0.27 18.69 36.91
N ALA B 861 0.22 17.49 37.27
CA ALA B 861 0.88 17.32 38.55
C ALA B 861 2.16 18.12 38.64
N THR B 862 2.91 18.19 37.53
CA THR B 862 4.14 18.99 37.50
C THR B 862 3.84 20.45 37.82
N GLU B 863 2.79 21.00 37.21
CA GLU B 863 2.48 22.41 37.44
C GLU B 863 1.73 22.66 38.74
N LEU B 864 1.07 21.65 39.30
CA LEU B 864 0.31 21.80 40.54
C LEU B 864 1.09 21.38 41.78
N SER B 865 2.32 20.86 41.61
CA SER B 865 3.14 20.50 42.76
C SER B 865 3.92 21.67 43.31
N ARG B 866 3.87 22.84 42.68
CA ARG B 866 4.62 23.99 43.15
C ARG B 866 3.95 24.59 44.38
N LYS B 867 4.75 25.28 45.20
CA LYS B 867 4.24 25.89 46.42
C LYS B 867 3.32 27.06 46.10
N SER B 868 2.21 27.14 46.83
CA SER B 868 1.24 28.21 46.68
C SER B 868 1.31 29.13 47.90
N THR B 869 1.33 30.44 47.65
CA THR B 869 1.46 31.43 48.70
C THR B 869 0.12 31.87 49.28
N GLY B 870 -1.00 31.35 48.78
CA GLY B 870 -2.31 31.74 49.22
C GLY B 870 -2.95 32.85 48.41
N LYS B 871 -2.15 33.62 47.68
CA LYS B 871 -2.65 34.66 46.76
C LYS B 871 -1.92 34.47 45.44
N THR B 872 -2.47 33.60 44.58
CA THR B 872 -1.79 33.23 43.35
C THR B 872 -2.82 32.94 42.27
N MET B 873 -2.40 33.13 41.02
CA MET B 873 -3.22 32.90 39.84
C MET B 873 -2.89 31.56 39.22
N TYR B 874 -3.91 30.73 39.03
CA TYR B 874 -3.78 29.46 38.33
C TYR B 874 -4.50 29.57 36.99
N ILE B 875 -3.77 29.39 35.90
CA ILE B 875 -4.33 29.47 34.56
C ILE B 875 -4.14 28.11 33.89
N LEU B 876 -5.24 27.52 33.44
CA LEU B 876 -5.23 26.22 32.80
C LEU B 876 -5.87 26.34 31.42
N ASP B 877 -5.18 25.84 30.40
CA ASP B 877 -5.66 25.89 29.02
C ASP B 877 -6.04 24.48 28.60
N GLU B 878 -7.33 24.17 28.68
CA GLU B 878 -7.88 22.88 28.29
C GLU B 878 -7.18 21.73 29.00
N PRO B 879 -7.38 21.55 30.31
CA PRO B 879 -6.79 20.40 31.00
C PRO B 879 -7.60 19.12 30.88
N THR B 880 -8.69 19.14 30.11
CA THR B 880 -9.55 17.97 29.97
C THR B 880 -9.06 17.02 28.87
N THR B 881 -8.07 17.43 28.09
CA THR B 881 -7.59 16.62 26.98
C THR B 881 -7.13 15.24 27.45
N GLY B 882 -7.83 14.21 27.00
CA GLY B 882 -7.47 12.85 27.33
C GLY B 882 -7.89 12.37 28.69
N LEU B 883 -8.86 13.04 29.33
CA LEU B 883 -9.28 12.71 30.68
C LEU B 883 -10.73 12.23 30.67
N HIS B 884 -10.97 11.09 31.33
CA HIS B 884 -12.32 10.54 31.45
C HIS B 884 -13.14 11.38 32.41
N MET B 885 -14.40 10.96 32.62
CA MET B 885 -15.26 11.68 33.56
C MET B 885 -14.74 11.58 34.99
N ALA B 886 -14.23 10.41 35.37
CA ALA B 886 -13.66 10.27 36.72
C ALA B 886 -12.43 11.14 36.89
N ASP B 887 -11.57 11.19 35.87
CA ASP B 887 -10.37 12.00 35.96
C ASP B 887 -10.70 13.48 36.07
N VAL B 888 -11.66 13.96 35.27
CA VAL B 888 -12.02 15.37 35.37
C VAL B 888 -12.74 15.66 36.68
N HIS B 889 -13.45 14.68 37.23
CA HIS B 889 -14.05 14.86 38.55
C HIS B 889 -12.97 15.02 39.61
N ARG B 890 -11.91 14.20 39.54
CA ARG B 890 -10.79 14.35 40.46
C ARG B 890 -10.11 15.70 40.31
N LEU B 891 -9.89 16.13 39.06
CA LEU B 891 -9.28 17.43 38.81
C LEU B 891 -10.16 18.57 39.32
N VAL B 892 -11.48 18.45 39.15
CA VAL B 892 -12.40 19.47 39.64
C VAL B 892 -12.34 19.55 41.16
N GLY B 893 -12.30 18.40 41.83
CA GLY B 893 -12.15 18.42 43.28
C GLY B 893 -10.86 19.06 43.72
N ILE B 894 -9.76 18.76 43.03
CA ILE B 894 -8.47 19.36 43.37
C ILE B 894 -8.54 20.87 43.21
N LEU B 895 -9.10 21.34 42.10
CA LEU B 895 -9.19 22.78 41.85
C LEU B 895 -10.09 23.47 42.86
N HIS B 896 -11.19 22.82 43.25
CA HIS B 896 -12.08 23.40 44.24
C HIS B 896 -11.40 23.52 45.59
N ARG B 897 -10.65 22.48 45.99
CA ARG B 897 -9.90 22.57 47.24
C ARG B 897 -8.85 23.68 47.18
N LEU B 898 -8.18 23.80 46.03
CA LEU B 898 -7.18 24.85 45.86
C LEU B 898 -7.80 26.23 45.97
N VAL B 899 -8.99 26.42 45.37
CA VAL B 899 -9.69 27.70 45.47
C VAL B 899 -10.11 27.97 46.91
N GLU B 900 -10.65 26.95 47.59
CA GLU B 900 -11.06 27.14 48.98
C GLU B 900 -9.89 27.46 49.87
N ALA B 901 -8.68 27.03 49.50
CA ALA B 901 -7.49 27.38 50.27
C ALA B 901 -7.23 28.88 50.27
N GLY B 902 -7.73 29.61 49.28
CA GLY B 902 -7.55 31.05 49.22
C GLY B 902 -7.09 31.54 47.87
N ASN B 903 -6.84 30.61 46.95
CA ASN B 903 -6.34 30.94 45.63
C ASN B 903 -7.50 31.14 44.65
N SER B 904 -7.16 31.69 43.49
CA SER B 904 -8.13 31.95 42.43
C SER B 904 -7.68 31.21 41.17
N VAL B 905 -8.62 30.56 40.50
CA VAL B 905 -8.35 29.68 39.37
C VAL B 905 -9.12 30.17 38.15
N VAL B 906 -8.42 30.31 37.02
CA VAL B 906 -9.01 30.68 35.74
C VAL B 906 -8.72 29.55 34.76
N VAL B 907 -9.78 28.97 34.21
CA VAL B 907 -9.66 27.78 33.36
C VAL B 907 -10.36 28.04 32.04
N ILE B 908 -9.65 27.85 30.93
CA ILE B 908 -10.24 27.85 29.61
C ILE B 908 -10.74 26.44 29.33
N GLU B 909 -12.05 26.27 29.28
CA GLU B 909 -12.64 24.94 29.27
C GLU B 909 -13.71 24.83 28.18
N HIS B 910 -13.81 23.63 27.61
CA HIS B 910 -14.91 23.27 26.71
C HIS B 910 -15.82 22.21 27.30
N ASN B 911 -15.43 21.57 28.40
CA ASN B 911 -16.22 20.51 29.00
C ASN B 911 -17.31 21.11 29.89
N LEU B 912 -18.55 20.66 29.68
CA LEU B 912 -19.66 21.23 30.42
C LEU B 912 -19.60 20.89 31.90
N ASP B 913 -19.01 19.74 32.26
CA ASP B 913 -18.94 19.36 33.66
C ASP B 913 -18.12 20.34 34.48
N VAL B 914 -16.98 20.77 33.93
CA VAL B 914 -16.15 21.75 34.63
C VAL B 914 -16.81 23.12 34.66
N ILE B 915 -17.47 23.49 33.56
CA ILE B 915 -18.07 24.82 33.45
C ILE B 915 -19.24 24.96 34.41
N LYS B 916 -20.04 23.91 34.57
CA LYS B 916 -21.23 23.99 35.42
C LYS B 916 -20.89 24.18 36.90
N THR B 917 -19.66 23.87 37.30
CA THR B 917 -19.25 24.07 38.69
C THR B 917 -18.54 25.39 38.92
N ALA B 918 -18.28 26.16 37.86
CA ALA B 918 -17.61 27.44 38.00
C ALA B 918 -18.52 28.46 38.67
N ASP B 919 -17.91 29.36 39.45
CA ASP B 919 -18.64 30.43 40.12
C ASP B 919 -18.67 31.71 39.29
N TYR B 920 -18.06 31.73 38.12
CA TYR B 920 -18.10 32.88 37.23
C TYR B 920 -17.66 32.42 35.85
N ILE B 921 -18.34 32.92 34.81
CA ILE B 921 -18.07 32.55 33.44
C ILE B 921 -17.91 33.83 32.61
N ILE B 922 -16.86 33.88 31.80
CA ILE B 922 -16.68 34.93 30.81
C ILE B 922 -16.80 34.29 29.44
N ASP B 923 -17.78 34.73 28.67
CA ASP B 923 -18.12 34.13 27.39
C ASP B 923 -17.60 34.99 26.25
N LEU B 924 -17.06 34.34 25.23
CA LEU B 924 -16.53 35.02 24.05
C LEU B 924 -17.20 34.47 22.80
N GLY B 925 -17.39 35.32 21.80
CA GLY B 925 -18.02 34.93 20.56
C GLY B 925 -18.46 36.11 19.73
N PRO B 926 -19.62 35.97 19.07
CA PRO B 926 -20.51 34.81 19.07
C PRO B 926 -20.08 33.76 18.05
N GLU B 927 -19.02 34.04 17.31
CA GLU B 927 -18.49 33.09 16.34
C GLU B 927 -16.99 32.95 16.50
N GLY B 928 -16.33 32.27 15.56
CA GLY B 928 -14.90 32.14 15.57
C GLY B 928 -14.24 32.96 14.47
N GLY B 929 -12.91 32.99 14.52
CA GLY B 929 -12.16 33.70 13.49
C GLY B 929 -12.43 35.20 13.54
N SER B 930 -12.69 35.78 12.36
CA SER B 930 -12.92 37.22 12.28
C SER B 930 -14.27 37.63 12.83
N GLY B 931 -15.19 36.68 12.99
CA GLY B 931 -16.51 36.98 13.50
C GLY B 931 -16.65 36.96 15.01
N GLY B 932 -15.57 36.74 15.75
CA GLY B 932 -15.64 36.66 17.19
C GLY B 932 -14.80 37.69 17.90
N GLY B 933 -14.59 37.51 19.19
CA GLY B 933 -13.83 38.45 20.00
C GLY B 933 -14.64 39.38 20.86
N LEU B 934 -15.95 39.17 20.98
CA LEU B 934 -16.83 40.01 21.77
C LEU B 934 -17.34 39.24 22.97
N VAL B 935 -17.49 39.93 24.10
CA VAL B 935 -17.97 39.31 25.34
C VAL B 935 -19.48 39.16 25.22
N VAL B 936 -19.93 37.95 24.82
CA VAL B 936 -21.36 37.71 24.66
C VAL B 936 -22.06 37.68 26.02
N ALA B 937 -21.47 36.98 26.98
CA ALA B 937 -22.07 36.83 28.31
C ALA B 937 -20.99 36.97 29.37
N GLU B 938 -21.42 37.30 30.58
CA GLU B 938 -20.50 37.47 31.70
C GLU B 938 -21.29 37.38 33.00
N GLY B 939 -21.01 36.37 33.80
CA GLY B 939 -21.68 36.19 35.07
C GLY B 939 -21.72 34.73 35.47
N THR B 940 -22.46 34.46 36.54
CA THR B 940 -22.60 33.11 37.04
C THR B 940 -23.31 32.23 36.02
N PRO B 941 -23.14 30.90 36.11
CA PRO B 941 -23.78 30.03 35.10
C PRO B 941 -25.28 30.22 34.99
N GLU B 942 -25.97 30.47 36.12
CA GLU B 942 -27.40 30.73 36.06
C GLU B 942 -27.71 31.99 35.25
N GLU B 943 -26.91 33.04 35.44
CA GLU B 943 -27.10 34.26 34.66
C GLU B 943 -26.77 34.04 33.19
N VAL B 944 -25.72 33.29 32.90
CA VAL B 944 -25.30 33.06 31.51
C VAL B 944 -26.36 32.25 30.78
N ALA B 945 -27.01 31.31 31.48
CA ALA B 945 -28.02 30.46 30.84
C ALA B 945 -29.22 31.26 30.34
N LYS B 946 -29.39 32.49 30.80
CA LYS B 946 -30.51 33.34 30.38
C LYS B 946 -30.21 34.15 29.13
N VAL B 947 -29.02 34.02 28.55
CA VAL B 947 -28.64 34.73 27.34
C VAL B 947 -28.80 33.77 26.17
N GLU B 948 -29.79 34.02 25.31
CA GLU B 948 -30.03 33.14 24.17
C GLU B 948 -29.08 33.40 23.02
N ASN B 949 -28.37 34.53 23.02
CA ASN B 949 -27.42 34.82 21.95
C ASN B 949 -26.28 33.81 21.97
N SER B 950 -25.78 33.48 23.14
CA SER B 950 -24.63 32.60 23.29
C SER B 950 -25.05 31.13 23.23
N TYR B 951 -24.24 30.33 22.53
CA TYR B 951 -24.48 28.89 22.49
C TYR B 951 -24.18 28.23 23.83
N THR B 952 -23.21 28.78 24.56
CA THR B 952 -22.88 28.23 25.88
C THR B 952 -24.07 28.31 26.81
N GLY B 953 -24.82 29.42 26.78
CA GLY B 953 -26.03 29.51 27.58
C GLY B 953 -27.08 28.49 27.17
N GLN B 954 -27.23 28.28 25.87
CA GLN B 954 -28.20 27.28 25.40
C GLN B 954 -27.83 25.89 25.87
N PHE B 955 -26.54 25.55 25.85
CA PHE B 955 -26.13 24.22 26.30
C PHE B 955 -26.19 24.10 27.82
N LEU B 956 -25.95 25.20 28.55
CA LEU B 956 -26.02 25.16 30.00
C LEU B 956 -27.47 25.10 30.49
N LYS B 957 -28.41 25.60 29.69
CA LYS B 957 -29.81 25.57 30.10
C LYS B 957 -30.31 24.14 30.25
N LYS B 958 -29.92 23.26 29.33
CA LYS B 958 -30.35 21.86 29.41
C LYS B 958 -29.78 21.16 30.63
N VAL B 959 -28.51 21.42 30.95
CA VAL B 959 -27.86 20.75 32.08
C VAL B 959 -28.53 21.17 33.39
N LEU B 960 -28.76 22.47 33.56
CA LEU B 960 -29.36 22.98 34.79
C LEU B 960 -30.88 22.89 34.75
ZN ZN E . -6.10 14.93 -34.42
PG ANP F . -4.02 -14.76 -23.95
O1G ANP F . -3.24 -14.94 -25.19
O2G ANP F . -4.39 -16.09 -23.40
O3G ANP F . -3.29 -13.93 -22.98
PB ANP F . -6.42 -13.28 -23.22
O1B ANP F . -5.88 -13.33 -21.85
O2B ANP F . -7.73 -13.94 -23.36
N3B ANP F . -5.46 -14.07 -24.26
PA ANP F . -6.85 -10.33 -23.20
O1A ANP F . -7.70 -10.48 -22.00
O2A ANP F . -5.55 -9.63 -23.08
O3A ANP F . -6.60 -11.78 -23.83
O5' ANP F . -7.74 -9.63 -24.32
C5' ANP F . -8.99 -10.22 -24.71
C4' ANP F . -9.42 -9.64 -26.04
O4' ANP F . -9.66 -8.22 -25.89
C3' ANP F . -8.41 -9.80 -27.19
O3' ANP F . -9.06 -10.23 -28.38
C2' ANP F . -7.82 -8.40 -27.33
O2' ANP F . -7.42 -8.12 -28.67
C1' ANP F . -9.01 -7.53 -26.94
N9 ANP F . -8.66 -6.20 -26.47
C8 ANP F . -7.48 -5.82 -25.89
N7 ANP F . -7.42 -4.54 -25.59
C5 ANP F . -8.66 -4.06 -25.99
C6 ANP F . -9.23 -2.77 -25.94
N6 ANP F . -8.61 -1.70 -25.43
N1 ANP F . -10.49 -2.63 -26.42
C2 ANP F . -11.11 -3.69 -26.92
N3 ANP F . -10.67 -4.95 -27.02
C4 ANP F . -9.42 -5.07 -26.54
PG ANP G . 14.48 -23.32 -22.30
O1G ANP G . 13.75 -22.84 -21.12
O2G ANP G . 13.86 -24.55 -22.82
O3G ANP G . 14.57 -22.26 -23.34
PB ANP G . 17.16 -24.07 -23.00
O1B ANP G . 16.60 -24.26 -24.35
O2B ANP G . 17.90 -25.25 -22.52
N3B ANP G . 15.99 -23.78 -21.92
PA ANP G . 19.74 -22.62 -23.18
O1A ANP G . 20.21 -23.78 -23.98
O2A ANP G . 19.97 -21.26 -23.71
O3A ANP G . 18.19 -22.82 -22.87
O5' ANP G . 20.39 -22.75 -21.74
C5' ANP G . 21.14 -23.93 -21.38
C4' ANP G . 22.05 -23.64 -20.23
O4' ANP G . 23.04 -22.65 -20.62
C3' ANP G . 21.37 -23.09 -18.97
O3' ANP G . 21.91 -23.68 -17.80
C2' ANP G . 21.69 -21.60 -19.03
O2' ANP G . 21.75 -21.02 -17.73
C1' ANP G . 23.07 -21.62 -19.67
N9 ANP G . 23.44 -20.38 -20.35
C8 ANP G . 22.65 -19.64 -21.20
N7 ANP G . 23.24 -18.56 -21.66
C5 ANP G . 24.49 -18.59 -21.07
C6 ANP G . 25.59 -17.71 -21.15
N6 ANP G . 25.62 -16.61 -21.90
N1 ANP G . 26.70 -18.03 -20.44
C2 ANP G . 26.68 -19.14 -19.69
N3 ANP G . 25.70 -20.03 -19.54
C4 ANP G . 24.63 -19.70 -20.26
ZN ZN H . 23.85 -2.30 29.52
PG ANP I . -5.98 7.64 26.71
O1G ANP I . -5.50 8.72 27.60
O2G ANP I . -7.46 7.65 26.68
O3G ANP I . -5.37 7.76 25.38
PB ANP I . -5.53 4.77 26.52
O1B ANP I . -5.91 4.93 25.11
O2B ANP I . -6.42 3.86 27.27
N3B ANP I . -5.62 6.18 27.33
PA ANP I . -3.00 3.32 25.92
O1A ANP I . -3.78 2.31 25.17
O2A ANP I . -2.06 4.21 25.18
O3A ANP I . -4.02 4.22 26.76
O5' ANP I . -2.21 2.55 27.07
C5' ANP I . -2.93 1.73 28.00
C4' ANP I . -2.06 1.47 29.21
O4' ANP I . -0.90 0.71 28.81
C3' ANP I . -1.54 2.72 29.94
O3' ANP I . -1.68 2.58 31.35
C2' ANP I . -0.08 2.78 29.51
O2' ANP I . 0.75 3.37 30.52
C1' ANP I . 0.26 1.30 29.36
N9 ANP I . 1.38 1.02 28.48
C8 ANP I . 1.84 1.80 27.45
N7 ANP I . 2.89 1.32 26.84
C5 ANP I . 3.14 0.13 27.51
C6 ANP I . 4.13 -0.86 27.35
N6 ANP I . 5.08 -0.82 26.40
N1 ANP I . 4.10 -1.92 28.18
C2 ANP I . 3.15 -1.98 29.12
N3 ANP I . 2.17 -1.11 29.37
C4 ANP I . 2.22 -0.06 28.53
PG ANP J . -9.37 26.96 20.90
O1G ANP J . -9.54 25.84 19.96
O2G ANP J . -10.47 26.96 21.88
O3G ANP J . -8.05 26.94 21.54
PB ANP J . -9.10 29.82 20.78
O1B ANP J . -8.95 29.72 22.24
O2B ANP J . -10.14 30.79 20.38
N3B ANP J . -9.55 28.39 20.14
PA ANP J . -7.06 31.67 19.66
O1A ANP J . -7.71 32.70 20.49
O2A ANP J . -5.59 31.51 19.72
O3A ANP J . -7.76 30.26 19.99
O5' ANP J . -7.51 31.91 18.15
C5' ANP J . -8.50 32.92 17.86
C4' ANP J . -8.37 33.36 16.42
O4' ANP J . -7.09 33.98 16.21
C3' ANP J . -8.48 32.23 15.38
O3' ANP J . -9.29 32.64 14.28
C2' ANP J . -7.04 32.00 14.95
O2' ANP J . -6.96 31.54 13.61
C1' ANP J . -6.46 33.41 15.07
N9 ANP J . -5.02 33.45 15.25
C8 ANP J . -4.27 32.69 16.11
N7 ANP J . -2.98 32.94 16.05
C5 ANP J . -2.88 33.94 15.10
C6 ANP J . -1.78 34.65 14.58
N6 ANP J . -0.52 34.45 14.96
N1 ANP J . -2.02 35.59 13.63
C2 ANP J . -3.28 35.80 13.24
N3 ANP J . -4.40 35.19 13.67
C4 ANP J . -4.13 34.28 14.59
#